data_5AUK
# 
_entry.id   5AUK 
# 
_audit_conform.dict_name       mmcif_pdbx.dic 
_audit_conform.dict_version    5.380 
_audit_conform.dict_location   http://mmcif.pdb.org/dictionaries/ascii/mmcif_pdbx.dic 
# 
loop_
_database_2.database_id 
_database_2.database_code 
_database_2.pdbx_database_accession 
_database_2.pdbx_DOI 
PDB   5AUK         pdb_00005auk 10.2210/pdb5auk/pdb 
WWPDB D_1300000004 ?            ?                   
# 
_pdbx_database_related.content_type   unspecified 
_pdbx_database_related.db_id          5AUI 
_pdbx_database_related.db_name        PDB 
_pdbx_database_related.details        . 
# 
_pdbx_database_status.status_code                     REL 
_pdbx_database_status.status_code_sf                  REL 
_pdbx_database_status.status_code_mr                  ? 
_pdbx_database_status.entry_id                        5AUK 
_pdbx_database_status.recvd_initial_deposition_date   2015-04-24 
_pdbx_database_status.SG_entry                        N 
_pdbx_database_status.deposit_site                    PDBJ 
_pdbx_database_status.process_site                    PDBJ 
_pdbx_database_status.status_code_cs                  ? 
_pdbx_database_status.methods_development_category    ? 
_pdbx_database_status.pdb_format_compatible           Y 
_pdbx_database_status.status_code_nmr_data            ? 
# 
loop_
_audit_author.name 
_audit_author.pdbx_ordinal 
'Kurisu, G.' 1 
'Muraki, N.' 2 
'Taya, M.'   3 
'Hase, T.'   4 
# 
_citation.abstract                  ? 
_citation.abstract_id_CAS           ? 
_citation.book_id_ISBN              ? 
_citation.book_publisher            ? 
_citation.book_publisher_city       ? 
_citation.book_title                ? 
_citation.coordinate_linkage        ? 
_citation.country                   US 
_citation.database_id_Medline       ? 
_citation.details                   ? 
_citation.id                        primary 
_citation.journal_abbrev            Biochemistry 
_citation.journal_id_ASTM           BICHAW 
_citation.journal_id_CSD            0033 
_citation.journal_id_ISSN           0006-2960 
_citation.journal_full              ? 
_citation.journal_issue             ? 
_citation.journal_volume            54 
_citation.language                  ? 
_citation.page_first                6052 
_citation.page_last                 6061 
_citation.title                     
'X-ray Structure and Nuclear Magnetic Resonance Analysis of the Interaction Sites of the Ga-Substituted Cyanobacterial Ferredoxin' 
_citation.year                      2015 
_citation.database_id_CSD           ? 
_citation.pdbx_database_id_DOI      10.1021/acs.biochem.5b00601 
_citation.pdbx_database_id_PubMed   26348494 
_citation.unpublished_flag          ? 
# 
loop_
_citation_author.citation_id 
_citation_author.name 
_citation_author.ordinal 
_citation_author.identifier_ORCID 
primary 'Mutoh, R.'        1  ? 
primary 'Muraki, N.'       2  ? 
primary 'Shinmura, K.'     3  ? 
primary 'Kubota-Kawai, H.' 4  ? 
primary 'Lee, Y.H.'        5  ? 
primary 'Nowaczyk, M.M.'   6  ? 
primary 'Rogner, M.'       7  ? 
primary 'Hase, T.'         8  ? 
primary 'Ikegami, T.'      9  ? 
primary 'Kurisu, G.'       10 ? 
# 
_cell.angle_alpha                  90.00 
_cell.angle_alpha_esd              ? 
_cell.angle_beta                   90.00 
_cell.angle_beta_esd               ? 
_cell.angle_gamma                  120.00 
_cell.angle_gamma_esd              ? 
_cell.entry_id                     5AUK 
_cell.details                      ? 
_cell.formula_units_Z              ? 
_cell.length_a                     31.942 
_cell.length_a_esd                 ? 
_cell.length_b                     31.942 
_cell.length_b_esd                 ? 
_cell.length_c                     320.078 
_cell.length_c_esd                 ? 
_cell.volume                       ? 
_cell.volume_esd                   ? 
_cell.Z_PDB                        12 
_cell.reciprocal_angle_alpha       ? 
_cell.reciprocal_angle_beta        ? 
_cell.reciprocal_angle_gamma       ? 
_cell.reciprocal_angle_alpha_esd   ? 
_cell.reciprocal_angle_beta_esd    ? 
_cell.reciprocal_angle_gamma_esd   ? 
_cell.reciprocal_length_a          ? 
_cell.reciprocal_length_b          ? 
_cell.reciprocal_length_c          ? 
_cell.reciprocal_length_a_esd      ? 
_cell.reciprocal_length_b_esd      ? 
_cell.reciprocal_length_c_esd      ? 
_cell.pdbx_unique_axis             ? 
# 
_symmetry.entry_id                         5AUK 
_symmetry.cell_setting                     ? 
_symmetry.Int_Tables_number                178 
_symmetry.space_group_name_Hall            ? 
_symmetry.space_group_name_H-M             'P 61 2 2' 
_symmetry.pdbx_full_space_group_name_H-M   ? 
# 
loop_
_entity.id 
_entity.type 
_entity.src_method 
_entity.pdbx_description 
_entity.formula_weight 
_entity.pdbx_number_of_molecules 
_entity.pdbx_ec 
_entity.pdbx_mutation 
_entity.pdbx_fragment 
_entity.details 
1 polymer     man Ferredoxin-1       10237.038 1  ? ? ? ? 
2 non-polymer syn '[2Ga-2S] cluster' 203.576   1  ? ? ? ? 
3 non-polymer syn 'SULFATE ION'      96.063    2  ? ? ? ? 
4 non-polymer syn BENZAMIDINE        120.152   6  ? ? ? ? 
5 water       nat water              18.015    36 ? ? ? ? 
# 
_entity_name_com.entity_id   1 
_entity_name_com.name        'Ferredoxin I' 
# 
_entity_poly.entity_id                      1 
_entity_poly.type                           'polypeptide(L)' 
_entity_poly.nstd_linkage                   no 
_entity_poly.nstd_monomer                   no 
_entity_poly.pdbx_seq_one_letter_code       
;ASYTVKLITPDGESSIECSDDTYILDAAEEAGLDLPYSCRAGACSTCAGKITAGSVDQSDQSFLDDDQIEAGYVLTCVAY
PTSDCTIETHKEEDLY
;
_entity_poly.pdbx_seq_one_letter_code_can   
;ASYTVKLITPDGESSIECSDDTYILDAAEEAGLDLPYSCRAGACSTCAGKITAGSVDQSDQSFLDDDQIEAGYVLTCVAY
PTSDCTIETHKEEDLY
;
_entity_poly.pdbx_strand_id                 A 
_entity_poly.pdbx_target_identifier         ? 
# 
loop_
_entity_poly_seq.entity_id 
_entity_poly_seq.num 
_entity_poly_seq.mon_id 
_entity_poly_seq.hetero 
1 1  ALA n 
1 2  SER n 
1 3  TYR n 
1 4  THR n 
1 5  VAL n 
1 6  LYS n 
1 7  LEU n 
1 8  ILE n 
1 9  THR n 
1 10 PRO n 
1 11 ASP n 
1 12 GLY n 
1 13 GLU n 
1 14 SER n 
1 15 SER n 
1 16 ILE n 
1 17 GLU n 
1 18 CYS n 
1 19 SER n 
1 20 ASP n 
1 21 ASP n 
1 22 THR n 
1 23 TYR n 
1 24 ILE n 
1 25 LEU n 
1 26 ASP n 
1 27 ALA n 
1 28 ALA n 
1 29 GLU n 
1 30 GLU n 
1 31 ALA n 
1 32 GLY n 
1 33 LEU n 
1 34 ASP n 
1 35 LEU n 
1 36 PRO n 
1 37 TYR n 
1 38 SER n 
1 39 CYS n 
1 40 ARG n 
1 41 ALA n 
1 42 GLY n 
1 43 ALA n 
1 44 CYS n 
1 45 SER n 
1 46 THR n 
1 47 CYS n 
1 48 ALA n 
1 49 GLY n 
1 50 LYS n 
1 51 ILE n 
1 52 THR n 
1 53 ALA n 
1 54 GLY n 
1 55 SER n 
1 56 VAL n 
1 57 ASP n 
1 58 GLN n 
1 59 SER n 
1 60 ASP n 
1 61 GLN n 
1 62 SER n 
1 63 PHE n 
1 64 LEU n 
1 65 ASP n 
1 66 ASP n 
1 67 ASP n 
1 68 GLN n 
1 69 ILE n 
1 70 GLU n 
1 71 ALA n 
1 72 GLY n 
1 73 TYR n 
1 74 VAL n 
1 75 LEU n 
1 76 THR n 
1 77 CYS n 
1 78 VAL n 
1 79 ALA n 
1 80 TYR n 
1 81 PRO n 
1 82 THR n 
1 83 SER n 
1 84 ASP n 
1 85 CYS n 
1 86 THR n 
1 87 ILE n 
1 88 GLU n 
1 89 THR n 
1 90 HIS n 
1 91 LYS n 
1 92 GLU n 
1 93 GLU n 
1 94 ASP n 
1 95 LEU n 
1 96 TYR n 
# 
_entity_src_gen.entity_id                          1 
_entity_src_gen.pdbx_src_id                        1 
_entity_src_gen.pdbx_alt_source_flag               sample 
_entity_src_gen.pdbx_seq_type                      'Biological sequence' 
_entity_src_gen.pdbx_beg_seq_num                   1 
_entity_src_gen.pdbx_end_seq_num                   96 
_entity_src_gen.gene_src_common_name               ? 
_entity_src_gen.gene_src_genus                     ? 
_entity_src_gen.pdbx_gene_src_gene                 'petF, fed' 
_entity_src_gen.gene_src_species                   ? 
_entity_src_gen.gene_src_strain                    'PCC 6803 / Kazusa' 
_entity_src_gen.gene_src_tissue                    ? 
_entity_src_gen.gene_src_tissue_fraction           ? 
_entity_src_gen.gene_src_details                   ? 
_entity_src_gen.pdbx_gene_src_fragment             ? 
_entity_src_gen.pdbx_gene_src_scientific_name      'Synechocystis sp. (strain PCC 6803 / Kazusa)' 
_entity_src_gen.pdbx_gene_src_ncbi_taxonomy_id     1111708 
_entity_src_gen.pdbx_gene_src_variant              ? 
_entity_src_gen.pdbx_gene_src_cell_line            ? 
_entity_src_gen.pdbx_gene_src_atcc                 ? 
_entity_src_gen.pdbx_gene_src_organ                ? 
_entity_src_gen.pdbx_gene_src_organelle            ? 
_entity_src_gen.pdbx_gene_src_cell                 ? 
_entity_src_gen.pdbx_gene_src_cellular_location    ? 
_entity_src_gen.host_org_common_name               ? 
_entity_src_gen.pdbx_host_org_scientific_name      'Escherichia coli' 
_entity_src_gen.pdbx_host_org_ncbi_taxonomy_id     562 
_entity_src_gen.host_org_genus                     ? 
_entity_src_gen.pdbx_host_org_gene                 ? 
_entity_src_gen.pdbx_host_org_organ                ? 
_entity_src_gen.host_org_species                   ? 
_entity_src_gen.pdbx_host_org_tissue               ? 
_entity_src_gen.pdbx_host_org_tissue_fraction      ? 
_entity_src_gen.pdbx_host_org_strain               ? 
_entity_src_gen.pdbx_host_org_variant              ? 
_entity_src_gen.pdbx_host_org_cell_line            ? 
_entity_src_gen.pdbx_host_org_atcc                 ? 
_entity_src_gen.pdbx_host_org_culture_collection   ? 
_entity_src_gen.pdbx_host_org_cell                 ? 
_entity_src_gen.pdbx_host_org_organelle            ? 
_entity_src_gen.pdbx_host_org_cellular_location    ? 
_entity_src_gen.pdbx_host_org_vector_type          ? 
_entity_src_gen.pdbx_host_org_vector               ? 
_entity_src_gen.host_org_details                   ? 
_entity_src_gen.expression_system_id               ? 
_entity_src_gen.plasmid_name                       ? 
_entity_src_gen.plasmid_details                    ? 
_entity_src_gen.pdbx_description                   ? 
# 
_struct_ref.id                         1 
_struct_ref.db_name                    UNP 
_struct_ref.db_code                    FER_SYNY3 
_struct_ref.pdbx_db_accession          P27320 
_struct_ref.pdbx_db_isoform            ? 
_struct_ref.entity_id                  1 
_struct_ref.pdbx_seq_one_letter_code   
;ASYTVKLITPDGESSIECSDDTYILDAAEEAGLDLPYSCRAGACSTCAGKITAGSVDQSDQSFLDDDQIEAGYVLTCVAY
PTSDCTIETHKEEDLY
;
_struct_ref.pdbx_align_begin           2 
# 
_struct_ref_seq.align_id                      1 
_struct_ref_seq.ref_id                        1 
_struct_ref_seq.pdbx_PDB_id_code              5AUK 
_struct_ref_seq.pdbx_strand_id                A 
_struct_ref_seq.seq_align_beg                 1 
_struct_ref_seq.pdbx_seq_align_beg_ins_code   ? 
_struct_ref_seq.seq_align_end                 96 
_struct_ref_seq.pdbx_seq_align_end_ins_code   ? 
_struct_ref_seq.pdbx_db_accession             P27320 
_struct_ref_seq.db_align_beg                  2 
_struct_ref_seq.pdbx_db_align_beg_ins_code    ? 
_struct_ref_seq.db_align_end                  97 
_struct_ref_seq.pdbx_db_align_end_ins_code    ? 
_struct_ref_seq.pdbx_auth_seq_align_beg       1 
_struct_ref_seq.pdbx_auth_seq_align_end       96 
# 
loop_
_chem_comp.id 
_chem_comp.type 
_chem_comp.mon_nstd_flag 
_chem_comp.name 
_chem_comp.pdbx_synonyms 
_chem_comp.formula 
_chem_comp.formula_weight 
ALA 'L-peptide linking' y ALANINE            ? 'C3 H7 N O2'     89.093  
ARG 'L-peptide linking' y ARGININE           ? 'C6 H15 N4 O2 1' 175.209 
ASP 'L-peptide linking' y 'ASPARTIC ACID'    ? 'C4 H7 N O4'     133.103 
BEN non-polymer         . BENZAMIDINE        ? 'C7 H8 N2'       120.152 
CYS 'L-peptide linking' y CYSTEINE           ? 'C3 H7 N O2 S'   121.158 
GAK non-polymer         . '[2Ga-2S] cluster' ? 'Ga2 S2'         203.576 
GLN 'L-peptide linking' y GLUTAMINE          ? 'C5 H10 N2 O3'   146.144 
GLU 'L-peptide linking' y 'GLUTAMIC ACID'    ? 'C5 H9 N O4'     147.129 
GLY 'peptide linking'   y GLYCINE            ? 'C2 H5 N O2'     75.067  
HIS 'L-peptide linking' y HISTIDINE          ? 'C6 H10 N3 O2 1' 156.162 
HOH non-polymer         . WATER              ? 'H2 O'           18.015  
ILE 'L-peptide linking' y ISOLEUCINE         ? 'C6 H13 N O2'    131.173 
LEU 'L-peptide linking' y LEUCINE            ? 'C6 H13 N O2'    131.173 
LYS 'L-peptide linking' y LYSINE             ? 'C6 H15 N2 O2 1' 147.195 
PHE 'L-peptide linking' y PHENYLALANINE      ? 'C9 H11 N O2'    165.189 
PRO 'L-peptide linking' y PROLINE            ? 'C5 H9 N O2'     115.130 
SER 'L-peptide linking' y SERINE             ? 'C3 H7 N O3'     105.093 
SO4 non-polymer         . 'SULFATE ION'      ? 'O4 S -2'        96.063  
THR 'L-peptide linking' y THREONINE          ? 'C4 H9 N O3'     119.119 
TYR 'L-peptide linking' y TYROSINE           ? 'C9 H11 N O3'    181.189 
VAL 'L-peptide linking' y VALINE             ? 'C5 H11 N O2'    117.146 
# 
_exptl.absorpt_coefficient_mu     ? 
_exptl.absorpt_correction_T_max   ? 
_exptl.absorpt_correction_T_min   ? 
_exptl.absorpt_correction_type    ? 
_exptl.absorpt_process_details    ? 
_exptl.entry_id                   5AUK 
_exptl.crystals_number            ? 
_exptl.details                    ? 
_exptl.method                     'X-RAY DIFFRACTION' 
_exptl.method_details             ? 
# 
_exptl_crystal.colour                      ? 
_exptl_crystal.density_diffrn              ? 
_exptl_crystal.density_Matthews            2.30 
_exptl_crystal.density_method              ? 
_exptl_crystal.density_percent_sol         46.57 
_exptl_crystal.description                 ? 
_exptl_crystal.F_000                       ? 
_exptl_crystal.id                          1 
_exptl_crystal.preparation                 ? 
_exptl_crystal.size_max                    ? 
_exptl_crystal.size_mid                    ? 
_exptl_crystal.size_min                    ? 
_exptl_crystal.size_rad                    ? 
_exptl_crystal.colour_lustre               ? 
_exptl_crystal.colour_modifier             ? 
_exptl_crystal.colour_primary              ? 
_exptl_crystal.density_meas                ? 
_exptl_crystal.density_meas_esd            ? 
_exptl_crystal.density_meas_gt             ? 
_exptl_crystal.density_meas_lt             ? 
_exptl_crystal.density_meas_temp           ? 
_exptl_crystal.density_meas_temp_esd       ? 
_exptl_crystal.density_meas_temp_gt        ? 
_exptl_crystal.density_meas_temp_lt        ? 
_exptl_crystal.pdbx_crystal_image_url      ? 
_exptl_crystal.pdbx_crystal_image_format   ? 
_exptl_crystal.pdbx_mosaicity              ? 
_exptl_crystal.pdbx_mosaicity_esd          ? 
# 
_exptl_crystal_grow.apparatus       ? 
_exptl_crystal_grow.atmosphere      ? 
_exptl_crystal_grow.crystal_id      1 
_exptl_crystal_grow.details         ? 
_exptl_crystal_grow.method          'VAPOR DIFFUSION, HANGING DROP' 
_exptl_crystal_grow.method_ref      ? 
_exptl_crystal_grow.pH              6.0 
_exptl_crystal_grow.pressure        ? 
_exptl_crystal_grow.pressure_esd    ? 
_exptl_crystal_grow.seeding         ? 
_exptl_crystal_grow.seeding_ref     ? 
_exptl_crystal_grow.temp            293 
_exptl_crystal_grow.temp_details    ? 
_exptl_crystal_grow.temp_esd        ? 
_exptl_crystal_grow.time            ? 
_exptl_crystal_grow.pdbx_details    '3.4 M ammonium sulfate, 2% (w/v) benzamidine hydrochloride' 
_exptl_crystal_grow.pdbx_pH_range   ? 
# 
_diffrn.ambient_environment    ? 
_diffrn.ambient_temp           100 
_diffrn.ambient_temp_details   ? 
_diffrn.ambient_temp_esd       ? 
_diffrn.crystal_id             1 
_diffrn.crystal_support        ? 
_diffrn.crystal_treatment      ? 
_diffrn.details                ? 
_diffrn.id                     1 
_diffrn.ambient_pressure       ? 
_diffrn.ambient_pressure_esd   ? 
_diffrn.ambient_pressure_gt    ? 
_diffrn.ambient_pressure_lt    ? 
_diffrn.ambient_temp_gt        ? 
_diffrn.ambient_temp_lt        ? 
# 
_diffrn_detector.details                      ? 
_diffrn_detector.detector                     CCD 
_diffrn_detector.diffrn_id                    1 
_diffrn_detector.type                         'RAYONIX MX225HE' 
_diffrn_detector.area_resol_mean              ? 
_diffrn_detector.dtime                        ? 
_diffrn_detector.pdbx_frames_total            ? 
_diffrn_detector.pdbx_collection_time_total   ? 
_diffrn_detector.pdbx_collection_date         2013-02-01 
# 
_diffrn_radiation.collimation                      ? 
_diffrn_radiation.diffrn_id                        1 
_diffrn_radiation.filter_edge                      ? 
_diffrn_radiation.inhomogeneity                    ? 
_diffrn_radiation.monochromator                    ? 
_diffrn_radiation.polarisn_norm                    ? 
_diffrn_radiation.polarisn_ratio                   ? 
_diffrn_radiation.probe                            ? 
_diffrn_radiation.type                             ? 
_diffrn_radiation.xray_symbol                      ? 
_diffrn_radiation.wavelength_id                    1 
_diffrn_radiation.pdbx_monochromatic_or_laue_m_l   M 
_diffrn_radiation.pdbx_wavelength_list             ? 
_diffrn_radiation.pdbx_wavelength                  ? 
_diffrn_radiation.pdbx_diffrn_protocol             'SINGLE WAVELENGTH' 
_diffrn_radiation.pdbx_analyzer                    ? 
_diffrn_radiation.pdbx_scattering_type             x-ray 
# 
_diffrn_radiation_wavelength.id           1 
_diffrn_radiation_wavelength.wavelength   0.90000 
_diffrn_radiation_wavelength.wt           1.0 
# 
_diffrn_source.current                     ? 
_diffrn_source.details                     ? 
_diffrn_source.diffrn_id                   1 
_diffrn_source.power                       ? 
_diffrn_source.size                        ? 
_diffrn_source.source                      SYNCHROTRON 
_diffrn_source.target                      ? 
_diffrn_source.type                        'SPRING-8 BEAMLINE BL44XU' 
_diffrn_source.voltage                     ? 
_diffrn_source.take-off_angle              ? 
_diffrn_source.pdbx_wavelength_list        0.90000 
_diffrn_source.pdbx_wavelength             ? 
_diffrn_source.pdbx_synchrotron_beamline   BL44XU 
_diffrn_source.pdbx_synchrotron_site       SPring-8 
# 
_reflns.B_iso_Wilson_estimate            ? 
_reflns.entry_id                         5AUK 
_reflns.data_reduction_details           ? 
_reflns.data_reduction_method            ? 
_reflns.d_resolution_high                1.62 
_reflns.d_resolution_low                 40 
_reflns.details                          ? 
_reflns.limit_h_max                      ? 
_reflns.limit_h_min                      ? 
_reflns.limit_k_max                      ? 
_reflns.limit_k_min                      ? 
_reflns.limit_l_max                      ? 
_reflns.limit_l_min                      ? 
_reflns.number_all                       ? 
_reflns.number_obs                       13883 
_reflns.observed_criterion               ? 
_reflns.observed_criterion_F_max         ? 
_reflns.observed_criterion_F_min         ? 
_reflns.observed_criterion_I_max         ? 
_reflns.observed_criterion_I_min         ? 
_reflns.observed_criterion_sigma_F       ? 
_reflns.observed_criterion_sigma_I       ? 
_reflns.percent_possible_obs             96.6 
_reflns.R_free_details                   ? 
_reflns.Rmerge_F_all                     ? 
_reflns.Rmerge_F_obs                     ? 
_reflns.Friedel_coverage                 ? 
_reflns.number_gt                        ? 
_reflns.threshold_expression             ? 
_reflns.pdbx_redundancy                  14.2 
_reflns.pdbx_Rmerge_I_obs                0.064 
_reflns.pdbx_Rmerge_I_all                ? 
_reflns.pdbx_Rsym_value                  ? 
_reflns.pdbx_netI_over_av_sigmaI         ? 
_reflns.pdbx_netI_over_sigmaI            64.1 
_reflns.pdbx_res_netI_over_av_sigmaI_2   ? 
_reflns.pdbx_res_netI_over_sigmaI_2      ? 
_reflns.pdbx_chi_squared                 ? 
_reflns.pdbx_scaling_rejects             ? 
_reflns.pdbx_d_res_high_opt              ? 
_reflns.pdbx_d_res_low_opt               ? 
_reflns.pdbx_d_res_opt_method            ? 
_reflns.phase_calculation_details        ? 
_reflns.pdbx_Rrim_I_all                  ? 
_reflns.pdbx_Rpim_I_all                  ? 
_reflns.pdbx_d_opt                       ? 
_reflns.pdbx_number_measured_all         ? 
_reflns.pdbx_diffrn_id                   1 
_reflns.pdbx_ordinal                     1 
_reflns.pdbx_CC_half                     ? 
_reflns.pdbx_R_split                     ? 
# 
_reflns_shell.d_res_high                  1.62 
_reflns_shell.d_res_low                   1.65 
_reflns_shell.meanI_over_sigI_all         ? 
_reflns_shell.meanI_over_sigI_obs         10.2 
_reflns_shell.number_measured_all         ? 
_reflns_shell.number_measured_obs         ? 
_reflns_shell.number_possible             ? 
_reflns_shell.number_unique_all           ? 
_reflns_shell.number_unique_obs           ? 
_reflns_shell.percent_possible_all        91.1 
_reflns_shell.percent_possible_obs        ? 
_reflns_shell.Rmerge_F_all                ? 
_reflns_shell.Rmerge_F_obs                ? 
_reflns_shell.Rmerge_I_all                ? 
_reflns_shell.Rmerge_I_obs                0.333 
_reflns_shell.meanI_over_sigI_gt          ? 
_reflns_shell.meanI_over_uI_all           ? 
_reflns_shell.meanI_over_uI_gt            ? 
_reflns_shell.number_measured_gt          ? 
_reflns_shell.number_unique_gt            ? 
_reflns_shell.percent_possible_gt         ? 
_reflns_shell.Rmerge_F_gt                 ? 
_reflns_shell.Rmerge_I_gt                 ? 
_reflns_shell.pdbx_redundancy             14.5 
_reflns_shell.pdbx_Rsym_value             ? 
_reflns_shell.pdbx_chi_squared            ? 
_reflns_shell.pdbx_netI_over_sigmaI_all   ? 
_reflns_shell.pdbx_netI_over_sigmaI_obs   ? 
_reflns_shell.pdbx_Rrim_I_all             ? 
_reflns_shell.pdbx_Rpim_I_all             ? 
_reflns_shell.pdbx_rejects                ? 
_reflns_shell.pdbx_ordinal                1 
_reflns_shell.pdbx_diffrn_id              1 
_reflns_shell.pdbx_CC_half                ? 
_reflns_shell.pdbx_R_split                ? 
# 
_refine.aniso_B[1][1]                            0.01 
_refine.aniso_B[1][2]                            0.01 
_refine.aniso_B[1][3]                            0.00 
_refine.aniso_B[2][2]                            0.01 
_refine.aniso_B[2][3]                            0.00 
_refine.aniso_B[3][3]                            -0.03 
_refine.B_iso_max                                ? 
_refine.B_iso_mean                               23.438 
_refine.B_iso_min                                ? 
_refine.correlation_coeff_Fo_to_Fc               0.939 
_refine.correlation_coeff_Fo_to_Fc_free          0.932 
_refine.details                                  'HYDROGENS HAVE BEEN ADDED IN THE RIDING POSITIONS' 
_refine.diff_density_max                         ? 
_refine.diff_density_max_esd                     ? 
_refine.diff_density_min                         ? 
_refine.diff_density_min_esd                     ? 
_refine.diff_density_rms                         ? 
_refine.diff_density_rms_esd                     ? 
_refine.entry_id                                 5AUK 
_refine.pdbx_refine_id                           'X-RAY DIFFRACTION' 
_refine.ls_abs_structure_details                 ? 
_refine.ls_abs_structure_Flack                   ? 
_refine.ls_abs_structure_Flack_esd               ? 
_refine.ls_abs_structure_Rogers                  ? 
_refine.ls_abs_structure_Rogers_esd              ? 
_refine.ls_d_res_high                            1.62 
_refine.ls_d_res_low                             27.56 
_refine.ls_extinction_coef                       ? 
_refine.ls_extinction_coef_esd                   ? 
_refine.ls_extinction_expression                 ? 
_refine.ls_extinction_method                     ? 
_refine.ls_goodness_of_fit_all                   ? 
_refine.ls_goodness_of_fit_all_esd               ? 
_refine.ls_goodness_of_fit_obs                   ? 
_refine.ls_goodness_of_fit_obs_esd               ? 
_refine.ls_hydrogen_treatment                    ? 
_refine.ls_matrix_type                           ? 
_refine.ls_number_constraints                    ? 
_refine.ls_number_parameters                     ? 
_refine.ls_number_reflns_all                     ? 
_refine.ls_number_reflns_obs                     12598 
_refine.ls_number_reflns_R_free                  660 
_refine.ls_number_reflns_R_work                  ? 
_refine.ls_number_restraints                     ? 
_refine.ls_percent_reflns_obs                    96.84 
_refine.ls_percent_reflns_R_free                 5.0 
_refine.ls_R_factor_all                          ? 
_refine.ls_R_factor_obs                          0.19874 
_refine.ls_R_factor_R_free                       0.21923 
_refine.ls_R_factor_R_free_error                 ? 
_refine.ls_R_factor_R_free_error_details         ? 
_refine.ls_R_factor_R_work                       0.19770 
_refine.ls_R_Fsqd_factor_obs                     ? 
_refine.ls_R_I_factor_obs                        ? 
_refine.ls_redundancy_reflns_all                 ? 
_refine.ls_redundancy_reflns_obs                 ? 
_refine.ls_restrained_S_all                      ? 
_refine.ls_restrained_S_obs                      ? 
_refine.ls_shift_over_esd_max                    ? 
_refine.ls_shift_over_esd_mean                   ? 
_refine.ls_structure_factor_coef                 ? 
_refine.ls_weighting_details                     ? 
_refine.ls_weighting_scheme                      ? 
_refine.ls_wR_factor_all                         ? 
_refine.ls_wR_factor_obs                         ? 
_refine.ls_wR_factor_R_free                      ? 
_refine.ls_wR_factor_R_work                      ? 
_refine.occupancy_max                            ? 
_refine.occupancy_min                            ? 
_refine.solvent_model_details                    MASK 
_refine.solvent_model_param_bsol                 ? 
_refine.solvent_model_param_ksol                 ? 
_refine.ls_R_factor_gt                           ? 
_refine.ls_goodness_of_fit_gt                    ? 
_refine.ls_goodness_of_fit_ref                   ? 
_refine.ls_shift_over_su_max                     ? 
_refine.ls_shift_over_su_max_lt                  ? 
_refine.ls_shift_over_su_mean                    ? 
_refine.ls_shift_over_su_mean_lt                 ? 
_refine.pdbx_ls_sigma_I                          ? 
_refine.pdbx_ls_sigma_F                          ? 
_refine.pdbx_ls_sigma_Fsqd                       ? 
_refine.pdbx_data_cutoff_high_absF               ? 
_refine.pdbx_data_cutoff_high_rms_absF           ? 
_refine.pdbx_data_cutoff_low_absF                ? 
_refine.pdbx_isotropic_thermal_model             ? 
_refine.pdbx_ls_cross_valid_method               THROUGHOUT 
_refine.pdbx_method_to_determine_struct          'MOLECULAR REPLACEMENT' 
_refine.pdbx_starting_model                      1OFF 
_refine.pdbx_stereochemistry_target_values       'MAXIMUM LIKELIHOOD' 
_refine.pdbx_R_Free_selection_details            RANDOM 
_refine.pdbx_stereochem_target_val_spec_case     ? 
_refine.pdbx_overall_ESU_R                       0.098 
_refine.pdbx_overall_ESU_R_Free                  0.093 
_refine.pdbx_solvent_vdw_probe_radii             1.20 
_refine.pdbx_solvent_ion_probe_radii             0.80 
_refine.pdbx_solvent_shrinkage_radii             0.80 
_refine.pdbx_real_space_R                        ? 
_refine.pdbx_density_correlation                 ? 
_refine.pdbx_pd_number_of_powder_patterns        ? 
_refine.pdbx_pd_number_of_points                 ? 
_refine.pdbx_pd_meas_number_of_points            ? 
_refine.pdbx_pd_proc_ls_prof_R_factor            ? 
_refine.pdbx_pd_proc_ls_prof_wR_factor           ? 
_refine.pdbx_pd_Marquardt_correlation_coeff      ? 
_refine.pdbx_pd_Fsqrd_R_factor                   ? 
_refine.pdbx_pd_ls_matrix_band_width             ? 
_refine.pdbx_overall_phase_error                 ? 
_refine.pdbx_overall_SU_R_free_Cruickshank_DPI   ? 
_refine.pdbx_overall_SU_R_free_Blow_DPI          ? 
_refine.pdbx_overall_SU_R_Blow_DPI               ? 
_refine.pdbx_TLS_residual_ADP_flag               ? 
_refine.pdbx_diffrn_id                           1 
_refine.overall_SU_B                             3.120 
_refine.overall_SU_ML                            0.054 
_refine.overall_SU_R_Cruickshank_DPI             ? 
_refine.overall_SU_R_free                        ? 
_refine.overall_FOM_free_R_set                   ? 
_refine.overall_FOM_work_R_set                   ? 
_refine.pdbx_average_fsc_overall                 ? 
_refine.pdbx_average_fsc_work                    ? 
_refine.pdbx_average_fsc_free                    ? 
# 
_refine_hist.pdbx_refine_id                   'X-RAY DIFFRACTION' 
_refine_hist.cycle_id                         LAST 
_refine_hist.pdbx_number_atoms_protein        707 
_refine_hist.pdbx_number_atoms_nucleic_acid   0 
_refine_hist.pdbx_number_atoms_ligand         68 
_refine_hist.number_atoms_solvent             36 
_refine_hist.number_atoms_total               811 
_refine_hist.d_res_high                       1.62 
_refine_hist.d_res_low                        27.56 
# 
loop_
_refine_ls_restr.pdbx_refine_id 
_refine_ls_restr.criterion 
_refine_ls_restr.dev_ideal 
_refine_ls_restr.dev_ideal_target 
_refine_ls_restr.number 
_refine_ls_restr.rejects 
_refine_ls_restr.type 
_refine_ls_restr.weight 
_refine_ls_restr.pdbx_restraint_function 
'X-RAY DIFFRACTION' ? 0.018  0.020  793  ? r_bond_refined_d             ? ? 
'X-RAY DIFFRACTION' ? 0.001  0.020  684  ? r_bond_other_d               ? ? 
'X-RAY DIFFRACTION' ? 1.921  2.069  1077 ? r_angle_refined_deg          ? ? 
'X-RAY DIFFRACTION' ? 0.938  3.000  1571 ? r_angle_other_deg            ? ? 
'X-RAY DIFFRACTION' ? 5.707  5.000  99   ? r_dihedral_angle_1_deg       ? ? 
'X-RAY DIFFRACTION' ? 30.481 26.667 30   ? r_dihedral_angle_2_deg       ? ? 
'X-RAY DIFFRACTION' ? 11.770 15.000 113  ? r_dihedral_angle_3_deg       ? ? 
'X-RAY DIFFRACTION' ? 31.977 15.000 1    ? r_dihedral_angle_4_deg       ? ? 
'X-RAY DIFFRACTION' ? 0.131  0.200  121  ? r_chiral_restr               ? ? 
'X-RAY DIFFRACTION' ? 0.010  0.020  920  ? r_gen_planes_refined         ? ? 
'X-RAY DIFFRACTION' ? 0.001  0.020  197  ? r_gen_planes_other           ? ? 
'X-RAY DIFFRACTION' ? ?      ?      ?    ? r_nbd_refined                ? ? 
'X-RAY DIFFRACTION' ? ?      ?      ?    ? r_nbd_other                  ? ? 
'X-RAY DIFFRACTION' ? ?      ?      ?    ? r_nbtor_refined              ? ? 
'X-RAY DIFFRACTION' ? ?      ?      ?    ? r_nbtor_other                ? ? 
'X-RAY DIFFRACTION' ? ?      ?      ?    ? r_xyhbond_nbd_refined        ? ? 
'X-RAY DIFFRACTION' ? ?      ?      ?    ? r_xyhbond_nbd_other          ? ? 
'X-RAY DIFFRACTION' ? ?      ?      ?    ? r_metal_ion_refined          ? ? 
'X-RAY DIFFRACTION' ? ?      ?      ?    ? r_metal_ion_other            ? ? 
'X-RAY DIFFRACTION' ? ?      ?      ?    ? r_symmetry_vdw_refined       ? ? 
'X-RAY DIFFRACTION' ? ?      ?      ?    ? r_symmetry_vdw_other         ? ? 
'X-RAY DIFFRACTION' ? ?      ?      ?    ? r_symmetry_hbond_refined     ? ? 
'X-RAY DIFFRACTION' ? ?      ?      ?    ? r_symmetry_hbond_other       ? ? 
'X-RAY DIFFRACTION' ? ?      ?      ?    ? r_symmetry_metal_ion_refined ? ? 
'X-RAY DIFFRACTION' ? ?      ?      ?    ? r_symmetry_metal_ion_other   ? ? 
'X-RAY DIFFRACTION' ? 1.402  1.421  387  ? r_mcbond_it                  ? ? 
'X-RAY DIFFRACTION' ? 1.398  1.421  386  ? r_mcbond_other               ? ? 
'X-RAY DIFFRACTION' ? 1.923  2.133  483  ? r_mcangle_it                 ? ? 
'X-RAY DIFFRACTION' ? 1.921  2.133  484  ? r_mcangle_other              ? ? 
'X-RAY DIFFRACTION' ? 3.018  2.079  405  ? r_scbond_it                  ? ? 
'X-RAY DIFFRACTION' ? 3.014  2.083  406  ? r_scbond_other               ? ? 
'X-RAY DIFFRACTION' ? ?      ?      ?    ? r_scangle_it                 ? ? 
'X-RAY DIFFRACTION' ? 4.110  2.994  591  ? r_scangle_other              ? ? 
'X-RAY DIFFRACTION' ? 6.908  14.706 920  ? r_long_range_B_refined       ? ? 
'X-RAY DIFFRACTION' ? 6.904  14.730 921  ? r_long_range_B_other         ? ? 
'X-RAY DIFFRACTION' ? ?      ?      ?    ? r_rigid_bond_restr           ? ? 
'X-RAY DIFFRACTION' ? ?      ?      ?    ? r_sphericity_free            ? ? 
'X-RAY DIFFRACTION' ? ?      ?      ?    ? r_sphericity_bonded          ? ? 
# 
_refine_ls_shell.pdbx_refine_id                   'X-RAY DIFFRACTION' 
_refine_ls_shell.d_res_high                       1.619 
_refine_ls_shell.d_res_low                        1.661 
_refine_ls_shell.number_reflns_all                ? 
_refine_ls_shell.number_reflns_obs                ? 
_refine_ls_shell.number_reflns_R_free             52 
_refine_ls_shell.number_reflns_R_work             852 
_refine_ls_shell.percent_reflns_obs               94.36 
_refine_ls_shell.percent_reflns_R_free            ? 
_refine_ls_shell.R_factor_all                     ? 
_refine_ls_shell.R_factor_obs                     ? 
_refine_ls_shell.R_factor_R_free                  0.199 
_refine_ls_shell.R_factor_R_free_error            ? 
_refine_ls_shell.R_factor_R_work                  0.168 
_refine_ls_shell.redundancy_reflns_all            ? 
_refine_ls_shell.redundancy_reflns_obs            ? 
_refine_ls_shell.wR_factor_all                    ? 
_refine_ls_shell.wR_factor_obs                    ? 
_refine_ls_shell.wR_factor_R_free                 ? 
_refine_ls_shell.wR_factor_R_work                 ? 
_refine_ls_shell.pdbx_total_number_of_bins_used   20 
_refine_ls_shell.pdbx_phase_error                 ? 
_refine_ls_shell.pdbx_fsc_work                    ? 
_refine_ls_shell.pdbx_fsc_free                    ? 
# 
_struct.entry_id                     5AUK 
_struct.title                        'Crystal structure of the Ga-substituted Ferredoxin' 
_struct.pdbx_model_details           ? 
_struct.pdbx_formula_weight          ? 
_struct.pdbx_formula_weight_method   ? 
_struct.pdbx_model_type_details      ? 
_struct.pdbx_CASP_flag               ? 
# 
_struct_keywords.entry_id        5AUK 
_struct_keywords.text            'Analogue, electron transfer protein, ELECTRON TRANSPORT' 
_struct_keywords.pdbx_keywords   'ELECTRON TRANSPORT' 
# 
loop_
_struct_asym.id 
_struct_asym.pdbx_blank_PDB_chainid_flag 
_struct_asym.pdbx_modified 
_struct_asym.entity_id 
_struct_asym.details 
A N N 1 ? 
B N N 2 ? 
C N N 3 ? 
D N N 3 ? 
E N N 4 ? 
F N N 4 ? 
G N N 4 ? 
H N N 4 ? 
I N N 4 ? 
J N N 4 ? 
K N N 5 ? 
# 
loop_
_struct_conf.conf_type_id 
_struct_conf.id 
_struct_conf.pdbx_PDB_helix_id 
_struct_conf.beg_label_comp_id 
_struct_conf.beg_label_asym_id 
_struct_conf.beg_label_seq_id 
_struct_conf.pdbx_beg_PDB_ins_code 
_struct_conf.end_label_comp_id 
_struct_conf.end_label_asym_id 
_struct_conf.end_label_seq_id 
_struct_conf.pdbx_end_PDB_ins_code 
_struct_conf.beg_auth_comp_id 
_struct_conf.beg_auth_asym_id 
_struct_conf.beg_auth_seq_id 
_struct_conf.end_auth_comp_id 
_struct_conf.end_auth_asym_id 
_struct_conf.end_auth_seq_id 
_struct_conf.pdbx_PDB_helix_class 
_struct_conf.details 
_struct_conf.pdbx_PDB_helix_length 
HELX_P HELX_P1 AA1 TYR A 23 ? GLY A 32 ? TYR A 23 GLY A 32 1 ? 10 
HELX_P HELX_P2 AA2 ASP A 65 ? ALA A 71 ? ASP A 65 ALA A 71 1 ? 7  
HELX_P HELX_P3 AA3 CYS A 77 ? ALA A 79 ? CYS A 77 ALA A 79 5 ? 3  
HELX_P HELX_P4 AA4 LYS A 91 ? LEU A 95 ? LYS A 91 LEU A 95 5 ? 5  
# 
_struct_conf_type.id          HELX_P 
_struct_conf_type.criteria    ? 
_struct_conf_type.reference   ? 
# 
loop_
_struct_conn.id 
_struct_conn.conn_type_id 
_struct_conn.pdbx_leaving_atom_flag 
_struct_conn.pdbx_PDB_id 
_struct_conn.ptnr1_label_asym_id 
_struct_conn.ptnr1_label_comp_id 
_struct_conn.ptnr1_label_seq_id 
_struct_conn.ptnr1_label_atom_id 
_struct_conn.pdbx_ptnr1_label_alt_id 
_struct_conn.pdbx_ptnr1_PDB_ins_code 
_struct_conn.pdbx_ptnr1_standard_comp_id 
_struct_conn.ptnr1_symmetry 
_struct_conn.ptnr2_label_asym_id 
_struct_conn.ptnr2_label_comp_id 
_struct_conn.ptnr2_label_seq_id 
_struct_conn.ptnr2_label_atom_id 
_struct_conn.pdbx_ptnr2_label_alt_id 
_struct_conn.pdbx_ptnr2_PDB_ins_code 
_struct_conn.ptnr1_auth_asym_id 
_struct_conn.ptnr1_auth_comp_id 
_struct_conn.ptnr1_auth_seq_id 
_struct_conn.ptnr2_auth_asym_id 
_struct_conn.ptnr2_auth_comp_id 
_struct_conn.ptnr2_auth_seq_id 
_struct_conn.ptnr2_symmetry 
_struct_conn.pdbx_ptnr3_label_atom_id 
_struct_conn.pdbx_ptnr3_label_seq_id 
_struct_conn.pdbx_ptnr3_label_comp_id 
_struct_conn.pdbx_ptnr3_label_asym_id 
_struct_conn.pdbx_ptnr3_label_alt_id 
_struct_conn.pdbx_ptnr3_PDB_ins_code 
_struct_conn.details 
_struct_conn.pdbx_dist_value 
_struct_conn.pdbx_value_order 
_struct_conn.pdbx_role 
metalc1 metalc ? ? A CYS 39 SG ? ? ? 1_555 B GAK . GA1 ? ? A CYS 39 A GAK 101 1_555 ? ? ? ? ? ? ? 2.316 ? ? 
metalc2 metalc ? ? A CYS 44 SG ? ? ? 1_555 B GAK . GA1 ? ? A CYS 44 A GAK 101 1_555 ? ? ? ? ? ? ? 2.265 ? ? 
metalc3 metalc ? ? A CYS 47 SG ? ? ? 1_555 B GAK . GA2 ? ? A CYS 47 A GAK 101 1_555 ? ? ? ? ? ? ? 2.245 ? ? 
metalc4 metalc ? ? A CYS 77 SG ? ? ? 1_555 B GAK . GA2 ? ? A CYS 77 A GAK 101 1_555 ? ? ? ? ? ? ? 2.233 ? ? 
# 
_struct_conn_type.id          metalc 
_struct_conn_type.criteria    ? 
_struct_conn_type.reference   ? 
# 
loop_
_struct_sheet.id 
_struct_sheet.type 
_struct_sheet.number_strands 
_struct_sheet.details 
AA1 ? 5 ? 
AA2 ? 2 ? 
# 
loop_
_struct_sheet_order.sheet_id 
_struct_sheet_order.range_id_1 
_struct_sheet_order.range_id_2 
_struct_sheet_order.offset 
_struct_sheet_order.sense 
AA1 1 2 ? anti-parallel 
AA1 2 3 ? parallel      
AA1 3 4 ? anti-parallel 
AA1 4 5 ? anti-parallel 
AA2 1 2 ? anti-parallel 
# 
loop_
_struct_sheet_range.sheet_id 
_struct_sheet_range.id 
_struct_sheet_range.beg_label_comp_id 
_struct_sheet_range.beg_label_asym_id 
_struct_sheet_range.beg_label_seq_id 
_struct_sheet_range.pdbx_beg_PDB_ins_code 
_struct_sheet_range.end_label_comp_id 
_struct_sheet_range.end_label_asym_id 
_struct_sheet_range.end_label_seq_id 
_struct_sheet_range.pdbx_end_PDB_ins_code 
_struct_sheet_range.beg_auth_comp_id 
_struct_sheet_range.beg_auth_asym_id 
_struct_sheet_range.beg_auth_seq_id 
_struct_sheet_range.end_auth_comp_id 
_struct_sheet_range.end_auth_asym_id 
_struct_sheet_range.end_auth_seq_id 
AA1 1 GLY A 12 ? SER A 19 ? GLY A 12 SER A 19 
AA1 2 SER A 2  ? THR A 9  ? SER A 2  THR A 9  
AA1 3 CYS A 85 ? GLU A 88 ? CYS A 85 GLU A 88 
AA1 4 ALA A 48 ? ALA A 53 ? ALA A 48 ALA A 53 
AA1 5 TYR A 73 ? LEU A 75 ? TYR A 73 LEU A 75 
AA2 1 VAL A 56 ? ASP A 57 ? VAL A 56 ASP A 57 
AA2 2 TYR A 80 ? PRO A 81 ? TYR A 80 PRO A 81 
# 
loop_
_pdbx_struct_sheet_hbond.sheet_id 
_pdbx_struct_sheet_hbond.range_id_1 
_pdbx_struct_sheet_hbond.range_id_2 
_pdbx_struct_sheet_hbond.range_1_label_atom_id 
_pdbx_struct_sheet_hbond.range_1_label_comp_id 
_pdbx_struct_sheet_hbond.range_1_label_asym_id 
_pdbx_struct_sheet_hbond.range_1_label_seq_id 
_pdbx_struct_sheet_hbond.range_1_PDB_ins_code 
_pdbx_struct_sheet_hbond.range_1_auth_atom_id 
_pdbx_struct_sheet_hbond.range_1_auth_comp_id 
_pdbx_struct_sheet_hbond.range_1_auth_asym_id 
_pdbx_struct_sheet_hbond.range_1_auth_seq_id 
_pdbx_struct_sheet_hbond.range_2_label_atom_id 
_pdbx_struct_sheet_hbond.range_2_label_comp_id 
_pdbx_struct_sheet_hbond.range_2_label_asym_id 
_pdbx_struct_sheet_hbond.range_2_label_seq_id 
_pdbx_struct_sheet_hbond.range_2_PDB_ins_code 
_pdbx_struct_sheet_hbond.range_2_auth_atom_id 
_pdbx_struct_sheet_hbond.range_2_auth_comp_id 
_pdbx_struct_sheet_hbond.range_2_auth_asym_id 
_pdbx_struct_sheet_hbond.range_2_auth_seq_id 
AA1 1 2 O SER A 14 ? O SER A 14 N LEU A 7  ? N LEU A 7  
AA1 2 3 N LYS A 6  ? N LYS A 6  O CYS A 85 ? O CYS A 85 
AA1 3 4 O GLU A 88 ? O GLU A 88 N LYS A 50 ? N LYS A 50 
AA1 4 5 N GLY A 49 ? N GLY A 49 O VAL A 74 ? O VAL A 74 
AA2 1 2 N ASP A 57 ? N ASP A 57 O TYR A 80 ? O TYR A 80 
# 
loop_
_struct_site.id 
_struct_site.pdbx_evidence_code 
_struct_site.pdbx_auth_asym_id 
_struct_site.pdbx_auth_comp_id 
_struct_site.pdbx_auth_seq_id 
_struct_site.pdbx_auth_ins_code 
_struct_site.pdbx_num_residues 
_struct_site.details 
AC1 Software A GAK 101 ? 8  'binding site for residue GAK A 101' 
AC2 Software A SO4 102 ? 4  'binding site for residue SO4 A 102' 
AC3 Software A SO4 103 ? 6  'binding site for residue SO4 A 103' 
AC4 Software A BEN 104 ? 6  'binding site for residue BEN A 104' 
AC5 Software A BEN 105 ? 6  'binding site for residue BEN A 105' 
AC6 Software A BEN 106 ? 6  'binding site for residue BEN A 106' 
AC7 Software A BEN 107 ? 8  'binding site for residue BEN A 107' 
AC8 Software A BEN 108 ? 11 'binding site for residue BEN A 108' 
AC9 Software A BEN 109 ? 2  'binding site for residue BEN A 109' 
# 
loop_
_struct_site_gen.id 
_struct_site_gen.site_id 
_struct_site_gen.pdbx_num_res 
_struct_site_gen.label_comp_id 
_struct_site_gen.label_asym_id 
_struct_site_gen.label_seq_id 
_struct_site_gen.pdbx_auth_ins_code 
_struct_site_gen.auth_comp_id 
_struct_site_gen.auth_asym_id 
_struct_site_gen.auth_seq_id 
_struct_site_gen.label_atom_id 
_struct_site_gen.label_alt_id 
_struct_site_gen.symmetry 
_struct_site_gen.details 
1  AC1 8  SER A 38 ? SER A 38  . ? 1_555 ? 
2  AC1 8  CYS A 39 ? CYS A 39  . ? 1_555 ? 
3  AC1 8  ARG A 40 ? ARG A 40  . ? 1_555 ? 
4  AC1 8  GLY A 42 ? GLY A 42  . ? 1_555 ? 
5  AC1 8  ALA A 43 ? ALA A 43  . ? 1_555 ? 
6  AC1 8  CYS A 44 ? CYS A 44  . ? 1_555 ? 
7  AC1 8  CYS A 47 ? CYS A 47  . ? 1_555 ? 
8  AC1 8  CYS A 77 ? CYS A 77  . ? 1_555 ? 
9  AC2 4  LYS A 50 ? LYS A 50  . ? 1_555 ? 
10 AC2 4  THR A 52 ? THR A 52  . ? 1_555 ? 
11 AC2 4  GLU A 93 ? GLU A 93  . ? 8_555 ? 
12 AC2 4  HOH K .  ? HOH A 203 . ? 1_555 ? 
13 AC3 6  SER A 15 ? SER A 15  . ? 1_555 ? 
14 AC3 6  ILE A 16 ? ILE A 16  . ? 1_555 ? 
15 AC3 6  GLU A 17 ? GLU A 17  . ? 1_555 ? 
16 AC3 6  ALA A 31 ? ALA A 31  . ? 1_555 ? 
17 AC3 6  BEN I .  ? BEN A 108 . ? 1_555 ? 
18 AC3 6  HOH K .  ? HOH A 213 . ? 1_555 ? 
19 AC4 6  ASP A 11 ? ASP A 11  . ? 1_555 ? 
20 AC4 6  PHE A 63 ? PHE A 63  . ? 1_455 ? 
21 AC4 6  ASP A 65 ? ASP A 65  . ? 1_455 ? 
22 AC4 6  GLN A 68 ? GLN A 68  . ? 1_455 ? 
23 AC4 6  BEN F .  ? BEN A 105 . ? 1_555 ? 
24 AC4 6  BEN G .  ? BEN A 106 . ? 1_555 ? 
25 AC5 6  GLY A 32 ? GLY A 32  . ? 1_555 ? 
26 AC5 6  LEU A 33 ? LEU A 33  . ? 1_555 ? 
27 AC5 6  PHE A 63 ? PHE A 63  . ? 1_455 ? 
28 AC5 6  ASP A 65 ? ASP A 65  . ? 1_455 ? 
29 AC5 6  BEN E .  ? BEN A 104 . ? 1_555 ? 
30 AC5 6  BEN I .  ? BEN A 108 . ? 1_555 ? 
31 AC6 6  PRO A 10 ? PRO A 10  . ? 1_555 ? 
32 AC6 6  ASP A 11 ? ASP A 11  . ? 1_555 ? 
33 AC6 6  GLY A 12 ? GLY A 12  . ? 1_555 ? 
34 AC6 6  ASP A 65 ? ASP A 65  . ? 1_455 ? 
35 AC6 6  TYR A 96 ? TYR A 96  . ? 1_455 ? 
36 AC6 6  BEN E .  ? BEN A 104 . ? 1_555 ? 
37 AC7 8  ILE A 51 ? ILE A 51  . ? 1_555 ? 
38 AC7 8  THR A 52 ? THR A 52  . ? 1_555 ? 
39 AC7 8  ALA A 53 ? ALA A 53  . ? 1_555 ? 
40 AC7 8  GLY A 54 ? GLY A 54  . ? 1_555 ? 
41 AC7 8  GLU A 70 ? GLU A 70  . ? 1_555 ? 
42 AC7 8  GLY A 72 ? GLY A 72  . ? 1_555 ? 
43 AC7 8  HOH K .  ? HOH A 203 . ? 1_555 ? 
44 AC7 8  HOH K .  ? HOH A 225 . ? 1_555 ? 
45 AC8 11 SER A 14 ? SER A 14  . ? 1_555 ? 
46 AC8 11 SER A 15 ? SER A 15  . ? 1_555 ? 
47 AC8 11 ILE A 16 ? ILE A 16  . ? 1_555 ? 
48 AC8 11 ALA A 31 ? ALA A 31  . ? 1_555 ? 
49 AC8 11 LEU A 33 ? LEU A 33  . ? 1_555 ? 
50 AC8 11 GLN A 61 ? GLN A 61  . ? 1_455 ? 
51 AC8 11 SER A 62 ? SER A 62  . ? 1_455 ? 
52 AC8 11 PHE A 63 ? PHE A 63  . ? 1_455 ? 
53 AC8 11 LEU A 64 ? LEU A 64  . ? 1_455 ? 
54 AC8 11 SO4 D .  ? SO4 A 103 . ? 1_555 ? 
55 AC8 11 BEN F .  ? BEN A 105 . ? 1_555 ? 
56 AC9 2  ASP A 11 ? ASP A 11  . ? 1_555 ? 
57 AC9 2  SER A 38 ? SER A 38  . ? 8_565 ? 
# 
_atom_sites.entry_id                    5AUK 
_atom_sites.fract_transf_matrix[1][1]   0.03186246 
_atom_sites.fract_transf_matrix[1][2]   0.01118977 
_atom_sites.fract_transf_matrix[1][3]   0.01289988 
_atom_sites.fract_transf_matrix[2][1]   0.01492345 
_atom_sites.fract_transf_matrix[2][2]   0.03042112 
_atom_sites.fract_transf_matrix[2][3]   -0.01259637 
_atom_sites.fract_transf_matrix[3][1]   -0.00147230 
_atom_sites.fract_transf_matrix[3][2]   0.00163926 
_atom_sites.fract_transf_matrix[3][3]   0.00221462 
_atom_sites.fract_transf_vector[1]      0.204504 
_atom_sites.fract_transf_vector[2]      0.255322 
_atom_sites.fract_transf_vector[3]      -0.037270 
# 
loop_
_atom_type.symbol 
C  
GA 
N  
O  
S  
# 
loop_
_atom_site.group_PDB 
_atom_site.id 
_atom_site.type_symbol 
_atom_site.label_atom_id 
_atom_site.label_alt_id 
_atom_site.label_comp_id 
_atom_site.label_asym_id 
_atom_site.label_entity_id 
_atom_site.label_seq_id 
_atom_site.pdbx_PDB_ins_code 
_atom_site.Cartn_x 
_atom_site.Cartn_y 
_atom_site.Cartn_z 
_atom_site.occupancy 
_atom_site.B_iso_or_equiv 
_atom_site.pdbx_formal_charge 
_atom_site.auth_seq_id 
_atom_site.auth_comp_id 
_atom_site.auth_asym_id 
_atom_site.auth_atom_id 
_atom_site.pdbx_PDB_model_num 
ATOM   1   N  N   . ALA A 1 1  ? 4.257   -9.220  -14.733 1.00 25.99 ? 1   ALA A N   1 
ATOM   2   C  CA  . ALA A 1 1  ? 3.034   -9.677  -14.020 1.00 23.85 ? 1   ALA A CA  1 
ATOM   3   C  C   . ALA A 1 1  ? 2.198   -8.450  -13.651 1.00 23.80 ? 1   ALA A C   1 
ATOM   4   O  O   . ALA A 1 1  ? 2.762   -7.403  -13.345 1.00 25.25 ? 1   ALA A O   1 
ATOM   5   C  CB  . ALA A 1 1  ? 3.370   -10.479 -12.770 1.00 24.05 ? 1   ALA A CB  1 
ATOM   6   N  N   . SER A 1 2  ? 0.899   -8.603  -13.879 1.00 23.19 ? 2   SER A N   1 
ATOM   7   C  CA  . SER A 1 2  ? -0.135  -7.580  -13.533 1.00 24.44 ? 2   SER A CA  1 
ATOM   8   C  C   . SER A 1 2  ? -0.989  -8.170  -12.394 1.00 21.99 ? 2   SER A C   1 
ATOM   9   O  O   . SER A 1 2  ? -1.519  -9.254  -12.505 1.00 24.68 ? 2   SER A O   1 
ATOM   10  C  CB  . SER A 1 2  ? -0.964  -7.280  -14.781 1.00 26.48 ? 2   SER A CB  1 
ATOM   11  O  OG  . SER A 1 2  ? -2.194  -6.601  -14.521 1.00 34.55 ? 2   SER A OG  1 
ATOM   12  N  N   . TYR A 1 3  ? -1.097  -7.465  -11.269 1.00 20.86 ? 3   TYR A N   1 
ATOM   13  C  CA  . TYR A 1 3  ? -1.880  -7.926  -10.124 1.00 19.59 ? 3   TYR A CA  1 
ATOM   14  C  C   . TYR A 1 3  ? -3.102  -7.018  -9.928  1.00 19.84 ? 3   TYR A C   1 
ATOM   15  O  O   . TYR A 1 3  ? -3.092  -5.803  -10.236 1.00 22.43 ? 3   TYR A O   1 
ATOM   16  C  CB  . TYR A 1 3  ? -1.080  -7.970  -8.839  1.00 19.14 ? 3   TYR A CB  1 
ATOM   17  C  CG  . TYR A 1 3  ? 0.095   -8.924  -8.903  1.00 20.46 ? 3   TYR A CG  1 
ATOM   18  C  CD1 . TYR A 1 3  ? -0.118  -10.267 -9.056  1.00 20.26 ? 3   TYR A CD1 1 
ATOM   19  C  CD2 . TYR A 1 3  ? 1.435   -8.457  -8.907  1.00 22.26 ? 3   TYR A CD2 1 
ATOM   20  C  CE1 . TYR A 1 3  ? 0.963   -11.139 -9.200  1.00 20.97 ? 3   TYR A CE1 1 
ATOM   21  C  CE2 . TYR A 1 3  ? 2.478   -9.320  -9.021  1.00 22.06 ? 3   TYR A CE2 1 
ATOM   22  C  CZ  . TYR A 1 3  ? 2.231   -10.674 -9.143  1.00 21.82 ? 3   TYR A CZ  1 
ATOM   23  O  OH  . TYR A 1 3  ? 3.175   -11.664 -9.281  1.00 23.70 ? 3   TYR A OH  1 
ATOM   24  N  N   . THR A 1 4  ? -4.157  -7.592  -9.426  1.00 19.84 ? 4   THR A N   1 
ATOM   25  C  CA  . THR A 1 4  ? -5.336  -6.812  -9.055  1.00 18.28 ? 4   THR A CA  1 
ATOM   26  C  C   . THR A 1 4  ? -5.166  -6.406  -7.585  1.00 17.32 ? 4   THR A C   1 
ATOM   27  O  O   . THR A 1 4  ? -5.012  -7.286  -6.733  1.00 18.45 ? 4   THR A O   1 
ATOM   28  C  CB  . THR A 1 4  ? -6.622  -7.626  -9.193  1.00 20.84 ? 4   THR A CB  1 
ATOM   29  O  OG1 . THR A 1 4  ? -6.744  -8.002  -10.553 1.00 23.27 ? 4   THR A OG1 1 
ATOM   30  C  CG2 . THR A 1 4  ? -7.860  -6.830  -8.812  1.00 22.53 ? 4   THR A CG2 1 
ATOM   31  N  N   . VAL A 1 5  ? -5.240  -5.098  -7.331  1.00 16.29 ? 5   VAL A N   1 
ATOM   32  C  CA  . VAL A 1 5  ? -5.114  -4.575  -6.007  1.00 15.77 ? 5   VAL A CA  1 
ATOM   33  C  C   . VAL A 1 5  ? -6.436  -3.994  -5.622  1.00 15.45 ? 5   VAL A C   1 
ATOM   34  O  O   . VAL A 1 5  ? -6.866  -3.028  -6.230  1.00 17.50 ? 5   VAL A O   1 
ATOM   35  C  CB  . VAL A 1 5  ? -3.989  -3.502  -5.869  1.00 15.42 ? 5   VAL A CB  1 
ATOM   36  C  CG1 . VAL A 1 5  ? -3.855  -3.012  -4.438  1.00 15.40 ? 5   VAL A CG1 1 
ATOM   37  C  CG2 . VAL A 1 5  ? -2.664  -4.104  -6.304  1.00 15.81 ? 5   VAL A CG2 1 
ATOM   38  N  N   . LYS A 1 6  ? -7.096  -4.565  -4.636  1.00 14.90 ? 6   LYS A N   1 
ATOM   39  C  CA  . LYS A 1 6  ? -8.391  -4.019  -4.141  1.00 16.42 ? 6   LYS A CA  1 
ATOM   40  C  C   . LYS A 1 6  ? -8.090  -3.059  -2.996  1.00 17.01 ? 6   LYS A C   1 
ATOM   41  O  O   . LYS A 1 6  ? -7.586  -3.496  -1.937  1.00 17.42 ? 6   LYS A O   1 
ATOM   42  C  CB  . LYS A 1 6  ? -9.310  -5.118  -3.623  1.00 20.15 ? 6   LYS A CB  1 
ATOM   43  C  CG  . LYS A 1 6  ? -10.603 -4.480  -3.131  1.00 24.27 ? 6   LYS A CG  1 
ATOM   44  C  CD  . LYS A 1 6  ? -11.521 -5.415  -2.405  1.00 32.10 ? 6   LYS A CD  1 
ATOM   45  C  CE  . LYS A 1 6  ? -12.259 -6.309  -3.363  1.00 39.85 ? 6   LYS A CE  1 
ATOM   46  N  NZ  . LYS A 1 6  ? -13.132 -7.217  -2.574  1.00 48.81 ? 6   LYS A NZ  1 
ATOM   47  N  N   . LEU A 1 7  ? -8.330  -1.780  -3.217  1.00 15.64 ? 7   LEU A N   1 
ATOM   48  C  CA  . LEU A 1 7  ? -8.079  -0.732  -2.229  1.00 14.91 ? 7   LEU A CA  1 
ATOM   49  C  C   . LEU A 1 7  ? -9.331  -0.393  -1.501  1.00 16.23 ? 7   LEU A C   1 
ATOM   50  O  O   . LEU A 1 7  ? -10.336 0.006   -2.112  1.00 18.93 ? 7   LEU A O   1 
ATOM   51  C  CB  . LEU A 1 7  ? -7.528  0.527   -2.957  1.00 15.96 ? 7   LEU A CB  1 
ATOM   52  C  CG  . LEU A 1 7  ? -6.122  0.243   -3.612  1.00 17.40 ? 7   LEU A CG  1 
ATOM   53  C  CD1 . LEU A 1 7  ? -5.889  1.361   -4.603  1.00 22.52 ? 7   LEU A CD1 1 
ATOM   54  C  CD2 . LEU A 1 7  ? -5.041  0.136   -2.556  1.00 18.47 ? 7   LEU A CD2 1 
ATOM   55  N  N   . ILE A 1 8  ? -9.304  -0.615  -0.191  1.00 15.13 ? 8   ILE A N   1 
ATOM   56  C  CA  . ILE A 1 8  ? -10.436 -0.387  0.689   1.00 16.48 ? 8   ILE A CA  1 
ATOM   57  C  C   . ILE A 1 8  ? -10.189 0.924   1.361   1.00 17.80 ? 8   ILE A C   1 
ATOM   58  O  O   . ILE A 1 8  ? -9.408  1.022   2.275   1.00 17.39 ? 8   ILE A O   1 
ATOM   59  C  CB  . ILE A 1 8  ? -10.611 -1.580  1.690   1.00 19.07 ? 8   ILE A CB  1 
ATOM   60  C  CG1 . ILE A 1 8  ? -10.814 -2.874  0.933   1.00 22.05 ? 8   ILE A CG1 1 
ATOM   61  C  CG2 . ILE A 1 8  ? -11.803 -1.374  2.609   1.00 20.34 ? 8   ILE A CG2 1 
ATOM   62  C  CD1 . ILE A 1 8  ? -11.002 -4.086  1.811   1.00 25.72 ? 8   ILE A CD1 1 
ATOM   63  N  N   . THR A 1 9  ? -10.858 1.950   0.864   1.00 16.31 ? 9   THR A N   1 
ATOM   64  C  CA  . THR A 1 9  ? -10.663 3.344   1.338   1.00 17.44 ? 9   THR A CA  1 
ATOM   65  C  C   . THR A 1 9  ? -11.832 3.713   2.233   1.00 18.12 ? 9   THR A C   1 
ATOM   66  O  O   . THR A 1 9  ? -12.893 3.078   2.170   1.00 18.24 ? 9   THR A O   1 
ATOM   67  C  CB  . THR A 1 9  ? -10.492 4.347   0.198   1.00 18.68 ? 9   THR A CB  1 
ATOM   68  O  OG1 . THR A 1 9  ? -11.775 4.866   -0.233  1.00 20.13 ? 9   THR A OG1 1 
ATOM   69  C  CG2 . THR A 1 9  ? -9.710  3.804   -0.946  1.00 18.60 ? 9   THR A CG2 1 
ATOM   70  N  N   . PRO A 1 10 ? -11.702 4.802   3.022   1.00 19.39 ? 10  PRO A N   1 
ATOM   71  C  CA  . PRO A 1 10 ? -12.808 5.240   3.850   1.00 21.67 ? 10  PRO A CA  1 
ATOM   72  C  C   . PRO A 1 10 ? -14.063 5.584   3.089   1.00 21.34 ? 10  PRO A C   1 
ATOM   73  O  O   . PRO A 1 10 ? -15.174 5.619   3.677   1.00 24.91 ? 10  PRO A O   1 
ATOM   74  C  CB  . PRO A 1 10 ? -12.247 6.479   4.571   1.00 23.07 ? 10  PRO A CB  1 
ATOM   75  C  CG  . PRO A 1 10 ? -10.768 6.278   4.551   1.00 21.76 ? 10  PRO A CG  1 
ATOM   76  C  CD  . PRO A 1 10 ? -10.453 5.562   3.270   1.00 20.77 ? 10  PRO A CD  1 
ATOM   77  N  N   . ASP A 1 11 ? -13.889 5.951   1.815   1.00 21.86 ? 11  ASP A N   1 
ATOM   78  C  CA  . ASP A 1 11 ? -14.961 6.322   0.936   1.00 23.58 ? 11  ASP A CA  1 
ATOM   79  C  C   . ASP A 1 11 ? -15.410 5.322   -0.079  1.00 22.26 ? 11  ASP A C   1 
ATOM   80  O  O   . ASP A 1 11 ? -16.342 5.602   -0.861  1.00 23.37 ? 11  ASP A O   1 
ATOM   81  C  CB  . ASP A 1 11 ? -14.617 7.648   0.271   1.00 27.73 ? 11  ASP A CB  1 
ATOM   82  C  CG  . ASP A 1 11 ? -14.636 8.790   1.254   1.00 32.84 ? 11  ASP A CG  1 
ATOM   83  O  OD1 . ASP A 1 11 ? -15.544 8.818   2.124   1.00 38.64 ? 11  ASP A OD1 1 
ATOM   84  O  OD2 . ASP A 1 11 ? -13.740 9.647   1.183   1.00 37.09 ? 11  ASP A OD2 1 
ATOM   85  N  N   . GLY A 1 12 ? -14.890 4.134   -0.011  1.00 18.99 ? 12  GLY A N   1 
ATOM   86  C  CA  . GLY A 1 12 ? -15.296 3.096   -0.948  1.00 19.92 ? 12  GLY A CA  1 
ATOM   87  C  C   . GLY A 1 12 ? -14.147 2.207   -1.338  1.00 18.24 ? 12  GLY A C   1 
ATOM   88  O  O   . GLY A 1 12 ? -12.959 2.541   -1.151  1.00 17.65 ? 12  GLY A O   1 
ATOM   89  N  N   . GLU A 1 13 ? -14.505 1.066   -1.944  1.00 18.27 ? 13  GLU A N   1 
ATOM   90  C  CA  . GLU A 1 13 ? -13.474 0.151   -2.423  1.00 19.59 ? 13  GLU A CA  1 
ATOM   91  C  C   . GLU A 1 13 ? -13.224 0.397   -3.892  1.00 19.27 ? 13  GLU A C   1 
ATOM   92  O  O   . GLU A 1 13 ? -14.149 0.666   -4.689  1.00 19.50 ? 13  GLU A O   1 
ATOM   93  C  CB  . GLU A 1 13 ? -13.963 -1.288  -2.244  1.00 21.60 ? 13  GLU A CB  1 
ATOM   94  C  CG  . GLU A 1 13 ? -14.233 -1.660  -0.849  1.00 26.14 ? 13  GLU A CG  1 
ATOM   95  C  CD  . GLU A 1 13 ? -14.709 -3.112  -0.684  1.00 31.09 ? 13  GLU A CD  1 
ATOM   96  O  OE1 . GLU A 1 13 ? -14.834 -3.833  -1.683  1.00 34.33 ? 13  GLU A OE1 1 
ATOM   97  O  OE2 . GLU A 1 13 ? -14.964 -3.500  0.474   1.00 36.14 ? 13  GLU A OE2 1 
ATOM   98  N  N   . SER A 1 14 ? -11.979 0.266   -4.333  1.00 18.75 ? 14  SER A N   1 
ATOM   99  C  CA  . SER A 1 14 ? -11.714 0.335   -5.772  1.00 19.10 ? 14  SER A CA  1 
ATOM   100 C  C   . SER A 1 14 ? -10.630 -0.639  -6.163  1.00 18.77 ? 14  SER A C   1 
ATOM   101 O  O   . SER A 1 14 ? -9.516  -0.578  -5.558  1.00 18.97 ? 14  SER A O   1 
ATOM   102 C  CB  . SER A 1 14 ? -11.247 1.715   -6.203  1.00 22.79 ? 14  SER A CB  1 
ATOM   103 O  OG  . SER A 1 14 ? -11.301 1.790   -7.626  1.00 27.05 ? 14  SER A OG  1 
ATOM   104 N  N   . SER A 1 15 ? -10.879 -1.490  -7.141  1.00 18.31 ? 15  SER A N   1 
ATOM   105 C  CA  . SER A 1 15 ? -9.875  -2.440  -7.618  1.00 18.86 ? 15  SER A CA  1 
ATOM   106 C  C   . SER A 1 15 ? -9.156  -1.829  -8.813  1.00 21.17 ? 15  SER A C   1 
ATOM   107 O  O   . SER A 1 15 ? -9.809  -1.271  -9.729  1.00 23.12 ? 15  SER A O   1 
ATOM   108 C  CB  . SER A 1 15 ? -10.584 -3.721  -8.043  1.00 21.42 ? 15  SER A CB  1 
ATOM   109 O  OG  . SER A 1 15 ? -11.199 -4.325  -6.924  1.00 21.79 ? 15  SER A OG  1 
ATOM   110 N  N   . ILE A 1 16 ? -7.826  -1.877  -8.775  1.00 18.50 ? 16  ILE A N   1 
ATOM   111 C  CA  . ILE A 1 16 ? -6.971  -1.360  -9.802  1.00 20.36 ? 16  ILE A CA  1 
ATOM   112 C  C   . ILE A 1 16 ? -6.018  -2.451  -10.260 1.00 20.00 ? 16  ILE A C   1 
ATOM   113 O  O   . ILE A 1 16 ? -5.838  -3.449  -9.566  1.00 18.72 ? 16  ILE A O   1 
ATOM   114 C  CB  . ILE A 1 16 ? -6.175  -0.138  -9.318  1.00 21.82 ? 16  ILE A CB  1 
ATOM   115 C  CG1 . ILE A 1 16 ? -5.123  -0.511  -8.300  1.00 21.34 ? 16  ILE A CG1 1 
ATOM   116 C  CG2 . ILE A 1 16 ? -7.090  0.966   -8.799  1.00 25.04 ? 16  ILE A CG2 1 
ATOM   117 C  CD1 . ILE A 1 16 ? -4.227  0.680   -7.966  1.00 22.12 ? 16  ILE A CD1 1 
ATOM   118 N  N   . GLU A 1 17 ? -5.438  -2.295  -11.459 1.00 20.32 ? 17  GLU A N   1 
ATOM   119 C  CA  . GLU A 1 17 ? -4.320  -3.189  -11.844 1.00 20.42 ? 17  GLU A CA  1 
ATOM   120 C  C   . GLU A 1 17 ? -3.029  -2.489  -11.489 1.00 19.26 ? 17  GLU A C   1 
ATOM   121 O  O   . GLU A 1 17 ? -2.949  -1.222  -11.480 1.00 21.67 ? 17  GLU A O   1 
ATOM   122 C  CB  . GLU A 1 17 ? -4.393  -3.525  -13.355 1.00 24.93 ? 17  GLU A CB  1 
ATOM   123 C  CG  . GLU A 1 17 ? -5.671  -4.273  -13.658 1.00 30.17 ? 17  GLU A CG  1 
ATOM   124 N  N   . CYS A 1 18 ? -2.070  -3.283  -11.054 1.00 17.02 ? 18  CYS A N   1 
ATOM   125 C  CA  . CYS A 1 18 ? -0.748  -2.800  -10.700 1.00 17.26 ? 18  CYS A CA  1 
ATOM   126 C  C   . CYS A 1 18 ? 0.294   -3.822  -11.131 1.00 19.36 ? 18  CYS A C   1 
ATOM   127 O  O   . CYS A 1 18 ? 0.267   -4.991  -10.728 1.00 19.57 ? 18  CYS A O   1 
ATOM   128 C  CB  . CYS A 1 18 ? -0.635  -2.540  -9.188  1.00 17.73 ? 18  CYS A CB  1 
ATOM   129 S  SG  . CYS A 1 18 ? 0.909   -1.794  -8.611  1.00 18.43 ? 18  CYS A SG  1 
ATOM   130 N  N   . SER A 1 19 ? 1.238   -3.372  -11.936 1.00 20.95 ? 19  SER A N   1 
ATOM   131 C  CA  A SER A 1 19 ? 2.354   -4.179  -12.362 0.50 22.85 ? 19  SER A CA  1 
ATOM   132 C  CA  B SER A 1 19 ? 2.298   -4.276  -12.335 0.50 21.71 ? 19  SER A CA  1 
ATOM   133 C  C   . SER A 1 19 ? 3.237   -4.592  -11.193 1.00 20.23 ? 19  SER A C   1 
ATOM   134 O  O   . SER A 1 19 ? 3.293   -3.867  -10.176 1.00 21.18 ? 19  SER A O   1 
ATOM   135 C  CB  A SER A 1 19 ? 3.181   -3.359  -13.377 0.50 26.25 ? 19  SER A CB  1 
ATOM   136 C  CB  B SER A 1 19 ? 3.107   -3.710  -13.494 0.50 23.97 ? 19  SER A CB  1 
ATOM   137 O  OG  A SER A 1 19 ? 2.433   -3.103  -14.577 0.50 30.65 ? 19  SER A OG  1 
ATOM   138 O  OG  B SER A 1 19 ? 4.121   -2.863  -13.001 0.50 23.86 ? 19  SER A OG  1 
ATOM   139 N  N   . ASP A 1 20 ? 4.008   -5.694  -11.363 1.00 21.24 ? 20  ASP A N   1 
ATOM   140 C  CA  . ASP A 1 20 ? 4.936   -6.130  -10.332 1.00 21.62 ? 20  ASP A CA  1 
ATOM   141 C  C   . ASP A 1 20 ? 6.073   -5.116  -10.091 1.00 21.39 ? 20  ASP A C   1 
ATOM   142 O  O   . ASP A 1 20 ? 6.785   -5.238  -9.100  1.00 21.50 ? 20  ASP A O   1 
ATOM   143 C  CB  . ASP A 1 20 ? 5.555   -7.451  -10.729 1.00 24.88 ? 20  ASP A CB  1 
ATOM   144 C  CG  . ASP A 1 20 ? 6.306   -7.336  -12.009 1.00 27.91 ? 20  ASP A CG  1 
ATOM   145 O  OD1 . ASP A 1 20 ? 7.445   -6.867  -11.993 1.00 37.02 ? 20  ASP A OD1 1 
ATOM   146 O  OD2 . ASP A 1 20 ? 5.856   -7.741  -13.080 1.00 36.75 ? 20  ASP A OD2 1 
ATOM   147 N  N   . ASP A 1 21 ? 6.253   -4.171  -11.037 1.00 22.03 ? 21  ASP A N   1 
ATOM   148 C  CA  . ASP A 1 21 ? 7.299   -3.180  -10.900 1.00 23.32 ? 21  ASP A CA  1 
ATOM   149 C  C   . ASP A 1 21 ? 6.750   -1.778  -10.738 1.00 23.54 ? 21  ASP A C   1 
ATOM   150 O  O   . ASP A 1 21 ? 7.451   -0.747  -10.979 1.00 23.88 ? 21  ASP A O   1 
ATOM   151 C  CB  . ASP A 1 21 ? 8.275   -3.275  -12.106 1.00 27.16 ? 21  ASP A CB  1 
ATOM   152 C  CG  . ASP A 1 21 ? 7.631   -2.875  -13.405 1.00 30.35 ? 21  ASP A CG  1 
ATOM   153 O  OD1 . ASP A 1 21 ? 6.397   -2.653  -13.462 1.00 35.75 ? 21  ASP A OD1 1 
ATOM   154 O  OD2 . ASP A 1 21 ? 8.368   -2.765  -14.422 1.00 37.89 ? 21  ASP A OD2 1 
ATOM   155 N  N   . THR A 1 22 ? 5.536   -1.680  -10.261 1.00 19.75 ? 22  THR A N   1 
ATOM   156 C  CA  . THR A 1 22 ? 4.955   -0.378  -9.971  1.00 20.42 ? 22  THR A CA  1 
ATOM   157 C  C   . THR A 1 22 ? 4.559   -0.338  -8.477  1.00 18.09 ? 22  THR A C   1 
ATOM   158 O  O   . THR A 1 22 ? 3.940   -1.272  -7.992  1.00 18.16 ? 22  THR A O   1 
ATOM   159 C  CB  . THR A 1 22 ? 3.738   -0.135  -10.809 1.00 21.99 ? 22  THR A CB  1 
ATOM   160 O  OG1 . THR A 1 22 ? 4.140   -0.084  -12.185 1.00 26.10 ? 22  THR A OG1 1 
ATOM   161 C  CG2 . THR A 1 22 ? 3.000   1.183   -10.475 1.00 23.43 ? 22  THR A CG2 1 
ATOM   162 N  N   . TYR A 1 23 ? 4.895   0.750   -7.797  1.00 18.84 ? 23  TYR A N   1 
ATOM   163 C  CA  . TYR A 1 23 ? 4.481   0.878   -6.433  1.00 16.99 ? 23  TYR A CA  1 
ATOM   164 C  C   . TYR A 1 23 ? 2.956   1.069   -6.367  1.00 16.68 ? 23  TYR A C   1 
ATOM   165 O  O   . TYR A 1 23 ? 2.319   1.712   -7.213  1.00 17.87 ? 23  TYR A O   1 
ATOM   166 C  CB  . TYR A 1 23 ? 5.138   2.046   -5.757  1.00 18.54 ? 23  TYR A CB  1 
ATOM   167 C  CG  . TYR A 1 23 ? 6.620   2.012   -5.504  1.00 18.88 ? 23  TYR A CG  1 
ATOM   168 C  CD1 . TYR A 1 23 ? 7.242   0.933   -4.968  1.00 19.12 ? 23  TYR A CD1 1 
ATOM   169 C  CD2 . TYR A 1 23 ? 7.357   3.143   -5.772  1.00 21.33 ? 23  TYR A CD2 1 
ATOM   170 C  CE1 . TYR A 1 23 ? 8.621   0.968   -4.697  1.00 20.95 ? 23  TYR A CE1 1 
ATOM   171 C  CE2 . TYR A 1 23 ? 8.717   3.169   -5.553  1.00 22.82 ? 23  TYR A CE2 1 
ATOM   172 C  CZ  . TYR A 1 23 ? 9.310   2.066   -5.025  1.00 22.52 ? 23  TYR A CZ  1 
ATOM   173 O  OH  . TYR A 1 23 ? 10.664  2.169   -4.795  1.00 27.39 ? 23  TYR A OH  1 
ATOM   174 N  N   . ILE A 1 24 ? 2.372   0.535   -5.319  1.00 16.66 ? 24  ILE A N   1 
ATOM   175 C  CA  A ILE A 1 24 ? 0.930   0.571   -5.202  0.50 15.79 ? 24  ILE A CA  1 
ATOM   176 C  CA  B ILE A 1 24 ? 0.906   0.570   -5.081  0.50 16.32 ? 24  ILE A CA  1 
ATOM   177 C  C   . ILE A 1 24 ? 0.417   2.010   -5.193  1.00 15.97 ? 24  ILE A C   1 
ATOM   178 O  O   . ILE A 1 24 ? -0.537  2.320   -5.867  1.00 16.66 ? 24  ILE A O   1 
ATOM   179 C  CB  A ILE A 1 24 ? 0.434   -0.261  -4.039  0.50 14.90 ? 24  ILE A CB  1 
ATOM   180 C  CB  B ILE A 1 24 ? 0.507   0.015   -3.694  0.50 16.58 ? 24  ILE A CB  1 
ATOM   181 C  CG1 A ILE A 1 24 ? 0.734   -1.737  -4.321  0.50 14.19 ? 24  ILE A CG1 1 
ATOM   182 C  CG1 B ILE A 1 24 ? 0.799   -1.501  -3.539  0.50 16.88 ? 24  ILE A CG1 1 
ATOM   183 C  CG2 A ILE A 1 24 ? -1.055  -0.025  -3.811  0.50 14.77 ? 24  ILE A CG2 1 
ATOM   184 C  CG2 B ILE A 1 24 ? -0.946  0.363   -3.318  0.50 15.65 ? 24  ILE A CG2 1 
ATOM   185 C  CD1 A ILE A 1 24 ? 0.879   -2.544  -3.073  0.50 14.67 ? 24  ILE A CD1 1 
ATOM   186 C  CD1 B ILE A 1 24 ? -0.062  -2.491  -4.267  0.50 18.08 ? 24  ILE A CD1 1 
ATOM   187 N  N   . LEU A 1 25 ? 1.086   2.950   -4.504  1.00 16.60 ? 25  LEU A N   1 
ATOM   188 C  CA  . LEU A 1 25 ? 0.652   4.340   -4.511  1.00 17.33 ? 25  LEU A CA  1 
ATOM   189 C  C   . LEU A 1 25 ? 0.633   4.965   -5.923  1.00 19.37 ? 25  LEU A C   1 
ATOM   190 O  O   . LEU A 1 25 ? -0.309  5.663   -6.339  1.00 18.89 ? 25  LEU A O   1 
ATOM   191 C  CB  . LEU A 1 25 ? 1.564   5.156   -3.567  1.00 19.30 ? 25  LEU A CB  1 
ATOM   192 C  CG  . LEU A 1 25 ? 1.311   6.656   -3.544  1.00 21.41 ? 25  LEU A CG  1 
ATOM   193 C  CD1 . LEU A 1 25 ? -0.106  6.902   -3.080  1.00 22.57 ? 25  LEU A CD1 1 
ATOM   194 C  CD2 . LEU A 1 25 ? 2.355   7.388   -2.709  1.00 23.13 ? 25  LEU A CD2 1 
ATOM   195 N  N   . ASP A 1 26 ? 1.694   4.675   -6.668  1.00 19.60 ? 26  ASP A N   1 
ATOM   196 C  CA  . ASP A 1 26 ? 1.824   5.156   -8.043  1.00 22.07 ? 26  ASP A CA  1 
ATOM   197 C  C   . ASP A 1 26 ? 0.698   4.580   -8.908  1.00 21.02 ? 26  ASP A C   1 
ATOM   198 O  O   . ASP A 1 26 ? 0.079   5.287   -9.751  1.00 22.53 ? 26  ASP A O   1 
ATOM   199 C  CB  . ASP A 1 26 ? 3.211   4.838   -8.653  1.00 25.32 ? 26  ASP A CB  1 
ATOM   200 C  CG  . ASP A 1 26 ? 4.361   5.413   -7.892  1.00 27.17 ? 26  ASP A CG  1 
ATOM   201 O  OD1 . ASP A 1 26 ? 4.191   6.061   -6.873  1.00 38.12 ? 26  ASP A OD1 1 
ATOM   202 O  OD2 . ASP A 1 26 ? 5.484   5.170   -8.289  1.00 32.47 ? 26  ASP A OD2 1 
ATOM   203 N  N   . ALA A 1 27 ? 0.391   3.294   -8.728  1.00 20.60 ? 27  ALA A N   1 
ATOM   204 C  CA  . ALA A 1 27 ? -0.681  2.652   -9.533  1.00 19.47 ? 27  ALA A CA  1 
ATOM   205 C  C   . ALA A 1 27 ? -2.001  3.298   -9.212  1.00 19.61 ? 27  ALA A C   1 
ATOM   206 O  O   . ALA A 1 27 ? -2.837  3.548   -10.104 1.00 21.80 ? 27  ALA A O   1 
ATOM   207 C  CB  . ALA A 1 27 ? -0.748  1.145   -9.345  1.00 19.65 ? 27  ALA A CB  1 
ATOM   208 N  N   . ALA A 1 28 ? -2.190  3.604   -7.930  1.00 18.58 ? 28  ALA A N   1 
ATOM   209 C  CA  . ALA A 1 28 ? -3.447  4.191   -7.470  1.00 19.44 ? 28  ALA A CA  1 
ATOM   210 C  C   . ALA A 1 28 ? -3.594  5.567   -8.083  1.00 22.59 ? 28  ALA A C   1 
ATOM   211 O  O   . ALA A 1 28 ? -4.656  5.913   -8.613  1.00 26.09 ? 28  ALA A O   1 
ATOM   212 C  CB  . ALA A 1 28 ? -3.495  4.259   -5.951  1.00 19.29 ? 28  ALA A CB  1 
ATOM   213 N  N   . GLU A 1 29 ? -2.521  6.328   -8.087  1.00 25.33 ? 29  GLU A N   1 
ATOM   214 C  CA  . GLU A 1 29 ? -2.597  7.673   -8.625  1.00 28.35 ? 29  GLU A CA  1 
ATOM   215 C  C   . GLU A 1 29 ? -2.873  7.635   -10.103 1.00 32.40 ? 29  GLU A C   1 
ATOM   216 O  O   . GLU A 1 29 ? -3.687  8.421   -10.589 1.00 30.56 ? 29  GLU A O   1 
ATOM   217 C  CB  . GLU A 1 29 ? -1.314  8.386   -8.307  1.00 28.61 ? 29  GLU A CB  1 
ATOM   218 C  CG  . GLU A 1 29 ? -1.296  8.889   -6.873  1.00 30.23 ? 29  GLU A CG  1 
ATOM   219 C  CD  . GLU A 1 29 ? 0.071   9.378   -6.427  1.00 34.43 ? 29  GLU A CD  1 
ATOM   220 O  OE1 . GLU A 1 29 ? 1.074   9.082   -7.157  1.00 37.79 ? 29  GLU A OE1 1 
ATOM   221 O  OE2 . GLU A 1 29 ? 0.146   9.973   -5.327  1.00 36.90 ? 29  GLU A OE2 1 
ATOM   222 N  N   . GLU A 1 30 ? -2.216  6.735   -10.837 1.00 30.81 ? 30  GLU A N   1 
ATOM   223 C  CA  . GLU A 1 30 ? -2.462  6.611   -12.295 1.00 35.92 ? 30  GLU A CA  1 
ATOM   224 C  C   . GLU A 1 30 ? -3.922  6.285   -12.588 1.00 38.18 ? 30  GLU A C   1 
ATOM   225 O  O   . GLU A 1 30 ? -4.478  6.744   -13.610 1.00 38.30 ? 30  GLU A O   1 
ATOM   226 C  CB  . GLU A 1 30 ? -1.623  5.492   -12.949 1.00 37.97 ? 30  GLU A CB  1 
ATOM   227 C  CG  . GLU A 1 30 ? -0.089  5.591   -12.897 1.00 44.30 ? 30  GLU A CG  1 
ATOM   228 C  CD  . GLU A 1 30 ? 0.626   4.260   -13.249 1.00 47.79 ? 30  GLU A CD  1 
ATOM   229 O  OE1 . GLU A 1 30 ? -0.044  3.268   -13.601 1.00 51.76 ? 30  GLU A OE1 1 
ATOM   230 O  OE2 . GLU A 1 30 ? 1.881   4.182   -13.168 1.00 52.21 ? 30  GLU A OE2 1 
ATOM   231 N  N   . ALA A 1 31 ? -4.538  5.485   -11.728 1.00 32.88 ? 31  ALA A N   1 
ATOM   232 C  CA  . ALA A 1 31 ? -5.918  5.027   -11.901 1.00 33.16 ? 31  ALA A CA  1 
ATOM   233 C  C   . ALA A 1 31 ? -6.908  6.088   -11.478 1.00 32.55 ? 31  ALA A C   1 
ATOM   234 O  O   . ALA A 1 31 ? -8.084  5.895   -11.660 1.00 34.05 ? 31  ALA A O   1 
ATOM   235 C  CB  . ALA A 1 31 ? -6.197  3.783   -11.100 1.00 30.76 ? 31  ALA A CB  1 
ATOM   236 N  N   . GLY A 1 32 ? -6.449  7.159   -10.865 1.00 34.45 ? 32  GLY A N   1 
ATOM   237 C  CA  . GLY A 1 32 ? -7.320  8.289   -10.536 1.00 35.22 ? 32  GLY A CA  1 
ATOM   238 C  C   . GLY A 1 32 ? -7.783  8.301   -9.095  1.00 35.10 ? 32  GLY A C   1 
ATOM   239 O  O   . GLY A 1 32 ? -8.752  8.991   -8.750  1.00 38.92 ? 32  GLY A O   1 
ATOM   240 N  N   . LEU A 1 33 ? -7.123  7.533   -8.221  1.00 30.05 ? 33  LEU A N   1 
ATOM   241 C  CA  . LEU A 1 33 ? -7.432  7.595   -6.815  1.00 29.47 ? 33  LEU A CA  1 
ATOM   242 C  C   . LEU A 1 33 ? -6.565  8.655   -6.181  1.00 33.04 ? 33  LEU A C   1 
ATOM   243 O  O   . LEU A 1 33 ? -5.541  9.008   -6.758  1.00 37.50 ? 33  LEU A O   1 
ATOM   244 C  CB  . LEU A 1 33 ? -7.228  6.250   -6.164  1.00 30.32 ? 33  LEU A CB  1 
ATOM   245 C  CG  . LEU A 1 33 ? -8.148  5.138   -6.681  1.00 31.36 ? 33  LEU A CG  1 
ATOM   246 C  CD1 . LEU A 1 33 ? -7.805  3.834   -5.991  1.00 32.40 ? 33  LEU A CD1 1 
ATOM   247 C  CD2 . LEU A 1 33 ? -9.611  5.459   -6.424  1.00 33.26 ? 33  LEU A CD2 1 
ATOM   248 N  N   . ASP A 1 34 ? -6.950  9.140   -5.006  1.00 33.90 ? 34  ASP A N   1 
ATOM   249 C  CA  . ASP A 1 34 ? -6.222  10.161  -4.251  1.00 38.94 ? 34  ASP A CA  1 
ATOM   250 C  C   . ASP A 1 34 ? -5.761  9.604   -2.892  1.00 34.79 ? 34  ASP A C   1 
ATOM   251 O  O   . ASP A 1 34 ? -6.312  9.960   -1.859  1.00 38.07 ? 34  ASP A O   1 
ATOM   252 C  CB  . ASP A 1 34 ? -7.155  11.372  -4.036  1.00 44.56 ? 34  ASP A CB  1 
ATOM   253 C  CG  . ASP A 1 34 ? -6.476  12.582  -3.252  1.00 51.11 ? 34  ASP A CG  1 
ATOM   254 O  OD1 . ASP A 1 34 ? -5.389  12.419  -2.641  1.00 57.16 ? 34  ASP A OD1 1 
ATOM   255 O  OD2 . ASP A 1 34 ? -7.059  13.702  -3.240  1.00 61.53 ? 34  ASP A OD2 1 
ATOM   256 N  N   . LEU A 1 35 ? -4.718  8.804   -2.863  1.00 28.52 ? 35  LEU A N   1 
ATOM   257 C  CA  . LEU A 1 35 ? -4.261  8.239   -1.570  1.00 26.11 ? 35  LEU A CA  1 
ATOM   258 C  C   . LEU A 1 35 ? -3.236  9.097   -0.833  1.00 26.29 ? 35  LEU A C   1 
ATOM   259 O  O   . LEU A 1 35 ? -2.473  9.802   -1.460  1.00 26.92 ? 35  LEU A O   1 
ATOM   260 C  CB  . LEU A 1 35 ? -3.686  6.836   -1.768  1.00 24.50 ? 35  LEU A CB  1 
ATOM   261 C  CG  . LEU A 1 35 ? -4.603  5.789   -2.412  1.00 25.41 ? 35  LEU A CG  1 
ATOM   262 C  CD1 . LEU A 1 35 ? -3.951  4.387   -2.414  1.00 23.38 ? 35  LEU A CD1 1 
ATOM   263 C  CD2 . LEU A 1 35 ? -5.988  5.860   -1.770  1.00 27.36 ? 35  LEU A CD2 1 
ATOM   264 N  N   . PRO A 1 36 ? -3.207  9.029   0.503   1.00 23.34 ? 36  PRO A N   1 
ATOM   265 C  CA  . PRO A 1 36 ? -2.316  9.943   1.214   1.00 23.77 ? 36  PRO A CA  1 
ATOM   266 C  C   . PRO A 1 36 ? -0.815  9.600   1.159   1.00 23.19 ? 36  PRO A C   1 
ATOM   267 O  O   . PRO A 1 36 ? -0.406  8.435   1.104   1.00 21.05 ? 36  PRO A O   1 
ATOM   268 C  CB  . PRO A 1 36 ? -2.821  9.829   2.665   1.00 24.70 ? 36  PRO A CB  1 
ATOM   269 C  CG  . PRO A 1 36 ? -3.332  8.476   2.785   1.00 24.18 ? 36  PRO A CG  1 
ATOM   270 C  CD  . PRO A 1 36 ? -3.983  8.195   1.447   1.00 23.90 ? 36  PRO A CD  1 
ATOM   271 N  N   . TYR A 1 37 ? 0.036   10.611  1.178   1.00 24.42 ? 37  TYR A N   1 
ATOM   272 C  CA  . TYR A 1 37 ? 1.472   10.385  1.254   1.00 24.35 ? 37  TYR A CA  1 
ATOM   273 C  C   . TYR A 1 37 ? 2.149   11.718  1.683   1.00 24.90 ? 37  TYR A C   1 
ATOM   274 O  O   . TYR A 1 37 ? 1.510   12.736  1.621   1.00 27.24 ? 37  TYR A O   1 
ATOM   275 C  CB  . TYR A 1 37 ? 2.004   9.924   -0.130  1.00 24.89 ? 37  TYR A CB  1 
ATOM   276 C  CG  . TYR A 1 37 ? 1.849   10.960  -1.161  1.00 28.68 ? 37  TYR A CG  1 
ATOM   277 C  CD1 . TYR A 1 37 ? 2.843   11.920  -1.346  1.00 31.40 ? 37  TYR A CD1 1 
ATOM   278 C  CD2 . TYR A 1 37 ? 0.671   11.058  -1.922  1.00 30.04 ? 37  TYR A CD2 1 
ATOM   279 C  CE1 . TYR A 1 37 ? 2.687   12.947  -2.275  1.00 34.78 ? 37  TYR A CE1 1 
ATOM   280 C  CE2 . TYR A 1 37 ? 0.522   12.085  -2.836  1.00 34.14 ? 37  TYR A CE2 1 
ATOM   281 C  CZ  . TYR A 1 37 ? 1.544   13.013  -2.993  1.00 32.91 ? 37  TYR A CZ  1 
ATOM   282 O  OH  . TYR A 1 37 ? 1.467   14.009  -3.929  1.00 40.87 ? 37  TYR A OH  1 
ATOM   283 N  N   . SER A 1 38 ? 3.413   11.655  2.083   1.00 23.76 ? 38  SER A N   1 
ATOM   284 C  CA  . SER A 1 38 ? 4.238   12.822  2.414   1.00 25.23 ? 38  SER A CA  1 
ATOM   285 C  C   . SER A 1 38 ? 5.600   12.581  1.816   1.00 26.49 ? 38  SER A C   1 
ATOM   286 O  O   . SER A 1 38 ? 5.844   12.980  0.710   1.00 29.60 ? 38  SER A O   1 
ATOM   287 C  CB  . SER A 1 38 ? 4.350   12.933  3.930   1.00 25.68 ? 38  SER A CB  1 
ATOM   288 O  OG  . SER A 1 38 ? 5.005   14.169  4.259   1.00 31.12 ? 38  SER A OG  1 
ATOM   289 N  N   . CYS A 1 39 ? 6.460   11.786  2.481   1.00 26.16 ? 39  CYS A N   1 
ATOM   290 C  CA  . CYS A 1 39 ? 7.897   11.756  2.128   1.00 27.97 ? 39  CYS A CA  1 
ATOM   291 C  C   . CYS A 1 39 ? 8.186   10.946  0.866   1.00 28.75 ? 39  CYS A C   1 
ATOM   292 O  O   . CYS A 1 39 ? 9.206   11.106  0.217   1.00 31.01 ? 39  CYS A O   1 
ATOM   293 C  CB  . CYS A 1 39 ? 8.714   11.187  3.312   1.00 28.56 ? 39  CYS A CB  1 
ATOM   294 S  SG  . CYS A 1 39 ? 8.576   9.362   3.460   1.00 25.89 ? 39  CYS A SG  1 
ATOM   295 N  N   . ARG A 1 40 ? 7.294   10.018  0.550   1.00 26.33 ? 40  ARG A N   1 
ATOM   296 C  CA  . ARG A 1 40 ? 7.423   9.132   -0.571  1.00 30.66 ? 40  ARG A CA  1 
ATOM   297 C  C   . ARG A 1 40 ? 8.684   8.311   -0.600  1.00 27.15 ? 40  ARG A C   1 
ATOM   298 O  O   . ARG A 1 40 ? 9.090   7.849   -1.688  1.00 29.79 ? 40  ARG A O   1 
ATOM   299 C  CB  . ARG A 1 40 ? 7.214   9.923   -1.858  1.00 34.25 ? 40  ARG A CB  1 
ATOM   300 C  CG  . ARG A 1 40 ? 6.227   9.290   -2.793  1.00 38.83 ? 40  ARG A CG  1 
ATOM   301 C  CD  . ARG A 1 40 ? 5.634   10.305  -3.748  1.00 42.98 ? 40  ARG A CD  1 
ATOM   302 N  NE  . ARG A 1 40 ? 5.065   9.603   -4.897  1.00 44.78 ? 40  ARG A NE  1 
ATOM   303 C  CZ  . ARG A 1 40 ? 3.792   9.673   -5.296  1.00 46.64 ? 40  ARG A CZ  1 
ATOM   304 N  NH1 . ARG A 1 40 ? 2.924   10.454  -4.678  1.00 47.18 ? 40  ARG A NH1 1 
ATOM   305 N  NH2 . ARG A 1 40 ? 3.397   8.972   -6.356  1.00 44.18 ? 40  ARG A NH2 1 
ATOM   306 N  N   . ALA A 1 41 ? 9.292   8.091   0.565   1.00 25.20 ? 41  ALA A N   1 
ATOM   307 C  CA  . ALA A 1 41 ? 10.601  7.450   0.658   1.00 27.55 ? 41  ALA A CA  1 
ATOM   308 C  C   . ALA A 1 41 ? 10.744  6.316   1.691   1.00 27.15 ? 41  ALA A C   1 
ATOM   309 O  O   . ALA A 1 41 ? 11.868  5.780   1.940   1.00 28.74 ? 41  ALA A O   1 
ATOM   310 C  CB  . ALA A 1 41 ? 11.646  8.546   0.904   1.00 29.79 ? 41  ALA A CB  1 
ATOM   311 N  N   . GLY A 1 42 ? 9.599   5.861   2.227   1.00 24.40 ? 42  GLY A N   1 
ATOM   312 C  CA  . GLY A 1 42 ? 9.593   4.783   3.165   1.00 24.40 ? 42  GLY A CA  1 
ATOM   313 C  C   . GLY A 1 42 ? 9.918   5.178   4.588   1.00 24.41 ? 42  GLY A C   1 
ATOM   314 O  O   . GLY A 1 42 ? 10.091  4.305   5.436   1.00 23.80 ? 42  GLY A O   1 
ATOM   315 N  N   . ALA A 1 43 ? 9.990   6.461   4.868   1.00 25.64 ? 43  ALA A N   1 
ATOM   316 C  CA  . ALA A 1 43 ? 10.484  6.930   6.195   1.00 25.19 ? 43  ALA A CA  1 
ATOM   317 C  C   . ALA A 1 43 ? 9.488   7.754   7.018   1.00 25.43 ? 43  ALA A C   1 
ATOM   318 O  O   . ALA A 1 43 ? 9.848   8.496   7.929   1.00 26.75 ? 43  ALA A O   1 
ATOM   319 C  CB  . ALA A 1 43 ? 11.804  7.675   6.036   1.00 25.08 ? 43  ALA A CB  1 
ATOM   320 N  N   . CYS A 1 44 ? 8.222   7.553   6.738   1.00 23.16 ? 44  CYS A N   1 
ATOM   321 C  CA  . CYS A 1 44 ? 7.104   8.061   7.560   1.00 22.50 ? 44  CYS A CA  1 
ATOM   322 C  C   . CYS A 1 44 ? 5.907   7.105   7.540   1.00 23.90 ? 44  CYS A C   1 
ATOM   323 O  O   . CYS A 1 44 ? 6.050   5.965   7.091   1.00 23.15 ? 44  CYS A O   1 
ATOM   324 C  CB  . CYS A 1 44 ? 6.764   9.486   7.144   1.00 23.68 ? 44  CYS A CB  1 
ATOM   325 S  SG  . CYS A 1 44 ? 5.611   9.701   5.751   1.00 23.92 ? 44  CYS A SG  1 
ATOM   326 N  N   . SER A 1 45 ? 4.801   7.533   8.131   1.00 23.30 ? 45  SER A N   1 
ATOM   327 C  CA  . SER A 1 45 ? 3.618   6.726   8.129   1.00 22.00 ? 45  SER A CA  1 
ATOM   328 C  C   . SER A 1 45 ? 2.472   7.304   7.323   1.00 22.17 ? 45  SER A C   1 
ATOM   329 O  O   . SER A 1 45 ? 1.414   6.686   7.364   1.00 22.06 ? 45  SER A O   1 
ATOM   330 C  CB  . SER A 1 45 ? 3.196   6.483   9.556   1.00 23.06 ? 45  SER A CB  1 
ATOM   331 O  OG  . SER A 1 45 ? 3.043   7.643   10.250  1.00 27.55 ? 45  SER A OG  1 
ATOM   332 N  N   . THR A 1 46 ? 2.665   8.395   6.569   1.00 22.28 ? 46  THR A N   1 
ATOM   333 C  CA  . THR A 1 46 ? 1.530   9.053   5.960   1.00 21.85 ? 46  THR A CA  1 
ATOM   334 C  C   . THR A 1 46 ? 0.752   8.127   5.027   1.00 21.31 ? 46  THR A C   1 
ATOM   335 O  O   . THR A 1 46 ? -0.498  8.182   4.979   1.00 21.28 ? 46  THR A O   1 
ATOM   336 C  CB  . THR A 1 46 ? 1.953   10.337  5.243   1.00 23.31 ? 46  THR A CB  1 
ATOM   337 O  OG1 . THR A 1 46 ? 2.498   11.205  6.224   1.00 25.29 ? 46  THR A OG1 1 
ATOM   338 C  CG2 . THR A 1 46 ? 0.830   11.043  4.666   1.00 25.15 ? 46  THR A CG2 1 
ATOM   339 N  N   . CYS A 1 47 ? 1.492   7.307   4.304   1.00 21.13 ? 47  CYS A N   1 
ATOM   340 C  CA  . CYS A 1 47 ? 0.935   6.488   3.230   1.00 18.33 ? 47  CYS A CA  1 
ATOM   341 C  C   . CYS A 1 47 ? 0.584   5.070   3.737   1.00 17.69 ? 47  CYS A C   1 
ATOM   342 O  O   . CYS A 1 47 ? 0.408   4.122   2.893   1.00 17.39 ? 47  CYS A O   1 
ATOM   343 C  CB  . CYS A 1 47 ? 1.962   6.318   2.062   1.00 19.03 ? 47  CYS A CB  1 
ATOM   344 S  SG  . CYS A 1 47 ? 3.354   5.298   2.532   1.00 18.88 ? 47  CYS A SG  1 
ATOM   345 N  N   . ALA A 1 48 ? 0.567   4.894   5.055   1.00 18.56 ? 48  ALA A N   1 
ATOM   346 C  CA  . ALA A 1 48 ? 0.298   3.553   5.622   1.00 17.01 ? 48  ALA A CA  1 
ATOM   347 C  C   . ALA A 1 48 ? -1.023  2.963   5.148   1.00 16.93 ? 48  ALA A C   1 
ATOM   348 O  O   . ALA A 1 48 ? -2.060  3.633   5.115   1.00 16.85 ? 48  ALA A O   1 
ATOM   349 C  CB  . ALA A 1 48 ? 0.286   3.594   7.111   1.00 18.19 ? 48  ALA A CB  1 
ATOM   350 N  N   . GLY A 1 49 ? -0.955  1.705   4.770   1.00 16.06 ? 49  GLY A N   1 
ATOM   351 C  CA  . GLY A 1 49 ? -2.174  0.896   4.562   1.00 14.75 ? 49  GLY A CA  1 
ATOM   352 C  C   . GLY A 1 49 ? -1.959  -0.416  5.285   1.00 14.45 ? 49  GLY A C   1 
ATOM   353 O  O   . GLY A 1 49 ? -1.011  -0.601  6.077   1.00 15.89 ? 49  GLY A O   1 
ATOM   354 N  N   . LYS A 1 50 ? -2.951  -1.325  5.186   1.00 14.97 ? 50  LYS A N   1 
ATOM   355 C  CA  . LYS A 1 50 ? -2.897  -2.619  5.868   1.00 15.41 ? 50  LYS A CA  1 
ATOM   356 C  C   . LYS A 1 50 ? -3.348  -3.658  4.909   1.00 16.75 ? 50  LYS A C   1 
ATOM   357 O  O   . LYS A 1 50 ? -4.460  -3.598  4.453   1.00 15.60 ? 50  LYS A O   1 
ATOM   358 C  CB  . LYS A 1 50 ? -3.706  -2.694  7.154   1.00 18.36 ? 50  LYS A CB  1 
ATOM   359 C  CG  . LYS A 1 50 ? -3.339  -3.954  7.953   1.00 21.48 ? 50  LYS A CG  1 
ATOM   360 C  CD  . LYS A 1 50 ? -4.160  -4.130  9.219   1.00 25.84 ? 50  LYS A CD  1 
ATOM   361 C  CE  . LYS A 1 50 ? -5.548  -4.387  8.766   1.00 26.18 ? 50  LYS A CE  1 
ATOM   362 N  NZ  . LYS A 1 50 ? -6.434  -5.031  9.780   1.00 31.55 ? 50  LYS A NZ  1 
ATOM   363 N  N   . ILE A 1 51 ? -2.492  -4.640  4.674   1.00 14.94 ? 51  ILE A N   1 
ATOM   364 C  CA  . ILE A 1 51 ? -2.803  -5.777  3.812   1.00 15.59 ? 51  ILE A CA  1 
ATOM   365 C  C   . ILE A 1 51 ? -3.741  -6.706  4.529   1.00 17.10 ? 51  ILE A C   1 
ATOM   366 O  O   . ILE A 1 51 ? -3.460  -7.145  5.649   1.00 18.32 ? 51  ILE A O   1 
ATOM   367 C  CB  . ILE A 1 51 ? -1.522  -6.591  3.473   1.00 17.04 ? 51  ILE A CB  1 
ATOM   368 C  CG1 . ILE A 1 51 ? -0.515  -5.689  2.820   1.00 18.87 ? 51  ILE A CG1 1 
ATOM   369 C  CG2 . ILE A 1 51 ? -1.840  -7.788  2.571   1.00 18.89 ? 51  ILE A CG2 1 
ATOM   370 C  CD1 . ILE A 1 51 ? 0.879   -6.275  2.913   1.00 20.67 ? 51  ILE A CD1 1 
ATOM   371 N  N   . THR A 1 52 ? -4.885  -7.038  3.910   1.00 16.31 ? 52  THR A N   1 
ATOM   372 C  CA  . THR A 1 52 ? -5.765  -8.063  4.425   1.00 20.40 ? 52  THR A CA  1 
ATOM   373 C  C   . THR A 1 52 ? -5.848  -9.343  3.588   1.00 19.87 ? 52  THR A C   1 
ATOM   374 O  O   . THR A 1 52 ? -6.393  -10.378 4.030   1.00 22.23 ? 52  THR A O   1 
ATOM   375 C  CB  . THR A 1 52 ? -7.192  -7.453  4.637   1.00 21.41 ? 52  THR A CB  1 
ATOM   376 O  OG1 . THR A 1 52 ? -7.713  -6.939  3.407   1.00 21.09 ? 52  THR A OG1 1 
ATOM   377 C  CG2 . THR A 1 52 ? -7.075  -6.267  5.644   1.00 22.02 ? 52  THR A CG2 1 
ATOM   378 N  N   . ALA A 1 53 ? -5.276  -9.325  2.389   1.00 17.35 ? 53  ALA A N   1 
ATOM   379 C  CA  . ALA A 1 53 ? -5.071  -10.527 1.583   1.00 18.23 ? 53  ALA A CA  1 
ATOM   380 C  C   . ALA A 1 53 ? -3.911  -10.277 0.647   1.00 16.96 ? 53  ALA A C   1 
ATOM   381 O  O   . ALA A 1 53 ? -3.741  -9.139  0.203   1.00 15.68 ? 53  ALA A O   1 
ATOM   382 C  CB  . ALA A 1 53 ? -6.307  -10.841 0.802   1.00 19.36 ? 53  ALA A CB  1 
ATOM   383 N  N   . GLY A 1 54 ? -3.123  -11.286 0.390   1.00 17.85 ? 54  GLY A N   1 
ATOM   384 C  CA  . GLY A 1 54 ? -2.024  -11.231 -0.583  1.00 17.17 ? 54  GLY A CA  1 
ATOM   385 C  C   . GLY A 1 54 ? -0.745  -10.739 0.065   1.00 17.89 ? 54  GLY A C   1 
ATOM   386 O  O   . GLY A 1 54 ? -0.608  -10.701 1.289   1.00 18.66 ? 54  GLY A O   1 
ATOM   387 N  N   . SER A 1 55 ? 0.172   -10.366 -0.815  1.00 16.61 ? 55  SER A N   1 
ATOM   388 C  CA  . SER A 1 55 ? 1.566   -10.040 -0.380  1.00 16.26 ? 55  SER A CA  1 
ATOM   389 C  C   . SER A 1 55 ? 2.118   -8.903  -1.186  1.00 16.96 ? 55  SER A C   1 
ATOM   390 O  O   . SER A 1 55 ? 1.672   -8.627  -2.310  1.00 17.18 ? 55  SER A O   1 
ATOM   391 C  CB  . SER A 1 55 ? 2.423   -11.265 -0.540  1.00 17.58 ? 55  SER A CB  1 
ATOM   392 O  OG  . SER A 1 55 ? 2.444   -11.773 -1.855  1.00 19.16 ? 55  SER A OG  1 
ATOM   393 N  N   . VAL A 1 56 ? 3.080   -8.223  -0.592  1.00 16.60 ? 56  VAL A N   1 
ATOM   394 C  CA  . VAL A 1 56 ? 3.828   -7.116  -1.202  1.00 16.96 ? 56  VAL A CA  1 
ATOM   395 C  C   . VAL A 1 56 ? 5.290   -7.334  -0.920  1.00 16.83 ? 56  VAL A C   1 
ATOM   396 O  O   . VAL A 1 56 ? 5.694   -8.053  0.009   1.00 19.19 ? 56  VAL A O   1 
ATOM   397 C  CB  . VAL A 1 56 ? 3.418   -5.716  -0.658  1.00 16.08 ? 56  VAL A CB  1 
ATOM   398 C  CG1 . VAL A 1 56 ? 1.922   -5.464  -0.853  1.00 17.08 ? 56  VAL A CG1 1 
ATOM   399 C  CG2 . VAL A 1 56 ? 3.852   -5.528  0.818   1.00 17.19 ? 56  VAL A CG2 1 
ATOM   400 N  N   . ASP A 1 57 ? 6.093   -6.604  -1.691  1.00 17.33 ? 57  ASP A N   1 
ATOM   401 C  CA  . ASP A 1 57 ? 7.527   -6.399  -1.423  1.00 19.26 ? 57  ASP A CA  1 
ATOM   402 C  C   . ASP A 1 57 ? 7.692   -4.949  -1.052  1.00 18.79 ? 57  ASP A C   1 
ATOM   403 O  O   . ASP A 1 57 ? 7.541   -4.047  -1.902  1.00 18.76 ? 57  ASP A O   1 
ATOM   404 C  CB  . ASP A 1 57 ? 8.347   -6.754  -2.676  1.00 20.86 ? 57  ASP A CB  1 
ATOM   405 C  CG  . ASP A 1 57 ? 9.769   -6.262  -2.607  1.00 27.62 ? 57  ASP A CG  1 
ATOM   406 O  OD1 . ASP A 1 57 ? 10.276  -5.903  -1.511  1.00 25.74 ? 57  ASP A OD1 1 
ATOM   407 O  OD2 . ASP A 1 57 ? 10.469  -6.312  -3.662  1.00 35.93 ? 57  ASP A OD2 1 
ATOM   408 N  N   . GLN A 1 58 ? 7.971   -4.704  0.228   1.00 17.48 ? 58  GLN A N   1 
ATOM   409 C  CA  . GLN A 1 58 ? 8.259   -3.355  0.686   1.00 17.78 ? 58  GLN A CA  1 
ATOM   410 C  C   . GLN A 1 58 ? 9.629   -3.277  1.361   1.00 19.58 ? 58  GLN A C   1 
ATOM   411 O  O   . GLN A 1 58 ? 9.801   -2.618  2.437   1.00 19.96 ? 58  GLN A O   1 
ATOM   412 C  CB  . GLN A 1 58 ? 7.157   -2.829  1.639   1.00 17.08 ? 58  GLN A CB  1 
ATOM   413 C  CG  . GLN A 1 58 ? 6.930   -3.655  2.885   1.00 16.84 ? 58  GLN A CG  1 
ATOM   414 C  CD  . GLN A 1 58 ? 5.899   -3.087  3.827   1.00 16.51 ? 58  GLN A CD  1 
ATOM   415 O  OE1 . GLN A 1 58 ? 5.710   -1.865  3.883   1.00 17.42 ? 58  GLN A OE1 1 
ATOM   416 N  NE2 . GLN A 1 58 ? 5.125   -3.959  4.436   1.00 18.81 ? 58  GLN A NE2 1 
ATOM   417 N  N   . SER A 1 59 ? 10.606  -3.892  0.755   1.00 23.34 ? 59  SER A N   1 
ATOM   418 C  CA  . SER A 1 59 ? 11.947  -3.957  1.325   1.00 25.57 ? 59  SER A CA  1 
ATOM   419 C  C   . SER A 1 59 ? 12.563  -2.588  1.543   1.00 23.79 ? 59  SER A C   1 
ATOM   420 O  O   . SER A 1 59 ? 13.401  -2.461  2.398   1.00 25.89 ? 59  SER A O   1 
ATOM   421 C  CB  . SER A 1 59 ? 12.845  -4.894  0.483   1.00 29.84 ? 59  SER A CB  1 
ATOM   422 O  OG  . SER A 1 59 ? 12.890  -4.527  -0.874  1.00 32.93 ? 59  SER A OG  1 
ATOM   423 N  N   . ASP A 1 60 ? 12.169  -1.580  0.790   1.00 24.55 ? 60  ASP A N   1 
ATOM   424 C  CA  . ASP A 1 60 ? 12.711  -0.264  1.004   1.00 27.73 ? 60  ASP A CA  1 
ATOM   425 C  C   . ASP A 1 60 ? 12.052  0.545   2.115   1.00 24.69 ? 60  ASP A C   1 
ATOM   426 O  O   . ASP A 1 60 ? 12.488  1.648   2.378   1.00 26.46 ? 60  ASP A O   1 
ATOM   427 C  CB  . ASP A 1 60 ? 12.767  0.509   -0.289  1.00 32.40 ? 60  ASP A CB  1 
ATOM   428 C  CG  . ASP A 1 60 ? 13.993  0.080   -1.171  1.00 37.08 ? 60  ASP A CG  1 
ATOM   429 O  OD1 . ASP A 1 60 ? 14.950  -0.564  -0.667  1.00 43.61 ? 60  ASP A OD1 1 
ATOM   430 O  OD2 . ASP A 1 60 ? 14.019  0.405   -2.365  1.00 39.41 ? 60  ASP A OD2 1 
ATOM   431 N  N   . GLN A 1 61 ? 11.145  -0.064  2.865   1.00 21.79 ? 61  GLN A N   1 
ATOM   432 C  CA  . GLN A 1 61 ? 10.450  0.615   3.979   1.00 21.53 ? 61  GLN A CA  1 
ATOM   433 C  C   . GLN A 1 61 ? 11.389  0.692   5.159   1.00 22.46 ? 61  GLN A C   1 
ATOM   434 O  O   . GLN A 1 61 ? 12.115  -0.240  5.465   1.00 23.27 ? 61  GLN A O   1 
ATOM   435 C  CB  . GLN A 1 61 ? 9.132   -0.109  4.324   1.00 19.97 ? 61  GLN A CB  1 
ATOM   436 C  CG  . GLN A 1 61 ? 9.202   -1.270  5.318   1.00 19.75 ? 61  GLN A CG  1 
ATOM   437 C  CD  . GLN A 1 61 ? 9.226   -0.815  6.747   1.00 20.33 ? 61  GLN A CD  1 
ATOM   438 O  OE1 . GLN A 1 61 ? 9.775   -1.492  7.654   1.00 23.27 ? 61  GLN A OE1 1 
ATOM   439 N  NE2 . GLN A 1 61 ? 8.717   0.313   6.966   1.00 19.00 ? 61  GLN A NE2 1 
ATOM   440 N  N   . SER A 1 62 ? 11.381  1.824   5.851   1.00 25.06 ? 62  SER A N   1 
ATOM   441 C  CA  . SER A 1 62 ? 12.186  2.030   7.028   1.00 27.51 ? 62  SER A CA  1 
ATOM   442 C  C   . SER A 1 62 ? 11.496  2.985   7.979   1.00 27.97 ? 62  SER A C   1 
ATOM   443 O  O   . SER A 1 62 ? 12.072  4.020   8.382   1.00 31.07 ? 62  SER A O   1 
ATOM   444 C  CB  . SER A 1 62 ? 13.476  2.681   6.602   1.00 32.50 ? 62  SER A CB  1 
ATOM   445 O  OG  . SER A 1 62 ? 13.184  3.993   6.302   1.00 33.43 ? 62  SER A OG  1 
ATOM   446 N  N   . PHE A 1 63 ? 10.234  2.714   8.254   1.00 20.79 ? 63  PHE A N   1 
ATOM   447 C  CA  . PHE A 1 63 ? 9.471   3.315   9.305   1.00 21.59 ? 63  PHE A CA  1 
ATOM   448 C  C   . PHE A 1 63 ? 8.720   2.296   10.180  1.00 20.83 ? 63  PHE A C   1 
ATOM   449 O  O   . PHE A 1 63 ? 8.624   2.457   11.366  1.00 22.69 ? 63  PHE A O   1 
ATOM   450 C  CB  . PHE A 1 63 ? 8.446   4.346   8.768   1.00 23.39 ? 63  PHE A CB  1 
ATOM   451 C  CG  . PHE A 1 63 ? 7.698   5.056   9.846   1.00 27.62 ? 63  PHE A CG  1 
ATOM   452 C  CD1 . PHE A 1 63 ? 8.216   6.220   10.376  1.00 30.24 ? 63  PHE A CD1 1 
ATOM   453 C  CD2 . PHE A 1 63 ? 6.489   4.543   10.335  1.00 28.58 ? 63  PHE A CD2 1 
ATOM   454 C  CE1 . PHE A 1 63 ? 7.557   6.897   11.378  1.00 30.12 ? 63  PHE A CE1 1 
ATOM   455 C  CE2 . PHE A 1 63 ? 5.860   5.198   11.395  1.00 30.40 ? 63  PHE A CE2 1 
ATOM   456 C  CZ  . PHE A 1 63 ? 6.377   6.363   11.874  1.00 30.31 ? 63  PHE A CZ  1 
ATOM   457 N  N   . LEU A 1 64 ? 8.202   1.222   9.626   1.00 18.61 ? 64  LEU A N   1 
ATOM   458 C  CA  . LEU A 1 64 ? 7.306   0.302   10.358  1.00 18.08 ? 64  LEU A CA  1 
ATOM   459 C  C   . LEU A 1 64 ? 8.190   -0.690  11.139  1.00 17.76 ? 64  LEU A C   1 
ATOM   460 O  O   . LEU A 1 64 ? 9.195   -1.222  10.643  1.00 18.49 ? 64  LEU A O   1 
ATOM   461 C  CB  . LEU A 1 64 ? 6.366   -0.543  9.446   1.00 18.28 ? 64  LEU A CB  1 
ATOM   462 C  CG  . LEU A 1 64 ? 5.408   0.282   8.646   1.00 18.07 ? 64  LEU A CG  1 
ATOM   463 C  CD1 . LEU A 1 64 ? 4.748   -0.600  7.563   1.00 18.90 ? 64  LEU A CD1 1 
ATOM   464 C  CD2 . LEU A 1 64 ? 4.348   0.948   9.521   1.00 19.32 ? 64  LEU A CD2 1 
ATOM   465 N  N   . ASP A 1 65 ? 7.755   -0.955  12.362  1.00 18.04 ? 65  ASP A N   1 
ATOM   466 C  CA  . ASP A 1 65 ? 8.375   -1.940  13.205  1.00 19.09 ? 65  ASP A CA  1 
ATOM   467 C  C   . ASP A 1 65 ? 7.899   -3.350  12.861  1.00 18.47 ? 65  ASP A C   1 
ATOM   468 O  O   . ASP A 1 65 ? 6.943   -3.511  12.053  1.00 17.53 ? 65  ASP A O   1 
ATOM   469 C  CB  . ASP A 1 65 ? 8.217   -1.548  14.687  1.00 20.47 ? 65  ASP A CB  1 
ATOM   470 C  CG  . ASP A 1 65 ? 6.815   -1.734  15.238  1.00 23.05 ? 65  ASP A CG  1 
ATOM   471 O  OD1 . ASP A 1 65 ? 6.190   -2.774  15.048  1.00 22.43 ? 65  ASP A OD1 1 
ATOM   472 O  OD2 . ASP A 1 65 ? 6.315   -0.751  15.905  1.00 26.27 ? 65  ASP A OD2 1 
ATOM   473 N  N   . ASP A 1 66 ? 8.567   -4.353  13.433  1.00 19.04 ? 66  ASP A N   1 
ATOM   474 C  CA  . ASP A 1 66 ? 8.310   -5.728  12.987  1.00 19.26 ? 66  ASP A CA  1 
ATOM   475 C  C   . ASP A 1 66 ? 6.854   -6.134  13.349  1.00 18.45 ? 66  ASP A C   1 
ATOM   476 O  O   . ASP A 1 66 ? 6.263   -6.887  12.593  1.00 17.62 ? 66  ASP A O   1 
ATOM   477 C  CB  . ASP A 1 66 ? 9.284   -6.736  13.597  1.00 20.27 ? 66  ASP A CB  1 
ATOM   478 C  CG  . ASP A 1 66 ? 10.746  -6.617  13.103  1.00 20.89 ? 66  ASP A CG  1 
ATOM   479 O  OD1 . ASP A 1 66 ? 11.000  -5.905  12.116  1.00 21.00 ? 66  ASP A OD1 1 
ATOM   480 O  OD2 . ASP A 1 66 ? 11.588  -7.298  13.749  1.00 24.27 ? 66  ASP A OD2 1 
ATOM   481 N  N   . ASP A 1 67 ? 6.385   -5.744  14.529  1.00 18.51 ? 67  ASP A N   1 
ATOM   482 C  CA  . ASP A 1 67 ? 4.984   -6.057  14.888  1.00 19.23 ? 67  ASP A CA  1 
ATOM   483 C  C   . ASP A 1 67 ? 3.993   -5.428  13.942  1.00 17.40 ? 67  ASP A C   1 
ATOM   484 O  O   . ASP A 1 67 ? 2.998   -6.051  13.549  1.00 17.73 ? 67  ASP A O   1 
ATOM   485 C  CB  . ASP A 1 67 ? 4.673   -5.613  16.318  1.00 20.84 ? 67  ASP A CB  1 
ATOM   486 C  CG  . ASP A 1 67 ? 5.482   -6.403  17.351  1.00 26.98 ? 67  ASP A CG  1 
ATOM   487 O  OD1 . ASP A 1 67 ? 5.440   -7.666  17.325  1.00 30.36 ? 67  ASP A OD1 1 
ATOM   488 O  OD2 . ASP A 1 67 ? 6.169   -5.789  18.190  1.00 29.16 ? 67  ASP A OD2 1 
ATOM   489 N  N   . GLN A 1 68 ? 4.276   -4.217  13.500  1.00 16.28 ? 68  GLN A N   1 
ATOM   490 C  CA  . GLN A 1 68 ? 3.400   -3.532  12.515  1.00 16.43 ? 68  GLN A CA  1 
ATOM   491 C  C   . GLN A 1 68 ? 3.400   -4.302  11.183  1.00 16.68 ? 68  GLN A C   1 
ATOM   492 O  O   . GLN A 1 68 ? 2.326   -4.596  10.601  1.00 16.28 ? 68  GLN A O   1 
ATOM   493 C  CB  . GLN A 1 68 ? 3.846   -2.119  12.349  1.00 16.39 ? 68  GLN A CB  1 
ATOM   494 C  CG  . GLN A 1 68 ? 3.591   -1.282  13.614  1.00 18.15 ? 68  GLN A CG  1 
ATOM   495 C  CD  . GLN A 1 68 ? 4.251   0.079   13.584  1.00 18.71 ? 68  GLN A CD  1 
ATOM   496 O  OE1 . GLN A 1 68 ? 5.282   0.301   12.965  1.00 17.20 ? 68  GLN A OE1 1 
ATOM   497 N  NE2 . GLN A 1 68 ? 3.618   1.027   14.257  1.00 21.69 ? 68  GLN A NE2 1 
ATOM   498 N  N   . ILE A 1 69 ? 4.582   -4.722  10.766  1.00 16.00 ? 69  ILE A N   1 
ATOM   499 C  CA  . ILE A 1 69 ? 4.735   -5.517  9.517   1.00 16.92 ? 69  ILE A CA  1 
ATOM   500 C  C   . ILE A 1 69 ? 4.027   -6.838  9.689   1.00 17.40 ? 69  ILE A C   1 
ATOM   501 O  O   . ILE A 1 69 ? 3.239   -7.243  8.767   1.00 17.85 ? 69  ILE A O   1 
ATOM   502 C  CB  . ILE A 1 69 ? 6.184   -5.738  9.112   1.00 17.34 ? 69  ILE A CB  1 
ATOM   503 C  CG1 . ILE A 1 69 ? 6.762   -4.395  8.758   1.00 19.47 ? 69  ILE A CG1 1 
ATOM   504 C  CG2 . ILE A 1 69 ? 6.262   -6.725  7.940   1.00 18.41 ? 69  ILE A CG2 1 
ATOM   505 C  CD1 . ILE A 1 69 ? 6.528   -3.963  7.359   1.00 21.31 ? 69  ILE A CD1 1 
ATOM   506 N  N   . GLU A 1 70 ? 4.138   -7.478  10.819  1.00 18.65 ? 70  GLU A N   1 
ATOM   507 C  CA  . GLU A 1 70 ? 3.505   -8.792  10.944  1.00 19.75 ? 70  GLU A CA  1 
ATOM   508 C  C   . GLU A 1 70 ? 2.003   -8.698  11.046  1.00 21.07 ? 70  GLU A C   1 
ATOM   509 O  O   . GLU A 1 70 ? 1.300   -9.720  10.736  1.00 21.86 ? 70  GLU A O   1 
ATOM   510 C  CB  . GLU A 1 70 ? 4.145   -9.559  12.077  1.00 22.93 ? 70  GLU A CB  1 
ATOM   511 C  CG  . GLU A 1 70 ? 5.588   -9.911  11.834  1.00 25.33 ? 70  GLU A CG  1 
ATOM   512 N  N   . ALA A 1 71 ? 1.498   -7.527  11.386  1.00 19.27 ? 71  ALA A N   1 
ATOM   513 C  CA  . ALA A 1 71 ? 0.041   -7.285  11.447  1.00 19.91 ? 71  ALA A CA  1 
ATOM   514 C  C   . ALA A 1 71 ? -0.514  -6.928  10.080  1.00 18.33 ? 71  ALA A C   1 
ATOM   515 O  O   . ALA A 1 71 ? -1.751  -6.823  9.907   1.00 21.14 ? 71  ALA A O   1 
ATOM   516 C  CB  . ALA A 1 71 ? -0.308  -6.195  12.424  1.00 20.41 ? 71  ALA A CB  1 
ATOM   517 N  N   . GLY A 1 72 ? 0.361   -6.755  9.093   1.00 17.89 ? 72  GLY A N   1 
ATOM   518 C  CA  . GLY A 1 72 ? -0.036  -6.446  7.700   1.00 16.46 ? 72  GLY A CA  1 
ATOM   519 C  C   . GLY A 1 72 ? 0.177   -5.018  7.281   1.00 16.59 ? 72  GLY A C   1 
ATOM   520 O  O   . GLY A 1 72 ? -0.157  -4.617  6.172   1.00 15.44 ? 72  GLY A O   1 
ATOM   521 N  N   . TYR A 1 73 ? 0.697   -4.172  8.153   1.00 15.59 ? 73  TYR A N   1 
ATOM   522 C  CA  . TYR A 1 73 ? 0.883   -2.759  7.748   1.00 15.42 ? 73  TYR A CA  1 
ATOM   523 C  C   . TYR A 1 73 ? 1.920   -2.647  6.620   1.00 14.25 ? 73  TYR A C   1 
ATOM   524 O  O   . TYR A 1 73 ? 2.858   -3.403  6.504   1.00 15.33 ? 73  TYR A O   1 
ATOM   525 C  CB  . TYR A 1 73 ? 1.170   -1.867  8.955   1.00 17.49 ? 73  TYR A CB  1 
ATOM   526 C  CG  . TYR A 1 73 ? 0.011   -1.725  9.877   1.00 17.37 ? 73  TYR A CG  1 
ATOM   527 C  CD1 . TYR A 1 73 ? -1.039  -0.860  9.530   1.00 19.95 ? 73  TYR A CD1 1 
ATOM   528 C  CD2 . TYR A 1 73 ? -0.165  -2.582  10.935  1.00 19.07 ? 73  TYR A CD2 1 
ATOM   529 C  CE1 . TYR A 1 73 ? -2.158  -0.780  10.340  1.00 22.88 ? 73  TYR A CE1 1 
ATOM   530 C  CE2 . TYR A 1 73 ? -1.317  -2.534  11.757  1.00 23.46 ? 73  TYR A CE2 1 
ATOM   531 C  CZ  . TYR A 1 73 ? -2.327  -1.654  11.437  1.00 24.74 ? 73  TYR A CZ  1 
ATOM   532 O  OH  . TYR A 1 73 ? -3.507  -1.541  12.191  1.00 25.13 ? 73  TYR A OH  1 
ATOM   533 N  N   . VAL A 1 74 ? 1.691   -1.692  5.730   1.00 15.76 ? 74  VAL A N   1 
ATOM   534 C  CA  . VAL A 1 74 ? 2.468   -1.503  4.538   1.00 15.71 ? 74  VAL A CA  1 
ATOM   535 C  C   . VAL A 1 74 ? 2.600   -0.005  4.215   1.00 16.36 ? 74  VAL A C   1 
ATOM   536 O  O   . VAL A 1 74 ? 1.633   0.766   4.412   1.00 17.05 ? 74  VAL A O   1 
ATOM   537 C  CB  . VAL A 1 74 ? 1.811   -2.261  3.345   1.00 16.19 ? 74  VAL A CB  1 
ATOM   538 C  CG1 . VAL A 1 74 ? 0.339   -1.900  3.126   1.00 17.35 ? 74  VAL A CG1 1 
ATOM   539 C  CG2 . VAL A 1 74 ? 2.563   -2.001  2.063   1.00 17.71 ? 74  VAL A CG2 1 
ATOM   540 N  N   . LEU A 1 75 ? 3.773   0.410   3.773   1.00 15.57 ? 75  LEU A N   1 
ATOM   541 C  CA  . LEU A 1 75 ? 4.013   1.788   3.304   1.00 15.88 ? 75  LEU A CA  1 
ATOM   542 C  C   . LEU A 1 75 ? 3.724   1.722   1.787   1.00 15.86 ? 75  LEU A C   1 
ATOM   543 O  O   . LEU A 1 75 ? 4.545   1.256   0.961   1.00 15.57 ? 75  LEU A O   1 
ATOM   544 C  CB  . LEU A 1 75 ? 5.443   2.282   3.665   1.00 17.56 ? 75  LEU A CB  1 
ATOM   545 C  CG  . LEU A 1 75 ? 5.715   2.292   5.200   1.00 17.31 ? 75  LEU A CG  1 
ATOM   546 C  CD1 . LEU A 1 75 ? 7.049   2.967   5.492   1.00 19.62 ? 75  LEU A CD1 1 
ATOM   547 C  CD2 . LEU A 1 75 ? 4.642   2.930   6.062   1.00 19.03 ? 75  LEU A CD2 1 
ATOM   548 N  N   . THR A 1 76 ? 2.527   2.116   1.399   1.00 15.84 ? 76  THR A N   1 
ATOM   549 C  CA  . THR A 1 76 ? 2.117   2.066   -0.012  1.00 15.85 ? 76  THR A CA  1 
ATOM   550 C  C   . THR A 1 76 ? 3.032   2.730   -0.993  1.00 17.15 ? 76  THR A C   1 
ATOM   551 O  O   . THR A 1 76 ? 3.097   2.312   -2.136  1.00 17.78 ? 76  THR A O   1 
ATOM   552 C  CB  . THR A 1 76 ? 0.663   2.512   -0.203  1.00 17.19 ? 76  THR A CB  1 
ATOM   553 O  OG1 . THR A 1 76 ? 0.550   3.906   0.149   1.00 18.17 ? 76  THR A OG1 1 
ATOM   554 C  CG2 . THR A 1 76 ? -0.298  1.627   0.582   1.00 16.46 ? 76  THR A CG2 1 
ATOM   555 N  N   . CYS A 1 77 ? 3.745   3.783   -0.542  1.00 16.70 ? 77  CYS A N   1 
ATOM   556 C  CA  . CYS A 1 77 ? 4.656   4.493   -1.462  1.00 18.96 ? 77  CYS A CA  1 
ATOM   557 C  C   . CYS A 1 77 ? 5.892   3.713   -1.888  1.00 18.75 ? 77  CYS A C   1 
ATOM   558 O  O   . CYS A 1 77 ? 6.501   4.077   -2.889  1.00 21.11 ? 77  CYS A O   1 
ATOM   559 C  CB  . CYS A 1 77 ? 5.117   5.841   -0.911  1.00 20.68 ? 77  CYS A CB  1 
ATOM   560 S  SG  . CYS A 1 77 ? 6.284   5.712   0.462   1.00 21.17 ? 77  CYS A SG  1 
ATOM   561 N  N   . VAL A 1 78 ? 6.204   2.624   -1.153  1.00 16.57 ? 78  VAL A N   1 
ATOM   562 C  CA  . VAL A 1 78 ? 7.341   1.814   -1.450  1.00 19.21 ? 78  VAL A CA  1 
ATOM   563 C  C   . VAL A 1 78 ? 7.074   0.331   -1.576  1.00 18.40 ? 78  VAL A C   1 
ATOM   564 O  O   . VAL A 1 78 ? 7.993   -0.516  -1.432  1.00 19.94 ? 78  VAL A O   1 
ATOM   565 C  CB  . VAL A 1 78 ? 8.514   2.049   -0.468  1.00 20.61 ? 78  VAL A CB  1 
ATOM   566 C  CG1 . VAL A 1 78 ? 9.154   3.390   -0.673  1.00 21.98 ? 78  VAL A CG1 1 
ATOM   567 C  CG2 . VAL A 1 78 ? 8.131   1.857   0.970   1.00 19.25 ? 78  VAL A CG2 1 
ATOM   568 N  N   . ALA A 1 79 ? 5.806   -0.036  -1.835  1.00 16.68 ? 79  ALA A N   1 
ATOM   569 C  CA  . ALA A 1 79 ? 5.388   -1.433  -1.804  1.00 16.42 ? 79  ALA A CA  1 
ATOM   570 C  C   . ALA A 1 79 ? 4.952   -1.870  -3.217  1.00 15.29 ? 79  ALA A C   1 
ATOM   571 O  O   . ALA A 1 79 ? 4.147   -1.193  -3.853  1.00 16.69 ? 79  ALA A O   1 
ATOM   572 C  CB  . ALA A 1 79 ? 4.269   -1.640  -0.833  1.00 16.40 ? 79  ALA A CB  1 
ATOM   573 N  N   . TYR A 1 80 ? 5.603   -2.906  -3.706  1.00 16.26 ? 80  TYR A N   1 
ATOM   574 C  CA  . TYR A 1 80 ? 5.234   -3.532  -4.985  1.00 16.13 ? 80  TYR A CA  1 
ATOM   575 C  C   . TYR A 1 80 ? 4.323   -4.709  -4.626  1.00 16.42 ? 80  TYR A C   1 
ATOM   576 O  O   . TYR A 1 80 ? 4.633   -5.471  -3.702  1.00 15.92 ? 80  TYR A O   1 
ATOM   577 C  CB  . TYR A 1 80 ? 6.453   -4.083  -5.691  1.00 17.76 ? 80  TYR A CB  1 
ATOM   578 C  CG  . TYR A 1 80 ? 7.492   -3.061  -6.087  1.00 19.01 ? 80  TYR A CG  1 
ATOM   579 C  CD1 . TYR A 1 80 ? 8.707   -3.008  -5.429  1.00 21.28 ? 80  TYR A CD1 1 
ATOM   580 C  CD2 . TYR A 1 80 ? 7.254   -2.201  -7.126  1.00 19.55 ? 80  TYR A CD2 1 
ATOM   581 C  CE1 . TYR A 1 80 ? 9.678   -2.158  -5.848  1.00 24.39 ? 80  TYR A CE1 1 
ATOM   582 C  CE2 . TYR A 1 80 ? 8.192   -1.296  -7.519  1.00 22.60 ? 80  TYR A CE2 1 
ATOM   583 C  CZ  . TYR A 1 80 ? 9.397   -1.291  -6.888  1.00 23.10 ? 80  TYR A CZ  1 
ATOM   584 O  OH  . TYR A 1 80 ? 10.366  -0.390  -7.266  1.00 26.54 ? 80  TYR A OH  1 
ATOM   585 N  N   . PRO A 1 81 ? 3.244   -4.906  -5.377  1.00 16.31 ? 81  PRO A N   1 
ATOM   586 C  CA  . PRO A 1 81 ? 2.457   -6.121  -5.128  1.00 15.67 ? 81  PRO A CA  1 
ATOM   587 C  C   . PRO A 1 81 ? 3.277   -7.342  -5.600  1.00 16.20 ? 81  PRO A C   1 
ATOM   588 O  O   . PRO A 1 81 ? 3.995   -7.281  -6.586  1.00 16.78 ? 81  PRO A O   1 
ATOM   589 C  CB  . PRO A 1 81 ? 1.227   -5.897  -5.997  1.00 15.65 ? 81  PRO A CB  1 
ATOM   590 C  CG  . PRO A 1 81 ? 1.722   -5.088  -7.168  1.00 16.22 ? 81  PRO A CG  1 
ATOM   591 C  CD  . PRO A 1 81 ? 2.763   -4.157  -6.577  1.00 15.77 ? 81  PRO A CD  1 
ATOM   592 N  N   . THR A 1 82 ? 3.176   -8.456  -4.896  1.00 16.58 ? 82  THR A N   1 
ATOM   593 C  CA  . THR A 1 82 ? 3.740   -9.722  -5.294  1.00 18.25 ? 82  THR A CA  1 
ATOM   594 C  C   . THR A 1 82 ? 2.659   -10.821 -5.518  1.00 17.72 ? 82  THR A C   1 
ATOM   595 O  O   . THR A 1 82 ? 3.005   -11.981 -5.823  1.00 20.24 ? 82  THR A O   1 
ATOM   596 C  CB  . THR A 1 82 ? 4.829   -10.179 -4.335  1.00 18.69 ? 82  THR A CB  1 
ATOM   597 O  OG1 . THR A 1 82 ? 4.348   -10.267 -3.004  1.00 19.33 ? 82  THR A OG1 1 
ATOM   598 C  CG2 . THR A 1 82 ? 6.022   -9.197  -4.391  1.00 19.60 ? 82  THR A CG2 1 
ATOM   599 N  N   . SER A 1 83 ? 1.394   -10.414 -5.378  1.00 17.46 ? 83  SER A N   1 
ATOM   600 C  CA  . SER A 1 83 ? 0.217   -11.232 -5.661  1.00 18.35 ? 83  SER A CA  1 
ATOM   601 C  C   . SER A 1 83 ? -0.932  -10.294 -5.812  1.00 17.13 ? 83  SER A C   1 
ATOM   602 O  O   . SER A 1 83 ? -0.813  -9.072  -5.539  1.00 16.92 ? 83  SER A O   1 
ATOM   603 C  CB  . SER A 1 83 ? -0.077  -12.223 -4.533  1.00 18.44 ? 83  SER A CB  1 
ATOM   604 O  OG  . SER A 1 83 ? -0.598  -11.577 -3.398  1.00 19.10 ? 83  SER A OG  1 
ATOM   605 N  N   . ASP A 1 84 ? -2.074  -10.821 -6.265  1.00 17.63 ? 84  ASP A N   1 
ATOM   606 C  CA  . ASP A 1 84 ? -3.300  -10.032 -6.080  1.00 17.35 ? 84  ASP A CA  1 
ATOM   607 C  C   . ASP A 1 84 ? -3.443  -9.782  -4.595  1.00 17.91 ? 84  ASP A C   1 
ATOM   608 O  O   . ASP A 1 84 ? -3.140  -10.628 -3.774  1.00 17.55 ? 84  ASP A O   1 
ATOM   609 C  CB  . ASP A 1 84 ? -4.537  -10.810 -6.553  1.00 18.85 ? 84  ASP A CB  1 
ATOM   610 C  CG  . ASP A 1 84 ? -4.505  -11.108 -8.033  1.00 21.03 ? 84  ASP A CG  1 
ATOM   611 O  OD1 . ASP A 1 84 ? -3.931  -10.338 -8.796  1.00 21.22 ? 84  ASP A OD1 1 
ATOM   612 O  OD2 . ASP A 1 84 ? -5.140  -12.101 -8.476  1.00 23.94 ? 84  ASP A OD2 1 
ATOM   613 N  N   . CYS A 1 85 ? -3.933  -8.606  -4.254  1.00 17.15 ? 85  CYS A N   1 
ATOM   614 C  CA  . CYS A 1 85 ? -3.998  -8.223  -2.825  1.00 17.39 ? 85  CYS A CA  1 
ATOM   615 C  C   . CYS A 1 85 ? -5.103  -7.282  -2.517  1.00 15.89 ? 85  CYS A C   1 
ATOM   616 O  O   . CYS A 1 85 ? -5.661  -6.677  -3.410  1.00 17.43 ? 85  CYS A O   1 
ATOM   617 C  CB  . CYS A 1 85 ? -2.715  -7.687  -2.360  1.00 19.63 ? 85  CYS A CB  1 
ATOM   618 S  SG  . CYS A 1 85 ? -1.974  -6.356  -3.339  1.00 22.70 ? 85  CYS A SG  1 
ATOM   619 N  N   . THR A 1 86 ? -5.391  -7.176  -1.243  1.00 14.40 ? 86  THR A N   1 
ATOM   620 C  CA  . THR A 1 86 ? -6.430  -6.310  -0.717  1.00 14.29 ? 86  THR A CA  1 
ATOM   621 C  C   . THR A 1 86 ? -5.755  -5.502  0.348   1.00 15.43 ? 86  THR A C   1 
ATOM   622 O  O   . THR A 1 86 ? -5.097  -6.059  1.223   1.00 14.43 ? 86  THR A O   1 
ATOM   623 C  CB  . THR A 1 86 ? -7.621  -7.079  -0.156  1.00 14.34 ? 86  THR A CB  1 
ATOM   624 O  OG1 . THR A 1 86 ? -8.203  -7.901  -1.177  1.00 17.40 ? 86  THR A OG1 1 
ATOM   625 C  CG2 . THR A 1 86 ? -8.669  -6.104  0.360   1.00 15.33 ? 86  THR A CG2 1 
ATOM   626 N  N   . ILE A 1 87 ? -5.847  -4.166  0.216   1.00 13.88 ? 87  ILE A N   1 
ATOM   627 C  CA  . ILE A 1 87 ? -5.172  -3.255  1.114   1.00 15.33 ? 87  ILE A CA  1 
ATOM   628 C  C   . ILE A 1 87 ? -6.148  -2.165  1.576   1.00 14.91 ? 87  ILE A C   1 
ATOM   629 O  O   . ILE A 1 87 ? -6.747  -1.466  0.761   1.00 15.07 ? 87  ILE A O   1 
ATOM   630 C  CB  . ILE A 1 87 ? -3.948  -2.607  0.448   1.00 15.71 ? 87  ILE A CB  1 
ATOM   631 C  CG1 . ILE A 1 87 ? -2.962  -3.713  -0.062  1.00 17.04 ? 87  ILE A CG1 1 
ATOM   632 C  CG2 . ILE A 1 87 ? -3.286  -1.580  1.352   1.00 16.30 ? 87  ILE A CG2 1 
ATOM   633 C  CD1 . ILE A 1 87 ? -1.811  -3.193  -0.840  1.00 17.84 ? 87  ILE A CD1 1 
ATOM   634 N  N   . GLU A 1 88 ? -6.259  -2.032  2.897   1.00 16.63 ? 88  GLU A N   1 
ATOM   635 C  CA  . GLU A 1 88 ? -7.001  -0.982  3.508   1.00 17.47 ? 88  GLU A CA  1 
ATOM   636 C  C   . GLU A 1 88 ? -6.123  0.241   3.528   1.00 17.95 ? 88  GLU A C   1 
ATOM   637 O  O   . GLU A 1 88 ? -4.978  0.134   3.925   1.00 17.49 ? 88  GLU A O   1 
ATOM   638 C  CB  . GLU A 1 88 ? -7.342  -1.329  4.949   1.00 20.69 ? 88  GLU A CB  1 
ATOM   639 C  CG  . GLU A 1 88 ? -8.275  -2.506  5.018   1.00 23.18 ? 88  GLU A CG  1 
ATOM   640 C  CD  . GLU A 1 88 ? -8.668  -2.914  6.423   1.00 28.72 ? 88  GLU A CD  1 
ATOM   641 O  OE1 . GLU A 1 88 ? -8.041  -2.407  7.397   1.00 32.81 ? 88  GLU A OE1 1 
ATOM   642 O  OE2 . GLU A 1 88 ? -9.581  -3.774  6.533   1.00 31.30 ? 88  GLU A OE2 1 
ATOM   643 N  N   . THR A 1 89 ? -6.584  1.382   3.055   1.00 16.02 ? 89  THR A N   1 
ATOM   644 C  CA  . THR A 1 89 ? -5.824  2.588   3.001   1.00 15.47 ? 89  THR A CA  1 
ATOM   645 C  C   . THR A 1 89 ? -6.143  3.511   4.190   1.00 17.63 ? 89  THR A C   1 
ATOM   646 O  O   . THR A 1 89 ? -7.034  3.239   5.025   1.00 18.40 ? 89  THR A O   1 
ATOM   647 C  CB  . THR A 1 89 ? -6.072  3.327   1.677   1.00 18.48 ? 89  THR A CB  1 
ATOM   648 O  OG1 . THR A 1 89 ? -7.402  3.926   1.702   1.00 20.07 ? 89  THR A OG1 1 
ATOM   649 C  CG2 . THR A 1 89 ? -5.981  2.422   0.509   1.00 17.89 ? 89  THR A CG2 1 
ATOM   650 N  N   . HIS A 1 90 ? -5.427  4.622   4.227   1.00 15.91 ? 90  HIS A N   1 
ATOM   651 C  CA  . HIS A 1 90 ? -5.595  5.673   5.282   1.00 17.81 ? 90  HIS A CA  1 
ATOM   652 C  C   . HIS A 1 90 ? -5.479  5.088   6.672   1.00 19.04 ? 90  HIS A C   1 
ATOM   653 O  O   . HIS A 1 90 ? -6.278  5.382   7.545   1.00 22.31 ? 90  HIS A O   1 
ATOM   654 C  CB  . HIS A 1 90 ? -6.975  6.377   5.117   1.00 20.75 ? 90  HIS A CB  1 
ATOM   655 C  CG  . HIS A 1 90 ? -7.148  7.081   3.810   1.00 21.76 ? 90  HIS A CG  1 
ATOM   656 N  ND1 . HIS A 1 90 ? -7.397  6.449   2.623   1.00 22.14 ? 90  HIS A ND1 1 
ATOM   657 C  CD2 . HIS A 1 90 ? -7.215  8.406   3.533   1.00 23.86 ? 90  HIS A CD2 1 
ATOM   658 C  CE1 . HIS A 1 90 ? -7.563  7.336   1.672   1.00 22.27 ? 90  HIS A CE1 1 
ATOM   659 N  NE2 . HIS A 1 90 ? -7.437  8.530   2.191   1.00 24.12 ? 90  HIS A NE2 1 
ATOM   660 N  N   . LYS A 1 91 ? -4.471  4.240   6.896   1.00 17.32 ? 91  LYS A N   1 
ATOM   661 C  CA  . LYS A 1 91 ? -4.333  3.555   8.152   1.00 19.58 ? 91  LYS A CA  1 
ATOM   662 C  C   . LYS A 1 91 ? -3.345  4.196   9.103   1.00 19.90 ? 91  LYS A C   1 
ATOM   663 O  O   . LYS A 1 91 ? -3.124  3.677   10.166  1.00 19.55 ? 91  LYS A O   1 
ATOM   664 C  CB  . LYS A 1 91 ? -3.892  2.092   7.970   1.00 19.67 ? 91  LYS A CB  1 
ATOM   665 C  CG  . LYS A 1 91 ? -4.850  1.258   7.115   1.00 20.35 ? 91  LYS A CG  1 
ATOM   666 C  CD  . LYS A 1 91 ? -6.178  1.109   7.860   1.00 21.54 ? 91  LYS A CD  1 
ATOM   667 C  CE  . LYS A 1 91 ? -6.010  -0.022  8.865   1.00 24.14 ? 91  LYS A CE  1 
ATOM   668 N  NZ  . LYS A 1 91 ? -7.350  -0.376  9.476   1.00 26.69 ? 91  LYS A NZ  1 
ATOM   669 N  N   . GLU A 1 92 ? -2.770  5.343   8.744   1.00 18.89 ? 92  GLU A N   1 
ATOM   670 C  CA  . GLU A 1 92 ? -1.766  5.992   9.645   1.00 21.21 ? 92  GLU A CA  1 
ATOM   671 C  C   . GLU A 1 92 ? -2.338  6.169   11.082  1.00 22.61 ? 92  GLU A C   1 
ATOM   672 O  O   . GLU A 1 92 ? -1.632  5.981   12.076  1.00 22.87 ? 92  GLU A O   1 
ATOM   673 C  CB  . GLU A 1 92 ? -1.356  7.353   9.066   1.00 23.27 ? 92  GLU A CB  1 
ATOM   674 C  CG  . GLU A 1 92 ? -0.356  8.092   9.982   1.00 28.16 ? 92  GLU A CG  1 
ATOM   675 C  CD  . GLU A 1 92 ? 0.187   9.375   9.362   1.00 32.77 ? 92  GLU A CD  1 
ATOM   676 O  OE1 . GLU A 1 92 ? -0.609  10.120  8.731   1.00 33.81 ? 92  GLU A OE1 1 
ATOM   677 O  OE2 . GLU A 1 92 ? 1.421   9.629   9.528   1.00 40.01 ? 92  GLU A OE2 1 
ATOM   678 N  N   . GLU A 1 93 ? -3.607  6.588   11.187  1.00 24.64 ? 93  GLU A N   1 
ATOM   679 C  CA  . GLU A 1 93 ? -4.209  6.898   12.465  1.00 28.26 ? 93  GLU A CA  1 
ATOM   680 C  C   . GLU A 1 93 ? -4.535  5.717   13.304  1.00 28.39 ? 93  GLU A C   1 
ATOM   681 O  O   . GLU A 1 93 ? -4.995  5.872   14.439  1.00 28.74 ? 93  GLU A O   1 
ATOM   682 C  CB  . GLU A 1 93 ? -5.425  7.842   12.320  1.00 32.21 ? 93  GLU A CB  1 
ATOM   683 C  CG  . GLU A 1 93 ? -6.520  7.460   11.369  1.00 36.96 ? 93  GLU A CG  1 
ATOM   684 C  CD  . GLU A 1 93 ? -6.022  6.873   10.098  1.00 34.36 ? 93  GLU A CD  1 
ATOM   685 O  OE1 . GLU A 1 93 ? -6.254  5.662   9.987   1.00 46.50 ? 93  GLU A OE1 1 
ATOM   686 O  OE2 . GLU A 1 93 ? -5.365  7.581   9.259   1.00 31.05 ? 93  GLU A OE2 1 
ATOM   687 N  N   . ASP A 1 94 ? -4.382  4.528   12.745  1.00 23.48 ? 94  ASP A N   1 
ATOM   688 C  CA  . ASP A 1 94 ? -4.516  3.323   13.535  1.00 25.79 ? 94  ASP A CA  1 
ATOM   689 C  C   . ASP A 1 94 ? -3.224  2.875   14.175  1.00 25.18 ? 94  ASP A C   1 
ATOM   690 O  O   . ASP A 1 94 ? -3.305  1.983   15.027  1.00 25.09 ? 94  ASP A O   1 
ATOM   691 C  CB  . ASP A 1 94 ? -5.081  2.190   12.736  1.00 25.29 ? 94  ASP A CB  1 
ATOM   692 C  CG  . ASP A 1 94 ? -6.482  2.462   12.300  1.00 27.89 ? 94  ASP A CG  1 
ATOM   693 O  OD1 . ASP A 1 94 ? -7.306  3.205   12.896  1.00 30.73 ? 94  ASP A OD1 1 
ATOM   694 O  OD2 . ASP A 1 94 ? -6.770  1.974   11.206  1.00 28.90 ? 94  ASP A OD2 1 
ATOM   695 N  N   . LEU A 1 95 ? -2.060  3.437   13.759  1.00 25.20 ? 95  LEU A N   1 
ATOM   696 C  CA  . LEU A 1 95 ? -0.749  3.071   14.308  1.00 23.94 ? 95  LEU A CA  1 
ATOM   697 C  C   . LEU A 1 95 ? -0.543  3.707   15.693  1.00 24.98 ? 95  LEU A C   1 
ATOM   698 O  O   . LEU A 1 95 ? -1.059  4.799   15.962  1.00 28.50 ? 95  LEU A O   1 
ATOM   699 C  CB  . LEU A 1 95 ? 0.393   3.494   13.356  1.00 22.09 ? 95  LEU A CB  1 
ATOM   700 C  CG  . LEU A 1 95 ? 0.380   2.809   11.946  1.00 22.26 ? 95  LEU A CG  1 
ATOM   701 C  CD1 . LEU A 1 95 ? 1.392   3.375   10.993  1.00 23.66 ? 95  LEU A CD1 1 
ATOM   702 C  CD2 . LEU A 1 95 ? 0.520   1.302   12.093  1.00 23.98 ? 95  LEU A CD2 1 
ATOM   703 N  N   . TYR A 1 96 ? 0.155   2.987   16.559  1.00 23.94 ? 96  TYR A N   1 
ATOM   704 C  CA  . TYR A 1 96 ? 0.538   3.448   17.881  1.00 24.80 ? 96  TYR A CA  1 
ATOM   705 C  C   . TYR A 1 96 ? 1.872   2.828   18.203  1.00 25.95 ? 96  TYR A C   1 
ATOM   706 O  O   . TYR A 1 96 ? 2.442   3.211   19.244  1.00 29.34 ? 96  TYR A O   1 
ATOM   707 C  CB  . TYR A 1 96 ? -0.449  3.048   18.974  1.00 24.73 ? 96  TYR A CB  1 
ATOM   708 C  CG  . TYR A 1 96 ? -0.818  1.609   18.978  1.00 23.90 ? 96  TYR A CG  1 
ATOM   709 C  CD1 . TYR A 1 96 ? -1.880  1.139   18.254  1.00 23.46 ? 96  TYR A CD1 1 
ATOM   710 C  CD2 . TYR A 1 96 ? -0.072  0.687   19.692  1.00 24.97 ? 96  TYR A CD2 1 
ATOM   711 C  CE1 . TYR A 1 96 ? -2.197  -0.224  18.214  1.00 23.27 ? 96  TYR A CE1 1 
ATOM   712 C  CE2 . TYR A 1 96 ? -0.381  -0.654  19.667  1.00 23.47 ? 96  TYR A CE2 1 
ATOM   713 C  CZ  . TYR A 1 96 ? -1.420  -1.099  18.972  1.00 23.49 ? 96  TYR A CZ  1 
ATOM   714 O  OH  . TYR A 1 96 ? -1.723  -2.414  18.936  1.00 22.81 ? 96  TYR A OH  1 
ATOM   715 O  OXT . TYR A 1 96 ? 2.351   1.923   17.555  1.00 27.73 ? 96  TYR A OXT 1 
HETATM 716 S  S1  . GAK B 2 .  ? 4.811   8.704   2.355   1.00 21.66 ? 101 GAK A S1  1 
HETATM 717 GA GA2 . GAK B 2 .  ? 5.205   6.533   2.236   1.00 20.38 ? 101 GAK A GA2 1 
HETATM 718 S  S2  . GAK B 2 .  ? 6.761   6.402   3.896   1.00 21.46 ? 101 GAK A S2  1 
HETATM 719 GA GA1 . GAK B 2 .  ? 6.448   8.595   3.962   1.00 22.61 ? 101 GAK A GA1 1 
HETATM 720 S  S   . SO4 C 3 .  ? -6.768  -9.079  8.880   1.00 63.79 ? 102 SO4 A S   1 
HETATM 721 O  O1  . SO4 C 3 .  ? -5.629  -10.031 8.751   1.00 73.02 ? 102 SO4 A O1  1 
HETATM 722 O  O2  . SO4 C 3 .  ? -7.612  -9.053  7.660   1.00 76.03 ? 102 SO4 A O2  1 
HETATM 723 O  O3  . SO4 C 3 .  ? -7.610  -9.512  10.028  1.00 71.25 ? 102 SO4 A O3  1 
HETATM 724 O  O4  . SO4 C 3 .  ? -6.231  -7.712  9.105   1.00 73.64 ? 102 SO4 A O4  1 
HETATM 725 S  S   . SO4 D 3 .  ? -7.140  0.091   -13.220 1.00 68.93 ? 103 SO4 A S   1 
HETATM 726 O  O1  . SO4 D 3 .  ? -7.071  -1.399  -13.206 1.00 74.49 ? 103 SO4 A O1  1 
HETATM 727 O  O2  . SO4 D 3 .  ? -7.416  0.529   -14.608 1.00 86.46 ? 103 SO4 A O2  1 
HETATM 728 O  O3  . SO4 D 3 .  ? -5.857  0.667   -12.738 1.00 70.98 ? 103 SO4 A O3  1 
HETATM 729 O  O4  . SO4 D 3 .  ? -8.260  0.578   -12.368 1.00 67.84 ? 103 SO4 A O4  1 
HETATM 730 C  C1  . BEN E 4 .  ? -16.162 7.696   -4.508  1.00 27.34 ? 104 BEN A C1  1 
HETATM 731 C  C2  . BEN E 4 .  ? -15.267 7.717   -3.419  1.00 27.82 ? 104 BEN A C2  1 
HETATM 732 C  C3  . BEN E 4 .  ? -14.378 8.767   -3.363  1.00 30.43 ? 104 BEN A C3  1 
HETATM 733 C  C4  . BEN E 4 .  ? -14.389 9.781   -4.286  1.00 30.46 ? 104 BEN A C4  1 
HETATM 734 C  C5  . BEN E 4 .  ? -15.309 9.787   -5.340  1.00 32.93 ? 104 BEN A C5  1 
HETATM 735 C  C6  . BEN E 4 .  ? -16.179 8.710   -5.442  1.00 29.30 ? 104 BEN A C6  1 
HETATM 736 C  C   . BEN E 4 .  ? -17.167 6.575   -4.580  1.00 25.73 ? 104 BEN A C   1 
HETATM 737 N  N1  . BEN E 4 .  ? -17.705 6.280   -5.766  1.00 24.17 ? 104 BEN A N1  1 
HETATM 738 N  N2  . BEN E 4 .  ? -17.536 5.881   -3.588  1.00 22.85 ? 104 BEN A N2  1 
HETATM 739 C  C1  . BEN F 4 .  ? -12.735 6.741   -5.757  1.00 35.44 ? 105 BEN A C1  1 
HETATM 740 C  C2  . BEN F 4 .  ? -13.586 5.763   -6.315  1.00 32.03 ? 105 BEN A C2  1 
HETATM 741 C  C3  . BEN F 4 .  ? -13.855 4.593   -5.626  1.00 30.67 ? 105 BEN A C3  1 
HETATM 742 C  C4  . BEN F 4 .  ? -13.311 4.353   -4.411  1.00 29.69 ? 105 BEN A C4  1 
HETATM 743 C  C5  . BEN F 4 .  ? -12.476 5.258   -3.845  1.00 32.85 ? 105 BEN A C5  1 
HETATM 744 C  C6  . BEN F 4 .  ? -12.207 6.465   -4.479  1.00 34.32 ? 105 BEN A C6  1 
HETATM 745 C  C   . BEN F 4 .  ? -12.472 8.065   -6.463  1.00 44.23 ? 105 BEN A C   1 
HETATM 746 N  N1  . BEN F 4 .  ? -11.429 8.787   -6.276  1.00 41.18 ? 105 BEN A N1  1 
HETATM 747 N  N2  . BEN F 4 .  ? -13.400 8.541   -7.308  1.00 50.07 ? 105 BEN A N2  1 
HETATM 748 C  C1  . BEN G 4 .  ? -18.969 3.551   0.461   1.00 31.42 ? 106 BEN A C1  1 
HETATM 749 C  C2  . BEN G 4 .  ? -18.955 2.222   0.036   1.00 33.64 ? 106 BEN A C2  1 
HETATM 750 C  C3  . BEN G 4 .  ? -18.134 1.315   0.688   1.00 36.45 ? 106 BEN A C3  1 
HETATM 751 C  C4  . BEN G 4 .  ? -17.312 1.697   1.736   1.00 35.79 ? 106 BEN A C4  1 
HETATM 752 C  C5  . BEN G 4 .  ? -17.297 3.033   2.160   1.00 37.20 ? 106 BEN A C5  1 
HETATM 753 C  C6  . BEN G 4 .  ? -18.137 3.961   1.511   1.00 36.37 ? 106 BEN A C6  1 
HETATM 754 C  C   . BEN G 4 .  ? -19.872 4.568   -0.208  1.00 31.05 ? 106 BEN A C   1 
HETATM 755 N  N1  . BEN G 4 .  ? -20.186 4.560   -1.427  1.00 27.69 ? 106 BEN A N1  1 
HETATM 756 N  N2  . BEN G 4 .  ? -20.365 5.543   0.543   1.00 30.03 ? 106 BEN A N2  1 
HETATM 757 C  C1  . BEN H 4 .  ? -1.260  -10.255 5.943   1.00 44.10 ? 107 BEN A C1  1 
HETATM 758 C  C2  . BEN H 4 .  ? -1.403  -10.293 7.340   1.00 42.54 ? 107 BEN A C2  1 
HETATM 759 C  C3  . BEN H 4 .  ? -0.306  -10.104 8.172   1.00 34.73 ? 107 BEN A C3  1 
HETATM 760 C  C4  . BEN H 4 .  ? 0.943   -9.912  7.576   1.00 32.99 ? 107 BEN A C4  1 
HETATM 761 C  C5  . BEN H 4 .  ? 1.097   -9.860  6.210   1.00 34.55 ? 107 BEN A C5  1 
HETATM 762 C  C6  . BEN H 4 .  ? 0.003   -10.049 5.389   1.00 39.74 ? 107 BEN A C6  1 
HETATM 763 C  C   . BEN H 4 .  ? -2.423  -10.540 5.017   1.00 50.28 ? 107 BEN A C   1 
HETATM 764 N  N1  . BEN H 4 .  ? -2.192  -11.062 3.787   1.00 47.28 ? 107 BEN A N1  1 
HETATM 765 N  N2  . BEN H 4 .  ? -3.627  -10.415 5.381   1.00 53.11 ? 107 BEN A N2  1 
HETATM 766 C  C1  . BEN I 4 .  ? -10.869 3.683   -10.359 1.00 44.80 ? 108 BEN A C1  1 
HETATM 767 C  C2  . BEN I 4 .  ? -12.186 3.482   -9.981  1.00 47.19 ? 108 BEN A C2  1 
HETATM 768 C  C3  . BEN I 4 .  ? -12.842 4.525   -9.346  1.00 49.66 ? 108 BEN A C3  1 
HETATM 769 C  C4  . BEN I 4 .  ? -12.204 5.746   -9.106  1.00 50.28 ? 108 BEN A C4  1 
HETATM 770 C  C5  . BEN I 4 .  ? -10.900 5.944   -9.490  1.00 48.11 ? 108 BEN A C5  1 
HETATM 771 C  C6  . BEN I 4 .  ? -10.248 4.895   -10.120 1.00 47.00 ? 108 BEN A C6  1 
HETATM 772 C  C   . BEN I 4 .  ? -10.104 2.595   -11.033 1.00 45.75 ? 108 BEN A C   1 
HETATM 773 N  N1  . BEN I 4 .  ? -9.539  2.791   -12.230 1.00 47.45 ? 108 BEN A N1  1 
HETATM 774 N  N2  . BEN I 4 .  ? -9.986  1.479   -10.466 1.00 46.85 ? 108 BEN A N2  1 
HETATM 775 C  C1  . BEN J 4 .  ? -10.623 9.726   6.169   1.00 41.56 ? 109 BEN A C1  1 
HETATM 776 C  C2  . BEN J 4 .  ? -10.146 10.283  4.976   1.00 38.52 ? 109 BEN A C2  1 
HETATM 777 C  C3  . BEN J 4 .  ? -11.014 10.824  4.048   1.00 34.70 ? 109 BEN A C3  1 
HETATM 778 C  C4  . BEN J 4 .  ? -12.376 10.799  4.297   1.00 36.55 ? 109 BEN A C4  1 
HETATM 779 C  C5  . BEN J 4 .  ? -12.891 10.250  5.467   1.00 37.59 ? 109 BEN A C5  1 
HETATM 780 C  C6  . BEN J 4 .  ? -12.002 9.703   6.413   1.00 40.39 ? 109 BEN A C6  1 
HETATM 781 C  C   . BEN J 4 .  ? -9.630  9.110   7.133   1.00 45.62 ? 109 BEN A C   1 
HETATM 782 N  N1  . BEN J 4 .  ? -8.386  9.589   7.250   1.00 49.21 ? 109 BEN A N1  1 
HETATM 783 N  N2  . BEN J 4 .  ? -9.931  8.098   7.825   1.00 44.76 ? 109 BEN A N2  1 
HETATM 784 O  O   . HOH K 5 .  ? 11.908  0.305   -3.433  1.00 28.72 ? 201 HOH A O   1 
HETATM 785 O  O   . HOH K 5 .  ? 5.566   -11.017 -9.978  1.00 34.69 ? 202 HOH A O   1 
HETATM 786 O  O   . HOH K 5 .  ? -3.625  -8.438  7.870   1.00 40.74 ? 203 HOH A O   1 
HETATM 787 O  O   . HOH K 5 .  ? 13.112  3.780   3.722   1.00 34.76 ? 204 HOH A O   1 
HETATM 788 O  O   . HOH K 5 .  ? 9.329   -7.362  -5.791  1.00 33.87 ? 205 HOH A O   1 
HETATM 789 O  O   . HOH K 5 .  ? 7.748   -3.911  17.210  1.00 24.83 ? 206 HOH A O   1 
HETATM 790 O  O   . HOH K 5 .  ? 10.441  -1.507  -1.637  1.00 25.99 ? 207 HOH A O   1 
HETATM 791 O  O   . HOH K 5 .  ? 6.424   2.817   -9.094  1.00 29.39 ? 208 HOH A O   1 
HETATM 792 O  O   . HOH K 5 .  ? 4.471   4.308   -12.511 1.00 49.37 ? 209 HOH A O   1 
HETATM 793 O  O   . HOH K 5 .  ? 10.805  -3.355  10.879  1.00 27.97 ? 210 HOH A O   1 
HETATM 794 O  O   . HOH K 5 .  ? 9.390   1.827   -8.485  1.00 40.35 ? 211 HOH A O   1 
HETATM 795 O  O   . HOH K 5 .  ? 5.411   6.232   -4.449  1.00 38.95 ? 212 HOH A O   1 
HETATM 796 O  O   . HOH K 5 .  ? -3.308  1.518   -12.298 1.00 42.68 ? 213 HOH A O   1 
HETATM 797 O  O   . HOH K 5 .  ? 6.244   -11.019 -1.189  1.00 30.46 ? 214 HOH A O   1 
HETATM 798 O  O   . HOH K 5 .  ? 6.662   -7.363  -7.341  1.00 23.48 ? 215 HOH A O   1 
HETATM 799 O  O   . HOH K 5 .  ? 8.231   6.084   -3.721  1.00 31.35 ? 216 HOH A O   1 
HETATM 800 O  O   . HOH K 5 .  ? -2.368  6.334   5.928   1.00 18.46 ? 217 HOH A O   1 
HETATM 801 O  O   . HOH K 5 .  ? -1.539  5.910   0.683   1.00 20.14 ? 218 HOH A O   1 
HETATM 802 O  O   . HOH K 5 .  ? 2.971   -6.211  6.165   1.00 17.95 ? 219 HOH A O   1 
HETATM 803 O  O   . HOH K 5 .  ? -10.198 -5.875  4.203   1.00 37.18 ? 220 HOH A O   1 
HETATM 804 O  O   . HOH K 5 .  ? -15.548 -1.400  2.274   1.00 32.89 ? 221 HOH A O   1 
HETATM 805 O  O   . HOH K 5 .  ? 8.769   -6.724  2.075   1.00 33.32 ? 222 HOH A O   1 
HETATM 806 O  O   . HOH K 5 .  ? -9.615  1.990   4.957   1.00 31.90 ? 223 HOH A O   1 
HETATM 807 O  O   . HOH K 5 .  ? -6.902  -9.851  -2.832  1.00 25.47 ? 224 HOH A O   1 
HETATM 808 O  O   . HOH K 5 .  ? 1.615   -10.880 3.111   1.00 40.69 ? 225 HOH A O   1 
HETATM 809 O  O   . HOH K 5 .  ? 11.265  -3.583  -3.138  1.00 35.14 ? 226 HOH A O   1 
HETATM 810 O  O   . HOH K 5 .  ? -3.067  4.600   2.509   1.00 17.43 ? 227 HOH A O   1 
HETATM 811 O  O   . HOH K 5 .  ? -3.735  -13.986 1.339   1.00 37.90 ? 228 HOH A O   1 
HETATM 812 O  O   . HOH K 5 .  ? 1.296   -0.647  -13.112 1.00 29.71 ? 229 HOH A O   1 
HETATM 813 O  O   . HOH K 5 .  ? -7.324  -8.697  -5.494  1.00 23.97 ? 230 HOH A O   1 
HETATM 814 O  O   . HOH K 5 .  ? -2.126  -13.725 -7.059  1.00 26.20 ? 231 HOH A O   1 
HETATM 815 O  O   . HOH K 5 .  ? 3.521   -9.184  2.279   1.00 21.89 ? 232 HOH A O   1 
HETATM 816 O  O   . HOH K 5 .  ? 12.922  -0.656  -5.592  1.00 40.84 ? 233 HOH A O   1 
HETATM 817 O  O   . HOH K 5 .  ? 4.379   4.129   14.425  1.00 36.28 ? 234 HOH A O   1 
HETATM 818 O  O   . HOH K 5 .  ? 4.463   -7.155  4.142   1.00 24.86 ? 235 HOH A O   1 
HETATM 819 O  O   . HOH K 5 .  ? 7.055   -6.751  4.441   1.00 32.70 ? 236 HOH A O   1 
# 
loop_
_atom_site_anisotrop.id 
_atom_site_anisotrop.type_symbol 
_atom_site_anisotrop.pdbx_label_atom_id 
_atom_site_anisotrop.pdbx_label_alt_id 
_atom_site_anisotrop.pdbx_label_comp_id 
_atom_site_anisotrop.pdbx_label_asym_id 
_atom_site_anisotrop.pdbx_label_seq_id 
_atom_site_anisotrop.pdbx_PDB_ins_code 
_atom_site_anisotrop.U[1][1] 
_atom_site_anisotrop.U[2][2] 
_atom_site_anisotrop.U[3][3] 
_atom_site_anisotrop.U[1][2] 
_atom_site_anisotrop.U[1][3] 
_atom_site_anisotrop.U[2][3] 
_atom_site_anisotrop.pdbx_auth_seq_id 
_atom_site_anisotrop.pdbx_auth_comp_id 
_atom_site_anisotrop.pdbx_auth_asym_id 
_atom_site_anisotrop.pdbx_auth_atom_id 
1   N  N   . ALA A 1  ? 0.3537 0.3415 0.2922 0.0352  0.0506  -0.0749 1   ALA A N   
2   C  CA  . ALA A 1  ? 0.3326 0.3028 0.2708 0.0311  0.0384  -0.0744 1   ALA A CA  
3   C  C   . ALA A 1  ? 0.3303 0.3035 0.2702 0.0227  0.0347  -0.0626 1   ALA A C   
4   O  O   . ALA A 1  ? 0.3420 0.3256 0.2913 0.0206  0.0394  -0.0545 1   ALA A O   
5   C  CB  . ALA A 1  ? 0.3324 0.2942 0.2869 0.0346  0.0340  -0.0763 1   ALA A CB  
6   N  N   . SER A 2  ? 0.3289 0.2938 0.2581 0.0184  0.0265  -0.0628 2   SER A N   
7   C  CA  . SER A 2  ? 0.3437 0.3110 0.2739 0.0125  0.0207  -0.0536 2   SER A CA  
8   C  C   . SER A 2  ? 0.3116 0.2723 0.2516 0.0092  0.0120  -0.0540 2   SER A C   
9   O  O   . SER A 2  ? 0.3504 0.3019 0.2852 0.0079  0.0067  -0.0606 2   SER A O   
10  C  CB  . SER A 2  ? 0.3760 0.3438 0.2862 0.0108  0.0182  -0.0537 2   SER A CB  
11  O  OG  . SER A 2  ? 0.4777 0.4470 0.3880 0.0070  0.0100  -0.0476 2   SER A OG  
12  N  N   . TYR A 3  ? 0.2910 0.2563 0.2450 0.0074  0.0104  -0.0470 3   TYR A N   
13  C  CA  . TYR A 3  ? 0.2727 0.2357 0.2358 0.0038  0.0034  -0.0461 3   TYR A CA  
14  C  C   . TYR A 3  ? 0.2730 0.2441 0.2364 0.0006  -0.0018 -0.0409 3   TYR A C   
15  O  O   . TYR A 3  ? 0.3047 0.2810 0.2665 0.0025  -0.0002 -0.0360 3   TYR A O   
16  C  CB  . TYR A 3  ? 0.2618 0.2253 0.2400 0.0054  0.0051  -0.0436 3   TYR A CB  
17  C  CG  . TYR A 3  ? 0.2800 0.2368 0.2604 0.0105  0.0089  -0.0489 3   TYR A CG  
18  C  CD1 . TYR A 3  ? 0.2840 0.2273 0.2583 0.0107  0.0050  -0.0551 3   TYR A CD1 
19  C  CD2 . TYR A 3  ? 0.2977 0.2620 0.2861 0.0155  0.0161  -0.0483 3   TYR A CD2 
20  C  CE1 . TYR A 3  ? 0.2951 0.2309 0.2705 0.0181  0.0078  -0.0613 3   TYR A CE1 
21  C  CE2 . TYR A 3  ? 0.2950 0.2566 0.2864 0.0220  0.0193  -0.0542 3   TYR A CE2 
22  C  CZ  . TYR A 3  ? 0.2991 0.2456 0.2842 0.0245  0.0150  -0.0609 3   TYR A CZ  
23  O  OH  . TYR A 3  ? 0.3246 0.2646 0.3111 0.0333  0.0166  -0.0683 3   TYR A OH  
24  N  N   . THR A 4  ? 0.2719 0.2443 0.2375 -0.0042 -0.0083 -0.0418 4   THR A N   
25  C  CA  . THR A 4  ? 0.2467 0.2314 0.2162 -0.0059 -0.0132 -0.0379 4   THR A CA  
26  C  C   . THR A 4  ? 0.2281 0.2183 0.2117 -0.0053 -0.0125 -0.0340 4   THR A C   
27  O  O   . THR A 4  ? 0.2417 0.2287 0.2306 -0.0088 -0.0130 -0.0345 4   THR A O   
28  C  CB  . THR A 4  ? 0.2785 0.2676 0.2457 -0.0127 -0.0204 -0.0408 4   THR A CB  
29  O  OG1 . THR A 4  ? 0.3159 0.2994 0.2686 -0.0130 -0.0220 -0.0457 4   THR A OG1 
30  C  CG2 . THR A 4  ? 0.2918 0.2988 0.2652 -0.0131 -0.0252 -0.0377 4   THR A CG2 
31  N  N   . VAL A 5  ? 0.2115 0.2083 0.1989 -0.0011 -0.0121 -0.0305 5   VAL A N   
32  C  CA  . VAL A 5  ? 0.1994 0.2018 0.1980 0.0004  -0.0118 -0.0283 5   VAL A CA  
33  C  C   . VAL A 5  ? 0.1896 0.2060 0.1913 0.0015  -0.0167 -0.0279 5   VAL A C   
34  O  O   . VAL A 5  ? 0.2162 0.2346 0.2142 0.0062  -0.0190 -0.0270 5   VAL A O   
35  C  CB  . VAL A 5  ? 0.1956 0.1927 0.1973 0.0047  -0.0079 -0.0259 5   VAL A CB  
36  C  CG1 . VAL A 5  ? 0.1902 0.1926 0.2022 0.0061  -0.0087 -0.0254 5   VAL A CG1 
37  C  CG2 . VAL A 5  ? 0.2038 0.1924 0.2043 0.0041  -0.0023 -0.0269 5   VAL A CG2 
38  N  N   . LYS A 6  ? 0.1767 0.2040 0.1851 -0.0026 -0.0185 -0.0283 6   LYS A N   
39  C  CA  . LYS A 6  ? 0.1876 0.2347 0.2016 -0.0009 -0.0223 -0.0288 6   LYS A CA  
40  C  C   . LYS A 6  ? 0.1914 0.2426 0.2121 0.0053  -0.0209 -0.0288 6   LYS A C   
41  O  O   . LYS A 6  ? 0.1953 0.2467 0.2199 0.0024  -0.0186 -0.0280 6   LYS A O   
42  C  CB  . LYS A 6  ? 0.2290 0.2894 0.2469 -0.0100 -0.0241 -0.0288 6   LYS A CB  
43  C  CG  . LYS A 6  ? 0.2701 0.3563 0.2956 -0.0072 -0.0269 -0.0299 6   LYS A CG  
44  C  CD  . LYS A 6  ? 0.3609 0.4661 0.3925 -0.0176 -0.0274 -0.0288 6   LYS A CD  
45  C  CE  . LYS A 6  ? 0.4590 0.5668 0.4881 -0.0270 -0.0316 -0.0295 6   LYS A CE  
46  N  NZ  . LYS A 6  ? 0.5641 0.6902 0.5999 -0.0398 -0.0320 -0.0271 6   LYS A NZ  
47  N  N   . LEU A 7  ? 0.1738 0.2260 0.1944 0.0140  -0.0230 -0.0296 7   LEU A N   
48  C  CA  . LEU A 7  ? 0.1628 0.2158 0.1879 0.0209  -0.0230 -0.0315 7   LEU A CA  
49  C  C   . LEU A 7  ? 0.1699 0.2456 0.2011 0.0256  -0.0257 -0.0351 7   LEU A C   
50  O  O   . LEU A 7  ? 0.2007 0.2864 0.2321 0.0307  -0.0297 -0.0364 7   LEU A O   
51  C  CB  . LEU A 7  ? 0.1836 0.2191 0.2036 0.0276  -0.0245 -0.0304 7   LEU A CB  
52  C  CG  . LEU A 7  ? 0.2094 0.2266 0.2249 0.0221  -0.0201 -0.0268 7   LEU A CG  
53  C  CD1 . LEU A 7  ? 0.2814 0.2844 0.2897 0.0261  -0.0217 -0.0236 7   LEU A CD1 
54  C  CD2 . LEU A 7  ? 0.2220 0.2358 0.2439 0.0197  -0.0170 -0.0275 7   LEU A CD2 
55  N  N   . ILE A 8  ? 0.1507 0.2372 0.1868 0.0243  -0.0235 -0.0367 8   ILE A N   
56  C  CA  . ILE A 8  ? 0.1570 0.2700 0.1991 0.0282  -0.0242 -0.0407 8   ILE A CA  
57  C  C   . ILE A 8  ? 0.1748 0.2839 0.2176 0.0399  -0.0257 -0.0462 8   ILE A C   
58  O  O   . ILE A 8  ? 0.1717 0.2751 0.2138 0.0393  -0.0238 -0.0474 8   ILE A O   
59  C  CB  . ILE A 8  ? 0.1839 0.3122 0.2283 0.0175  -0.0205 -0.0381 8   ILE A CB  
60  C  CG1 . ILE A 8  ? 0.2230 0.3488 0.2659 0.0054  -0.0204 -0.0331 8   ILE A CG1 
61  C  CG2 . ILE A 8  ? 0.1869 0.3479 0.2377 0.0205  -0.0196 -0.0418 8   ILE A CG2 
62  C  CD1 . ILE A 8  ? 0.2659 0.4016 0.3093 -0.0068 -0.0179 -0.0287 8   ILE A CD1 
63  N  N   . THR A 9  ? 0.1552 0.2658 0.1985 0.0513  -0.0302 -0.0498 9   THR A N   
64  C  CA  . THR A 9  ? 0.1732 0.2736 0.2158 0.0641  -0.0335 -0.0560 9   THR A CA  
65  C  C   . THR A 9  ? 0.1700 0.2996 0.2188 0.0742  -0.0342 -0.0640 9   THR A C   
66  O  O   . THR A 9  ? 0.1601 0.3179 0.2148 0.0719  -0.0331 -0.0638 9   THR A O   
67  C  CB  . THR A 9  ? 0.1987 0.2750 0.2356 0.0713  -0.0390 -0.0542 9   THR A CB  
68  O  OG1 . THR A 9  ? 0.2113 0.3024 0.2510 0.0829  -0.0443 -0.0574 9   THR A OG1 
69  C  CG2 . THR A 9  ? 0.2058 0.2639 0.2368 0.0612  -0.0372 -0.0458 9   THR A CG2 
70  N  N   . PRO A 10 ? 0.1881 0.3125 0.2359 0.0859  -0.0366 -0.0723 10  PRO A N   
71  C  CA  . PRO A 10 ? 0.2055 0.3588 0.2588 0.0982  -0.0370 -0.0818 10  PRO A CA  
72  C  C   . PRO A 10 ? 0.1936 0.3641 0.2530 0.1088  -0.0414 -0.0839 10  PRO A C   
73  O  O   . PRO A 10 ? 0.2243 0.4302 0.2917 0.1168  -0.0402 -0.0908 10  PRO A O   
74  C  CB  . PRO A 10 ? 0.2315 0.3652 0.2799 0.1099  -0.0408 -0.0910 10  PRO A CB  
75  C  CG  . PRO A 10 ? 0.2267 0.3308 0.2691 0.0979  -0.0397 -0.0851 10  PRO A CG  
76  C  CD  . PRO A 10 ? 0.2181 0.3108 0.2599 0.0868  -0.0387 -0.0736 10  PRO A CD  
77  N  N   . ASP A 11 ? 0.2098 0.3560 0.2648 0.1104  -0.0470 -0.0785 11  ASP A N   
78  C  CA  . ASP A 11 ? 0.2265 0.3841 0.2853 0.1210  -0.0532 -0.0791 11  ASP A CA  
79  C  C   . ASP A 11 ? 0.2048 0.3750 0.2656 0.1098  -0.0528 -0.0711 11  ASP A C   
80  O  O   . ASP A 11 ? 0.2138 0.3959 0.2780 0.1185  -0.0592 -0.0715 11  ASP A O   
81  C  CB  . ASP A 11 ? 0.2937 0.4156 0.3443 0.1340  -0.0617 -0.0793 11  ASP A CB  
82  C  CG  . ASP A 11 ? 0.3607 0.4758 0.4110 0.1500  -0.0649 -0.0907 11  ASP A CG  
83  O  OD1 . ASP A 11 ? 0.4200 0.5689 0.4793 0.1599  -0.0633 -0.1006 11  ASP A OD1 
84  O  OD2 . ASP A 11 ? 0.4303 0.5072 0.4716 0.1522  -0.0689 -0.0902 11  ASP A OD2 
85  N  N   . GLY A 12 ? 0.1634 0.3346 0.2232 0.0919  -0.0466 -0.0653 12  GLY A N   
86  C  CA  . GLY A 12 ? 0.1716 0.3526 0.2324 0.0802  -0.0468 -0.0592 12  GLY A CA  
87  C  C   . GLY A 12 ? 0.1614 0.3178 0.2137 0.0645  -0.0426 -0.0519 12  GLY A C   
88  O  O   . GLY A 12 ? 0.1651 0.2944 0.2107 0.0637  -0.0404 -0.0502 12  GLY A O   
89  N  N   . GLU A 13 ? 0.1582 0.3245 0.2113 0.0522  -0.0421 -0.0480 13  GLU A N   
90  C  CA  . GLU A 13 ? 0.1854 0.3287 0.2301 0.0389  -0.0387 -0.0424 13  GLU A CA  
91  C  C   . GLU A 13 ? 0.1913 0.3148 0.2260 0.0408  -0.0428 -0.0391 13  GLU A C   
92  O  O   . GLU A 13 ? 0.1904 0.3252 0.2252 0.0460  -0.0490 -0.0398 13  GLU A O   
93  C  CB  . GLU A 13 ? 0.2037 0.3643 0.2526 0.0238  -0.0363 -0.0405 13  GLU A CB  
94  C  CG  . GLU A 13 ? 0.2519 0.4328 0.3084 0.0195  -0.0317 -0.0414 13  GLU A CG  
95  C  CD  . GLU A 13 ? 0.3088 0.5035 0.3685 0.0022  -0.0299 -0.0376 13  GLU A CD  
96  O  OE1 . GLU A 13 ? 0.3537 0.5407 0.4099 -0.0060 -0.0330 -0.0358 13  GLU A OE1 
97  O  OE2 . GLU A 13 ? 0.3654 0.5778 0.4298 -0.0033 -0.0257 -0.0366 13  GLU A OE2 
98  N  N   . SER A 14 ? 0.1971 0.2930 0.2223 0.0362  -0.0396 -0.0354 14  SER A N   
99  C  CA  . SER A 14 ? 0.2107 0.2905 0.2244 0.0359  -0.0421 -0.0318 14  SER A CA  
100 C  C   . SER A 14 ? 0.2142 0.2775 0.2212 0.0253  -0.0367 -0.0294 14  SER A C   
101 O  O   . SER A 14 ? 0.2209 0.2710 0.2288 0.0237  -0.0315 -0.0285 14  SER A O   
102 C  CB  . SER A 14 ? 0.2664 0.3263 0.2729 0.0461  -0.0448 -0.0292 14  SER A CB  
103 O  OG  . SER A 14 ? 0.3278 0.3782 0.3218 0.0463  -0.0482 -0.0251 14  SER A OG  
104 N  N   . SER A 15 ? 0.2107 0.2741 0.2107 0.0190  -0.0382 -0.0293 15  SER A N   
105 C  CA  . SER A 15 ? 0.2255 0.2727 0.2180 0.0110  -0.0335 -0.0288 15  SER A CA  
106 C  C   . SER A 15 ? 0.2650 0.2952 0.2440 0.0148  -0.0324 -0.0257 15  SER A C   
107 O  O   . SER A 15 ? 0.2916 0.3242 0.2627 0.0193  -0.0379 -0.0242 15  SER A O   
108 C  CB  . SER A 15 ? 0.2557 0.3112 0.2467 0.0019  -0.0364 -0.0318 15  SER A CB  
109 O  OG  . SER A 15 ? 0.2514 0.3223 0.2542 -0.0039 -0.0365 -0.0329 15  SER A OG  
110 N  N   . ILE A 16 ? 0.2370 0.2523 0.2137 0.0130  -0.0257 -0.0242 16  ILE A N   
111 C  CA  . ILE A 16 ? 0.2691 0.2705 0.2339 0.0144  -0.0225 -0.0204 16  ILE A CA  
112 C  C   . ILE A 16 ? 0.2684 0.2630 0.2283 0.0090  -0.0163 -0.0231 16  ILE A C   
113 O  O   . ILE A 16 ? 0.2492 0.2453 0.2164 0.0052  -0.0147 -0.0269 16  ILE A O   
114 C  CB  . ILE A 16 ? 0.2895 0.2813 0.2581 0.0180  -0.0199 -0.0159 16  ILE A CB  
115 C  CG1 . ILE A 16 ? 0.2804 0.2703 0.2599 0.0146  -0.0141 -0.0177 16  ILE A CG1 
116 C  CG2 . ILE A 16 ? 0.3275 0.3231 0.3007 0.0256  -0.0268 -0.0150 16  ILE A CG2 
117 C  CD1 . ILE A 16 ? 0.2927 0.2723 0.2752 0.0161  -0.0120 -0.0137 16  ILE A CD1 
118 N  N   . GLU A 17 ? 0.2796 0.2668 0.2256 0.0092  -0.0129 -0.0212 17  GLU A N   
119 C  CA  . GLU A 17 ? 0.2837 0.2657 0.2262 0.0064  -0.0054 -0.0246 17  GLU A CA  
120 C  C   . GLU A 17 ? 0.2683 0.2462 0.2172 0.0067  0.0017  -0.0204 17  GLU A C   
121 O  O   . GLU A 17 ? 0.3000 0.2747 0.2485 0.0080  0.0012  -0.0136 17  GLU A O   
122 C  CB  . GLU A 17 ? 0.3481 0.3279 0.2711 0.0062  -0.0049 -0.0265 17  GLU A CB  
123 C  CG  . GLU A 17 ? 0.4145 0.3992 0.3327 0.0044  -0.0134 -0.0318 17  GLU A CG  
124 N  N   . CYS A 18 ? 0.2373 0.2151 0.1940 0.0058  0.0071  -0.0242 18  CYS A N   
125 C  CA  . CYS A 18 ? 0.2372 0.2154 0.2029 0.0053  0.0140  -0.0215 18  CYS A CA  
126 C  C   . CYS A 18 ? 0.2635 0.2436 0.2285 0.0064  0.0211  -0.0269 18  CYS A C   
127 O  O   . CYS A 18 ? 0.2653 0.2437 0.2342 0.0079  0.0195  -0.0332 18  CYS A O   
128 C  CB  . CYS A 18 ? 0.2372 0.2169 0.2195 0.0055  0.0114  -0.0208 18  CYS A CB  
129 S  SG  . CYS A 18 ? 0.2411 0.2228 0.2363 0.0036  0.0172  -0.0177 18  CYS A SG  
130 N  N   . SER A 19 ? 0.2838 0.2676 0.2444 0.0056  0.0289  -0.0243 19  SER A N   
131 C  CA  A SER A 19 ? 0.3053 0.2954 0.2674 0.0081  0.0369  -0.0299 19  SER A CA  
132 C  CA  B SER A 19 ? 0.2912 0.2807 0.2530 0.0084  0.0364  -0.0306 19  SER A CA  
133 C  C   . SER A 19 ? 0.2641 0.2584 0.2461 0.0101  0.0380  -0.0326 19  SER A C   
134 O  O   . SER A 19 ? 0.2719 0.2667 0.2660 0.0075  0.0349  -0.0278 19  SER A O   
135 C  CB  A SER A 19 ? 0.3482 0.3461 0.3028 0.0051  0.0460  -0.0244 19  SER A CB  
136 C  CB  B SER A 19 ? 0.3202 0.3178 0.2726 0.0066  0.0459  -0.0270 19  SER A CB  
137 O  OG  A SER A 19 ? 0.4126 0.4066 0.3453 0.0042  0.0450  -0.0219 19  SER A OG  
138 O  OG  B SER A 19 ? 0.3115 0.3167 0.2783 0.0026  0.0509  -0.0210 19  SER A OG  
139 N  N   . ASP A 20 ? 0.2747 0.2727 0.2595 0.0155  0.0421  -0.0404 20  ASP A N   
140 C  CA  . ASP A 20 ? 0.2715 0.2748 0.2749 0.0191  0.0426  -0.0427 20  ASP A CA  
141 C  C   . ASP A 20 ? 0.2590 0.2772 0.2764 0.0157  0.0487  -0.0374 20  ASP A C   
142 O  O   . ASP A 20 ? 0.2528 0.2770 0.2871 0.0175  0.0473  -0.0380 20  ASP A O   
143 C  CB  . ASP A 20 ? 0.3131 0.3165 0.3154 0.0276  0.0455  -0.0526 20  ASP A CB  
144 C  CG  . ASP A 20 ? 0.3496 0.3658 0.3448 0.0298  0.0560  -0.0557 20  ASP A CG  
145 O  OD1 . ASP A 20 ? 0.4550 0.4889 0.4625 0.0298  0.0635  -0.0538 20  ASP A OD1 
146 O  OD2 . ASP A 20 ? 0.4692 0.4806 0.4462 0.0315  0.0575  -0.0605 20  ASP A OD2 
147 N  N   . ASP A 21 ? 0.2678 0.2918 0.2772 0.0102  0.0549  -0.0318 21  ASP A N   
148 C  CA  . ASP A 21 ? 0.2755 0.3131 0.2975 0.0041  0.0607  -0.0258 21  ASP A CA  
149 C  C   . ASP A 21 ? 0.2827 0.3106 0.3008 -0.0046 0.0567  -0.0160 21  ASP A C   
150 O  O   . ASP A 21 ? 0.2836 0.3179 0.3058 -0.0128 0.0616  -0.0087 21  ASP A O   
151 C  CB  . ASP A 21 ? 0.3194 0.3746 0.3376 0.0040  0.0731  -0.0270 21  ASP A CB  
152 C  CG  . ASP A 21 ? 0.3698 0.4192 0.3639 0.0006  0.0762  -0.0227 21  ASP A CG  
153 O  OD1 . ASP A 21 ? 0.4486 0.4805 0.4291 -0.0002 0.0682  -0.0200 21  ASP A OD1 
154 O  OD2 . ASP A 21 ? 0.4621 0.5270 0.4503 -0.0013 0.0871  -0.0218 21  ASP A OD2 
155 N  N   . THR A 22 ? 0.2419 0.2546 0.2537 -0.0033 0.0475  -0.0154 22  THR A N   
156 C  CA  . THR A 22 ? 0.2549 0.2568 0.2641 -0.0086 0.0420  -0.0078 22  THR A CA  
157 C  C   . THR A 22 ? 0.2228 0.2202 0.2441 -0.0065 0.0335  -0.0105 22  THR A C   
158 O  O   . THR A 22 ? 0.2241 0.2201 0.2456 -0.0012 0.0293  -0.0158 22  THR A O   
159 C  CB  . THR A 22 ? 0.2852 0.2758 0.2745 -0.0075 0.0383  -0.0049 22  THR A CB  
160 O  OG1 . THR A 22 ? 0.3403 0.3355 0.3158 -0.0099 0.0462  -0.0017 22  THR A OG1 
161 C  CG2 . THR A 22 ? 0.3090 0.2861 0.2953 -0.0098 0.0308  0.0019  22  THR A CG2 
162 N  N   . TYR A 23 ? 0.2305 0.2249 0.2604 -0.0113 0.0308  -0.0067 23  TYR A N   
163 C  CA  . TYR A 23 ? 0.2054 0.1964 0.2439 -0.0089 0.0230  -0.0097 23  TYR A CA  
164 C  C   . TYR A 23 ? 0.2089 0.1891 0.2358 -0.0047 0.0160  -0.0099 23  TYR A C   
165 O  O   . TYR A 23 ? 0.2308 0.2025 0.2454 -0.0050 0.0150  -0.0054 23  TYR A O   
166 C  CB  . TYR A 23 ? 0.2224 0.2109 0.2709 -0.0148 0.0207  -0.0072 23  TYR A CB  
167 C  CG  . TYR A 23 ? 0.2165 0.2193 0.2812 -0.0200 0.0255  -0.0075 23  TYR A CG  
168 C  CD1 . TYR A 23 ? 0.2110 0.2281 0.2871 -0.0156 0.0268  -0.0130 23  TYR A CD1 
169 C  CD2 . TYR A 23 ? 0.2469 0.2478 0.3156 -0.0299 0.0273  -0.0019 23  TYR A CD2 
170 C  CE1 . TYR A 23 ? 0.2230 0.2564 0.3164 -0.0196 0.0301  -0.0137 23  TYR A CE1 
171 C  CE2 . TYR A 23 ? 0.2544 0.2723 0.3402 -0.0362 0.0315  -0.0022 23  TYR A CE2 
172 C  CZ  . TYR A 23 ? 0.2405 0.2761 0.3390 -0.0300 0.0328  -0.0086 23  TYR A CZ  
173 O  OH  . TYR A 23 ? 0.2892 0.3445 0.4066 -0.0356 0.0361  -0.0091 23  TYR A OH  
174 N  N   . ILE A 24 ? 0.2063 0.1888 0.2379 -0.0006 0.0110  -0.0145 24  ILE A N   
175 C  CA  A ILE A 24 ? 0.1991 0.1779 0.2228 0.0035  0.0052  -0.0155 24  ILE A CA  
176 C  CA  B ILE A 24 ? 0.2054 0.1846 0.2300 0.0036  0.0048  -0.0159 24  ILE A CA  
177 C  C   . ILE A 24 ? 0.2060 0.1749 0.2257 0.0043  0.0005  -0.0126 24  ILE A C   
178 O  O   . ILE A 24 ? 0.2196 0.1840 0.2292 0.0072  -0.0023 -0.0107 24  ILE A O   
179 C  CB  A ILE A 24 ? 0.1835 0.1693 0.2130 0.0060  0.0016  -0.0201 24  ILE A CB  
180 C  CB  B ILE A 24 ? 0.2041 0.1898 0.2360 0.0062  0.0006  -0.0202 24  ILE A CB  
181 C  CG1 A ILE A 24 ? 0.1735 0.1629 0.2027 0.0059  0.0050  -0.0220 24  ILE A CG1 
182 C  CG1 B ILE A 24 ? 0.2051 0.1964 0.2396 0.0062  0.0029  -0.0226 24  ILE A CG1 
183 C  CG2 A ILE A 24 ? 0.1834 0.1702 0.2074 0.0096  -0.0039 -0.0211 24  ILE A CG2 
184 C  CG2 B ILE A 24 ? 0.1934 0.1801 0.2209 0.0101  -0.0052 -0.0217 24  ILE A CG2 
185 C  CD1 A ILE A 24 ? 0.1754 0.1694 0.2123 0.0066  0.0024  -0.0243 24  ILE A CD1 
186 C  CD1 B ILE A 24 ? 0.2238 0.2141 0.2490 0.0065  0.0027  -0.0236 24  ILE A CD1 
187 N  N   . LEU A 25 ? 0.2133 0.1770 0.2403 0.0020  -0.0012 -0.0123 25  LEU A N   
188 C  CA  . LEU A 25 ? 0.2291 0.1782 0.2512 0.0034  -0.0068 -0.0100 25  LEU A CA  
189 C  C   . LEU A 25 ? 0.2629 0.2003 0.2725 0.0006  -0.0051 -0.0019 25  LEU A C   
190 O  O   . LEU A 25 ? 0.2639 0.1903 0.2634 0.0056  -0.0107 0.0006  25  LEU A O   
191 C  CB  . LEU A 25 ? 0.2524 0.1962 0.2845 -0.0008 -0.0090 -0.0118 25  LEU A CB  
192 C  CG  . LEU A 25 ? 0.2877 0.2110 0.3148 -0.0002 -0.0156 -0.0100 25  LEU A CG  
193 C  CD1 . LEU A 25 ? 0.3047 0.2260 0.3265 0.0113  -0.0226 -0.0152 25  LEU A CD1 
194 C  CD2 . LEU A 25 ? 0.3080 0.2255 0.3451 -0.0069 -0.0180 -0.0122 25  LEU A CD2 
195 N  N   . ASP A 26 ? 0.2644 0.2058 0.2744 -0.0069 0.0026  0.0024  26  ASP A N   
196 C  CA  . ASP A 26 ? 0.3029 0.2361 0.2994 -0.0112 0.0060  0.0112  26  ASP A CA  
197 C  C   . ASP A 26 ? 0.2937 0.2289 0.2760 -0.0047 0.0046  0.0113  26  ASP A C   
198 O  O   . ASP A 26 ? 0.3217 0.2450 0.2894 -0.0030 0.0009  0.0177  26  ASP A O   
199 C  CB  . ASP A 26 ? 0.3392 0.2830 0.3397 -0.0203 0.0164  0.0147  26  ASP A CB  
200 C  CG  . ASP A 26 ? 0.3571 0.3022 0.3729 -0.0281 0.0175  0.0152  26  ASP A CG  
201 O  OD1 . ASP A 26 ? 0.4965 0.4326 0.5190 -0.0272 0.0101  0.0122  26  ASP A OD1 
202 O  OD2 . ASP A 26 ? 0.4178 0.3757 0.4402 -0.0352 0.0257  0.0173  26  ASP A OD2 
203 N  N   . ALA A 27 ? 0.2827 0.2317 0.2684 -0.0012 0.0063  0.0044  27  ALA A N   
204 C  CA  . ALA A 27 ? 0.2713 0.2236 0.2446 0.0034  0.0041  0.0032  27  ALA A CA  
205 C  C   . ALA A 27 ? 0.2757 0.2229 0.2462 0.0103  -0.0055 0.0028  27  ALA A C   
206 O  O   . ALA A 27 ? 0.3090 0.2528 0.2664 0.0137  -0.0096 0.0062  27  ALA A O   
207 C  CB  . ALA A 27 ? 0.2680 0.2327 0.2457 0.0043  0.0067  -0.0044 27  ALA A CB  
208 N  N   . ALA A 28 ? 0.2583 0.2064 0.2409 0.0132  -0.0094 -0.0015 28  ALA A N   
209 C  CA  . ALA A 28 ? 0.2697 0.2170 0.2519 0.0216  -0.0180 -0.0039 28  ALA A CA  
210 C  C   . ALA A 28 ? 0.3190 0.2477 0.2913 0.0246  -0.0231 0.0029  28  ALA A C   
211 O  O   . ALA A 28 ? 0.3668 0.2937 0.3306 0.0319  -0.0296 0.0044  28  ALA A O   
212 C  CB  . ALA A 28 ? 0.2612 0.2145 0.2569 0.0242  -0.0200 -0.0106 28  ALA A CB  
213 N  N   . GLU A 29 ? 0.3585 0.2726 0.3310 0.0183  -0.0206 0.0078  29  GLU A N   
214 C  CA  . GLU A 29 ? 0.4080 0.2992 0.3698 0.0196  -0.0261 0.0156  29  GLU A CA  
215 C  C   . GLU A 29 ? 0.4665 0.3541 0.4105 0.0188  -0.0254 0.0244  29  GLU A C   
216 O  O   . GLU A 29 ? 0.4512 0.3258 0.3841 0.0260  -0.0337 0.0290  29  GLU A O   
217 C  CB  . GLU A 29 ? 0.4141 0.2919 0.3809 0.0098  -0.0230 0.0194  29  GLU A CB  
218 C  CG  . GLU A 29 ? 0.4318 0.3055 0.4111 0.0132  -0.0283 0.0111  29  GLU A CG  
219 C  CD  . GLU A 29 ? 0.4849 0.3505 0.4725 0.0016  -0.0253 0.0127  29  GLU A CD  
220 O  OE1 . GLU A 29 ? 0.5258 0.3965 0.5133 -0.0096 -0.0170 0.0196  29  GLU A OE1 
221 O  OE2 . GLU A 29 ? 0.5162 0.3743 0.5115 0.0037  -0.0310 0.0060  29  GLU A OE2 
222 N  N   . GLU A 30 ? 0.4438 0.3428 0.3842 0.0112  -0.0163 0.0262  30  GLU A N   
223 C  CA  . GLU A 30 ? 0.5153 0.4131 0.4362 0.0103  -0.0152 0.0336  30  GLU A CA  
224 C  C   . GLU A 30 ? 0.5436 0.4486 0.4583 0.0207  -0.0236 0.0299  30  GLU A C   
225 O  O   . GLU A 30 ? 0.5536 0.4507 0.4508 0.0240  -0.0287 0.0372  30  GLU A O   
226 C  CB  . GLU A 30 ? 0.5369 0.4501 0.4556 0.0029  -0.0039 0.0323  30  GLU A CB  
227 C  CG  . GLU A 30 ? 0.6143 0.5290 0.5399 -0.0079 0.0065  0.0355  30  GLU A CG  
228 C  CD  . GLU A 30 ? 0.6508 0.5853 0.5794 -0.0106 0.0168  0.0294  30  GLU A CD  
229 O  OE1 . GLU A 30 ? 0.7001 0.6432 0.6230 -0.0055 0.0158  0.0229  30  GLU A OE1 
230 O  OE2 . GLU A 30 ? 0.7015 0.6433 0.6387 -0.0179 0.0257  0.0303  30  GLU A OE2 
231 N  N   . ALA A 31 ? 0.4666 0.3878 0.3949 0.0251  -0.0253 0.0194  31  ALA A N   
232 C  CA  . ALA A 31 ? 0.4664 0.4006 0.3930 0.0329  -0.0325 0.0148  31  ALA A CA  
233 C  C   . ALA A 31 ? 0.4599 0.3881 0.3885 0.0442  -0.0433 0.0150  31  ALA A C   
234 O  O   . ALA A 31 ? 0.4749 0.4155 0.4030 0.0517  -0.0503 0.0119  31  ALA A O   
235 C  CB  . ALA A 31 ? 0.4247 0.3786 0.3653 0.0314  -0.0300 0.0047  31  ALA A CB  
236 N  N   . GLY A 32 ? 0.4887 0.3991 0.4208 0.0458  -0.0450 0.0174  32  GLY A N   
237 C  CA  . GLY A 32 ? 0.5020 0.4019 0.4342 0.0586  -0.0559 0.0172  32  GLY A CA  
238 C  C   . GLY A 32 ? 0.4908 0.4024 0.4404 0.0655  -0.0579 0.0059  32  GLY A C   
239 O  O   . GLY A 32 ? 0.5383 0.4500 0.4903 0.0789  -0.0668 0.0021  32  GLY A O   
240 N  N   . LEU A 33 ? 0.4190 0.3420 0.3806 0.0577  -0.0500 0.0001  33  LEU A N   
241 C  CA  . LEU A 33 ? 0.4035 0.3367 0.3793 0.0632  -0.0513 -0.0097 33  LEU A CA  
242 C  C   . LEU A 33 ? 0.4561 0.3660 0.4330 0.0624  -0.0524 -0.0095 33  LEU A C   
243 O  O   . LEU A 33 ? 0.5211 0.4124 0.4914 0.0532  -0.0495 -0.0016 33  LEU A O   
244 C  CB  . LEU A 33 ? 0.4033 0.3591 0.3895 0.0556  -0.0437 -0.0150 33  LEU A CB  
245 C  CG  . LEU A 33 ? 0.4092 0.3872 0.3952 0.0548  -0.0435 -0.0162 33  LEU A CG  
246 C  CD1 . LEU A 33 ? 0.4143 0.4077 0.4090 0.0460  -0.0367 -0.0202 33  LEU A CD1 
247 C  CD2 . LEU A 33 ? 0.4261 0.4207 0.4168 0.0666  -0.0512 -0.0212 33  LEU A CD2 
248 N  N   . ASP A 34 ? 0.4632 0.3760 0.4487 0.0709  -0.0564 -0.0186 34  ASP A N   
249 C  CA  . ASP A 34 ? 0.5340 0.4245 0.5209 0.0709  -0.0593 -0.0213 34  ASP A CA  
250 C  C   . ASP A 34 ? 0.4720 0.3784 0.4711 0.0670  -0.0546 -0.0304 34  ASP A C   
251 O  O   . ASP A 34 ? 0.5098 0.4227 0.5137 0.0768  -0.0585 -0.0403 34  ASP A O   
252 C  CB  . ASP A 34 ? 0.6111 0.4875 0.5944 0.0877  -0.0704 -0.0261 34  ASP A CB  
253 C  CG  . ASP A 34 ? 0.7041 0.5512 0.6867 0.0889  -0.0758 -0.0305 34  ASP A CG  
254 O  OD1 . ASP A 34 ? 0.7795 0.6242 0.7678 0.0771  -0.0710 -0.0320 34  ASP A OD1 
255 O  OD2 . ASP A 34 ? 0.8448 0.6710 0.8219 0.1024  -0.0859 -0.0333 34  ASP A OD2 
256 N  N   . LEU A 35 ? 0.3893 0.3015 0.3925 0.0539  -0.0468 -0.0272 35  LEU A N   
257 C  CA  . LEU A 35 ? 0.3506 0.2775 0.3639 0.0507  -0.0434 -0.0347 35  LEU A CA  
258 C  C   . LEU A 35 ? 0.3577 0.2672 0.3739 0.0466  -0.0460 -0.0378 35  LEU A C   
259 O  O   . LEU A 35 ? 0.3742 0.2619 0.3867 0.0399  -0.0471 -0.0314 35  LEU A O   
260 C  CB  . LEU A 35 ? 0.3233 0.2668 0.3407 0.0405  -0.0350 -0.0311 35  LEU A CB  
261 C  CG  . LEU A 35 ? 0.3297 0.2907 0.3449 0.0417  -0.0327 -0.0291 35  LEU A CG  
262 C  CD1 . LEU A 35 ? 0.2987 0.2716 0.3179 0.0325  -0.0255 -0.0274 35  LEU A CD1 
263 C  CD2 . LEU A 35 ? 0.3482 0.3254 0.3658 0.0523  -0.0369 -0.0360 35  LEU A CD2 
264 N  N   . PRO A 36 ? 0.3149 0.2347 0.3372 0.0496  -0.0472 -0.0474 36  PRO A N   
265 C  CA  . PRO A 36 ? 0.3256 0.2278 0.3497 0.0463  -0.0516 -0.0519 36  PRO A CA  
266 C  C   . PRO A 36 ? 0.3165 0.2174 0.3473 0.0311  -0.0471 -0.0467 36  PRO A C   
267 O  O   . PRO A 36 ? 0.2811 0.2011 0.3173 0.0254  -0.0403 -0.0435 36  PRO A O   
268 C  CB  . PRO A 36 ? 0.3308 0.2496 0.3578 0.0547  -0.0539 -0.0643 36  PRO A CB  
269 C  CG  . PRO A 36 ? 0.3135 0.2613 0.3437 0.0544  -0.0471 -0.0625 36  PRO A CG  
270 C  CD  . PRO A 36 ? 0.3114 0.2588 0.3379 0.0553  -0.0452 -0.0543 36  PRO A CD  
271 N  N   . TYR A 37 ? 0.3393 0.2180 0.3704 0.0245  -0.0514 -0.0461 37  TYR A N   
272 C  CA  . TYR A 37 ? 0.3342 0.2162 0.3746 0.0102  -0.0479 -0.0428 37  TYR A CA  
273 C  C   . TYR A 37 ? 0.3494 0.2062 0.3904 0.0044  -0.0560 -0.0464 37  TYR A C   
274 O  O   . TYR A 37 ? 0.3898 0.2230 0.4220 0.0114  -0.0633 -0.0490 37  TYR A O   
275 C  CB  . TYR A 37 ? 0.3406 0.2243 0.3807 0.0008  -0.0399 -0.0301 37  TYR A CB  
276 C  CG  . TYR A 37 ? 0.4007 0.2582 0.4307 -0.0015 -0.0427 -0.0221 37  TYR A CG  
277 C  CD1 . TYR A 37 ? 0.4411 0.2789 0.4727 -0.0140 -0.0450 -0.0175 37  TYR A CD1 
278 C  CD2 . TYR A 37 ? 0.4240 0.2751 0.4422 0.0084  -0.0442 -0.0189 37  TYR A CD2 
279 C  CE1 . TYR A 37 ? 0.4972 0.3067 0.5176 -0.0169 -0.0486 -0.0084 37  TYR A CE1 
280 C  CE2 . TYR A 37 ? 0.4887 0.3126 0.4957 0.0072  -0.0485 -0.0105 37  TYR A CE2 
281 C  CZ  . TYR A 37 ? 0.4803 0.2823 0.4877 -0.0058 -0.0505 -0.0049 37  TYR A CZ  
282 O  OH  . TYR A 37 ? 0.5953 0.3678 0.5897 -0.0090 -0.0546 0.0056  37  TYR A OH  
283 N  N   . SER A 38 ? 0.3296 0.1919 0.3811 -0.0079 -0.0552 -0.0466 38  SER A N   
284 C  CA  . SER A 38 ? 0.3545 0.1948 0.4090 -0.0177 -0.0626 -0.0491 38  SER A CA  
285 C  C   . SER A 38 ? 0.3636 0.2130 0.4297 -0.0353 -0.0564 -0.0396 38  SER A C   
286 O  O   . SER A 38 ? 0.4084 0.2450 0.4710 -0.0437 -0.0532 -0.0287 38  SER A O   
287 C  CB  . SER A 38 ? 0.3569 0.2036 0.4150 -0.0134 -0.0697 -0.0634 38  SER A CB  
288 O  OG  . SER A 38 ? 0.4341 0.2549 0.4931 -0.0223 -0.0790 -0.0677 38  SER A OG  
289 N  N   . CYS A 39 ? 0.3462 0.2219 0.4257 -0.0400 -0.0536 -0.0432 39  CYS A N   
290 C  CA  . CYS A 39 ? 0.3606 0.2472 0.4548 -0.0569 -0.0496 -0.0370 39  CYS A CA  
291 C  C   . CYS A 39 ? 0.3644 0.2668 0.4609 -0.0607 -0.0374 -0.0253 39  CYS A C   
292 O  O   . CYS A 39 ? 0.3880 0.2967 0.4935 -0.0746 -0.0323 -0.0179 39  CYS A O   
293 C  CB  . CYS A 39 ? 0.3551 0.2662 0.4637 -0.0584 -0.0524 -0.0454 39  CYS A CB  
294 S  SG  . CYS A 39 ? 0.3083 0.2541 0.4213 -0.0474 -0.0439 -0.0450 39  CYS A SG  
295 N  N   . ARG A 40 ? 0.3334 0.2448 0.4221 -0.0484 -0.0324 -0.0247 40  ARG A N   
296 C  CA  . ARG A 40 ? 0.3835 0.3096 0.4718 -0.0491 -0.0217 -0.0164 40  ARG A CA  
297 C  C   . ARG A 40 ? 0.3242 0.2779 0.4293 -0.0559 -0.0149 -0.0154 40  ARG A C   
298 O  O   . ARG A 40 ? 0.3538 0.3183 0.4596 -0.0598 -0.0053 -0.0082 40  ARG A O   
299 C  CB  . ARG A 40 ? 0.4396 0.3455 0.5160 -0.0552 -0.0191 -0.0057 40  ARG A CB  
300 C  CG  . ARG A 40 ? 0.5020 0.4086 0.5648 -0.0459 -0.0141 -0.0016 40  ARG A CG  
301 C  CD  . ARG A 40 ? 0.5688 0.4485 0.6155 -0.0473 -0.0167 0.0071  40  ARG A CD  
302 N  NE  . ARG A 40 ? 0.5931 0.4797 0.6284 -0.0425 -0.0099 0.0131  40  ARG A NE  
303 C  CZ  . ARG A 40 ? 0.6252 0.5009 0.6460 -0.0316 -0.0139 0.0138  40  ARG A CZ  
304 N  NH1 . ARG A 40 ? 0.6398 0.4970 0.6558 -0.0231 -0.0240 0.0090  40  ARG A NH1 
305 N  NH2 . ARG A 40 ? 0.5943 0.4786 0.6054 -0.0289 -0.0080 0.0185  40  ARG A NH2 
306 N  N   . ALA A 41 ? 0.2909 0.2579 0.4086 -0.0561 -0.0197 -0.0230 41  ALA A N   
307 C  CA  . ALA A 41 ? 0.3052 0.2997 0.4419 -0.0620 -0.0154 -0.0228 41  ALA A CA  
308 C  C   . ALA A 41 ? 0.2910 0.3056 0.4350 -0.0520 -0.0180 -0.0298 41  ALA A C   
309 O  O   . ALA A 41 ? 0.2973 0.3358 0.4586 -0.0548 -0.0165 -0.0309 41  ALA A O   
310 C  CB  . ALA A 41 ? 0.3300 0.3225 0.4792 -0.0778 -0.0198 -0.0225 41  ALA A CB  
311 N  N   . GLY A 42 ? 0.2629 0.2699 0.3941 -0.0401 -0.0212 -0.0336 42  GLY A N   
312 C  CA  . GLY A 42 ? 0.2569 0.2791 0.3910 -0.0313 -0.0237 -0.0381 42  GLY A CA  
313 C  C   . GLY A 42 ? 0.2544 0.2797 0.3931 -0.0317 -0.0339 -0.0455 42  GLY A C   
314 O  O   . GLY A 42 ? 0.2410 0.2805 0.3825 -0.0254 -0.0368 -0.0482 42  GLY A O   
315 N  N   . ALA A 43 ? 0.2750 0.2862 0.4129 -0.0387 -0.0399 -0.0491 43  ALA A N   
316 C  CA  . ALA A 43 ? 0.2663 0.2813 0.4093 -0.0408 -0.0505 -0.0577 43  ALA A CA  
317 C  C   . ALA A 43 ? 0.2809 0.2765 0.4087 -0.0354 -0.0584 -0.0660 43  ALA A C   
318 O  O   . ALA A 43 ? 0.2984 0.2900 0.4276 -0.0389 -0.0677 -0.0742 43  ALA A O   
319 C  CB  . ALA A 43 ? 0.2573 0.2778 0.4176 -0.0557 -0.0528 -0.0573 43  ALA A CB  
320 N  N   . CYS A 44 ? 0.2602 0.2462 0.3735 -0.0259 -0.0550 -0.0648 44  CYS A N   
321 C  CA  . CYS A 44 ? 0.2604 0.2352 0.3590 -0.0166 -0.0608 -0.0734 44  CYS A CA  
322 C  C   . CYS A 44 ? 0.2790 0.2618 0.3671 -0.0054 -0.0555 -0.0711 44  CYS A C   
323 O  O   . CYS A 44 ? 0.2638 0.2597 0.3557 -0.0051 -0.0489 -0.0638 44  CYS A O   
324 C  CB  . CYS A 44 ? 0.2867 0.2335 0.3793 -0.0192 -0.0650 -0.0761 44  CYS A CB  
325 S  SG  . CYS A 44 ? 0.2993 0.2286 0.3810 -0.0141 -0.0587 -0.0681 44  CYS A SG  
326 N  N   . SER A 45 ? 0.2775 0.2545 0.3533 0.0036  -0.0587 -0.0781 45  SER A N   
327 C  CA  . SER A 45 ? 0.2605 0.2474 0.3278 0.0123  -0.0538 -0.0761 45  SER A CA  
328 C  C   . SER A 45 ? 0.2696 0.2431 0.3294 0.0183  -0.0520 -0.0756 45  SER A C   
329 O  O   . SER A 45 ? 0.2666 0.2512 0.3204 0.0251  -0.0485 -0.0747 45  SER A O   
330 C  CB  . SER A 45 ? 0.2719 0.2725 0.3317 0.0189  -0.0576 -0.0838 45  SER A CB  
331 O  OG  . SER A 45 ? 0.3339 0.3242 0.3885 0.0225  -0.0648 -0.0952 45  SER A OG  
332 N  N   . THR A 46 ? 0.2784 0.2297 0.3383 0.0151  -0.0545 -0.0749 46  THR A N   
333 C  CA  . THR A 46 ? 0.2805 0.2179 0.3319 0.0233  -0.0552 -0.0755 46  THR A CA  
334 C  C   . THR A 46 ? 0.2708 0.2186 0.3200 0.0259  -0.0478 -0.0671 46  THR A C   
335 O  O   . THR A 46 ? 0.2715 0.2228 0.3142 0.0359  -0.0481 -0.0696 46  THR A O   
336 C  CB  . THR A 46 ? 0.3089 0.2171 0.3595 0.0182  -0.0599 -0.0738 46  THR A CB  
337 O  OG1 . THR A 46 ? 0.3374 0.2348 0.3887 0.0164  -0.0683 -0.0838 46  THR A OG1 
338 C  CG2 . THR A 46 ? 0.3408 0.2328 0.3818 0.0281  -0.0625 -0.0742 46  THR A CG2 
339 N  N   . CYS A 47 ? 0.2644 0.2184 0.3197 0.0175  -0.0418 -0.0582 47  CYS A N   
340 C  CA  . CYS A 47 ? 0.2281 0.1876 0.2807 0.0181  -0.0355 -0.0504 47  CYS A CA  
341 C  C   . CYS A 47 ? 0.2124 0.1937 0.2659 0.0198  -0.0316 -0.0499 47  CYS A C   
342 O  O   . CYS A 47 ? 0.2069 0.1936 0.2599 0.0179  -0.0262 -0.0438 47  CYS A O   
343 C  CB  . CYS A 47 ? 0.2372 0.1914 0.2944 0.0082  -0.0303 -0.0417 47  CYS A CB  
344 S  SG  . CYS A 47 ? 0.2253 0.1967 0.2951 0.0011  -0.0267 -0.0406 47  CYS A SG  
345 N  N   . ALA A 48 ? 0.2196 0.2117 0.2737 0.0224  -0.0345 -0.0560 48  ALA A N   
346 C  CA  . ALA A 48 ? 0.1941 0.2045 0.2476 0.0225  -0.0315 -0.0538 48  ALA A CA  
347 C  C   . ALA A 48 ? 0.1923 0.2103 0.2404 0.0259  -0.0282 -0.0512 48  ALA A C   
348 O  O   . ALA A 48 ? 0.1925 0.2113 0.2364 0.0324  -0.0299 -0.0552 48  ALA A O   
349 C  CB  . ALA A 48 ? 0.2064 0.2273 0.2575 0.0253  -0.0354 -0.0601 48  ALA A CB  
350 N  N   . GLY A 49 ? 0.1791 0.2029 0.2279 0.0216  -0.0242 -0.0450 49  GLY A N   
351 C  CA  . GLY A 49 ? 0.1604 0.1949 0.2049 0.0222  -0.0218 -0.0425 49  GLY A CA  
352 C  C   . GLY A 49 ? 0.1539 0.1970 0.1978 0.0178  -0.0206 -0.0386 49  GLY A C   
353 O  O   . GLY A 49 ? 0.1714 0.2147 0.2175 0.0166  -0.0225 -0.0386 49  GLY A O   
354 N  N   . LYS A 50 ? 0.1587 0.2109 0.1991 0.0151  -0.0187 -0.0351 50  LYS A N   
355 C  CA  . LYS A 50 ? 0.1634 0.2208 0.2010 0.0098  -0.0183 -0.0298 50  LYS A CA  
356 C  C   . LYS A 50 ? 0.1825 0.2351 0.2187 0.0046  -0.0163 -0.0249 50  LYS A C   
357 O  O   . LYS A 50 ? 0.1657 0.2261 0.2007 0.0037  -0.0155 -0.0256 50  LYS A O   
358 C  CB  . LYS A 50 ? 0.1965 0.2719 0.2293 0.0097  -0.0186 -0.0303 50  LYS A CB  
359 C  CG  . LYS A 50 ? 0.2372 0.3132 0.2655 0.0037  -0.0193 -0.0229 50  LYS A CG  
360 C  CD  . LYS A 50 ? 0.2882 0.3840 0.3094 0.0015  -0.0187 -0.0214 50  LYS A CD  
361 C  CE  . LYS A 50 ? 0.2881 0.3969 0.3096 -0.0026 -0.0153 -0.0201 50  LYS A CE  
362 N  NZ  . LYS A 50 ? 0.3516 0.4808 0.3664 -0.0095 -0.0130 -0.0149 50  LYS A NZ  
363 N  N   . ILE A 51 ? 0.1634 0.2043 0.1998 0.0017  -0.0164 -0.0209 51  ILE A N   
364 C  CA  . ILE A 51 ? 0.1754 0.2078 0.2089 -0.0032 -0.0156 -0.0174 51  ILE A CA  
365 C  C   . ILE A 51 ? 0.1938 0.2337 0.2221 -0.0104 -0.0165 -0.0124 51  ILE A C   
366 O  O   . ILE A 51 ? 0.2096 0.2515 0.2350 -0.0121 -0.0183 -0.0084 51  ILE A O   
367 C  CB  . ILE A 51 ? 0.1985 0.2153 0.2335 -0.0021 -0.0160 -0.0158 51  ILE A CB  
368 C  CG1 . ILE A 51 ? 0.2207 0.2342 0.2620 0.0032  -0.0141 -0.0199 51  ILE A CG1 
369 C  CG2 . ILE A 51 ? 0.2275 0.2322 0.2577 -0.0062 -0.0160 -0.0141 51  ILE A CG2 
370 C  CD1 . ILE A 51 ? 0.2441 0.2508 0.2905 0.0061  -0.0147 -0.0193 51  ILE A CD1 
371 N  N   . THR A 52 ? 0.1827 0.2275 0.2093 -0.0157 -0.0160 -0.0119 52  THR A N   
372 C  CA  . THR A 52 ? 0.2340 0.2847 0.2563 -0.0257 -0.0167 -0.0060 52  THR A CA  
373 C  C   . THR A 52 ? 0.2345 0.2675 0.2529 -0.0333 -0.0187 -0.0030 52  THR A C   
374 O  O   . THR A 52 ? 0.2664 0.2977 0.2802 -0.0438 -0.0205 0.0033  52  THR A O   
375 C  CB  . THR A 52 ? 0.2371 0.3143 0.2620 -0.0278 -0.0150 -0.0079 52  THR A CB  
376 O  OG1 . THR A 52 ? 0.2314 0.3101 0.2597 -0.0249 -0.0152 -0.0131 52  THR A OG1 
377 C  CG2 . THR A 52 ? 0.2390 0.3317 0.2658 -0.0192 -0.0137 -0.0121 52  THR A CG2 
378 N  N   . ALA A 53 ? 0.2074 0.2255 0.2262 -0.0288 -0.0187 -0.0075 53  ALA A N   
379 C  CA  . ALA A 53 ? 0.2272 0.2243 0.2410 -0.0331 -0.0210 -0.0072 53  ALA A CA  
380 C  C   . ALA A 53 ? 0.2152 0.1990 0.2301 -0.0235 -0.0194 -0.0127 53  ALA A C   
381 O  O   . ALA A 53 ? 0.1947 0.1873 0.2135 -0.0175 -0.0165 -0.0165 53  ALA A O   
382 C  CB  . ALA A 53 ? 0.2406 0.2426 0.2524 -0.0414 -0.0224 -0.0085 53  ALA A CB  
383 N  N   . GLY A 54 ? 0.2341 0.1979 0.2460 -0.0220 -0.0211 -0.0128 54  GLY A N   
384 C  CA  . GLY A 54 ? 0.2286 0.1822 0.2413 -0.0131 -0.0188 -0.0188 54  GLY A CA  
385 C  C   . GLY A 54 ? 0.2340 0.1913 0.2543 -0.0049 -0.0171 -0.0183 54  GLY A C   
386 O  O   . GLY A 54 ? 0.2411 0.2035 0.2640 -0.0055 -0.0194 -0.0134 54  GLY A O   
387 N  N   . SER A 55 ? 0.2168 0.1734 0.2408 0.0022  -0.0132 -0.0234 55  SER A N   
388 C  CA  . SER A 55 ? 0.2076 0.1688 0.2412 0.0099  -0.0118 -0.0240 55  SER A CA  
389 C  C   . SER A 55 ? 0.2113 0.1828 0.2501 0.0128  -0.0060 -0.0275 55  SER A C   
390 O  O   . SER A 55 ? 0.2163 0.1871 0.2494 0.0114  -0.0027 -0.0301 55  SER A O   
391 C  CB  . SER A 55 ? 0.2293 0.1760 0.2626 0.0161  -0.0138 -0.0260 55  SER A CB  
392 O  OG  . SER A 55 ? 0.2544 0.1917 0.2820 0.0185  -0.0112 -0.0323 55  SER A OG  
393 N  N   . VAL A 56 ? 0.2000 0.1814 0.2492 0.0161  -0.0052 -0.0270 56  VAL A N   
394 C  CA  . VAL A 56 ? 0.1989 0.1903 0.2551 0.0171  0.0001  -0.0290 56  VAL A CA  
395 C  C   . VAL A 56 ? 0.1909 0.1891 0.2595 0.0227  0.0009  -0.0305 56  VAL A C   
396 O  O   . VAL A 56 ? 0.2199 0.2167 0.2924 0.0265  -0.0040 -0.0294 56  VAL A O   
397 C  CB  . VAL A 56 ? 0.1844 0.1835 0.2429 0.0131  -0.0007 -0.0270 56  VAL A CB  
398 C  CG1 . VAL A 56 ? 0.2015 0.1976 0.2498 0.0094  -0.0022 -0.0259 56  VAL A CG1 
399 C  CG2 . VAL A 56 ? 0.1939 0.1993 0.2597 0.0138  -0.0057 -0.0257 56  VAL A CG2 
400 N  N   . ASP A 57 ? 0.1917 0.1997 0.2671 0.0228  0.0070  -0.0324 57  ASP A N   
401 C  CA  . ASP A 57 ? 0.2059 0.2283 0.2972 0.0261  0.0086  -0.0338 57  ASP A CA  
402 C  C   . ASP A 57 ? 0.1951 0.2261 0.2928 0.0192  0.0086  -0.0315 57  ASP A C   
403 O  O   . ASP A 57 ? 0.1956 0.2270 0.2901 0.0139  0.0136  -0.0302 57  ASP A O   
404 C  CB  . ASP A 57 ? 0.2229 0.2523 0.3173 0.0303  0.0165  -0.0379 57  ASP A CB  
405 C  CG  . ASP A 57 ? 0.2952 0.3459 0.4080 0.0312  0.0201  -0.0389 57  ASP A CG  
406 O  OD1 . ASP A 57 ? 0.2649 0.3237 0.3894 0.0303  0.0148  -0.0375 57  ASP A OD1 
407 O  OD2 . ASP A 57 ? 0.3956 0.4576 0.5120 0.0333  0.0285  -0.0419 57  ASP A OD2 
408 N  N   . GLN A 58 ? 0.1744 0.2103 0.2795 0.0189  0.0022  -0.0307 58  GLN A N   
409 C  CA  . GLN A 58 ? 0.1737 0.2162 0.2856 0.0126  0.0007  -0.0302 58  GLN A CA  
410 C  C   . GLN A 58 ? 0.1851 0.2440 0.3147 0.0134  -0.0019 -0.0319 58  GLN A C   
411 O  O   . GLN A 58 ? 0.1872 0.2498 0.3213 0.0105  -0.0084 -0.0326 58  GLN A O   
412 C  CB  . GLN A 58 ? 0.1708 0.2049 0.2733 0.0103  -0.0054 -0.0295 58  GLN A CB  
413 C  CG  . GLN A 58 ? 0.1686 0.2028 0.2684 0.0145  -0.0121 -0.0291 58  GLN A CG  
414 C  CD  . GLN A 58 ? 0.1683 0.1995 0.2592 0.0124  -0.0167 -0.0292 58  GLN A CD  
415 O  OE1 . GLN A 58 ? 0.1799 0.2108 0.2712 0.0092  -0.0172 -0.0314 58  GLN A OE1 
416 N  NE2 . GLN A 58 ? 0.2016 0.2296 0.2833 0.0142  -0.0194 -0.0268 58  GLN A NE2 
417 N  N   . SER A 59 ? 0.2256 0.2959 0.3653 0.0178  0.0026  -0.0335 59  SER A N   
418 C  CA  . SER A 59 ? 0.2408 0.3310 0.3998 0.0202  -0.0001 -0.0355 59  SER A CA  
419 C  C   . SER A 59 ? 0.2104 0.3122 0.3811 0.0096  -0.0005 -0.0354 59  SER A C   
420 O  O   . SER A 59 ? 0.2274 0.3438 0.4123 0.0097  -0.0064 -0.0371 59  SER A O   
421 C  CB  . SER A 59 ? 0.2874 0.3902 0.4559 0.0287  0.0060  -0.0384 59  SER A CB  
422 O  OG  . SER A 59 ? 0.3262 0.4324 0.4925 0.0244  0.0167  -0.0385 59  SER A OG  
423 N  N   . ASP A 60 ? 0.2244 0.3191 0.3893 0.0005  0.0046  -0.0331 60  ASP A N   
424 C  CA  . ASP A 60 ? 0.2596 0.3601 0.4340 -0.0109 0.0030  -0.0325 60  ASP A CA  
425 C  C   . ASP A 60 ? 0.2279 0.3148 0.3954 -0.0143 -0.0065 -0.0339 60  ASP A C   
426 O  O   . ASP A 60 ? 0.2476 0.3356 0.4219 -0.0238 -0.0095 -0.0345 60  ASP A O   
427 C  CB  . ASP A 60 ? 0.3201 0.4188 0.4919 -0.0200 0.0121  -0.0284 60  ASP A CB  
428 C  CG  . ASP A 60 ? 0.3657 0.4899 0.5531 -0.0203 0.0216  -0.0284 60  ASP A CG  
429 O  OD1 . ASP A 60 ? 0.4354 0.5812 0.6401 -0.0146 0.0197  -0.0322 60  ASP A OD1 
430 O  OD2 . ASP A 60 ? 0.3965 0.5216 0.5790 -0.0257 0.0309  -0.0246 60  ASP A OD2 
431 N  N   . GLN A 61 ? 0.1986 0.2753 0.3538 -0.0067 -0.0117 -0.0350 61  GLN A N   
432 C  CA  . GLN A 61 ? 0.2014 0.2681 0.3483 -0.0079 -0.0200 -0.0376 61  GLN A CA  
433 C  C   . GLN A 61 ? 0.2044 0.2853 0.3635 -0.0083 -0.0283 -0.0413 61  GLN A C   
434 O  O   . GLN A 61 ? 0.2069 0.3021 0.3751 -0.0026 -0.0299 -0.0411 61  GLN A O   
435 C  CB  . GLN A 61 ? 0.1913 0.2465 0.3208 -0.0006 -0.0214 -0.0368 61  GLN A CB  
436 C  CG  . GLN A 61 ? 0.1869 0.2483 0.3152 0.0067  -0.0265 -0.0365 61  GLN A CG  
437 C  CD  . GLN A 61 ? 0.1933 0.2587 0.3201 0.0065  -0.0354 -0.0399 61  GLN A CD  
438 O  OE1 . GLN A 61 ? 0.2264 0.3012 0.3564 0.0106  -0.0414 -0.0396 61  GLN A OE1 
439 N  NE2 . GLN A 61 ? 0.1806 0.2389 0.3021 0.0024  -0.0373 -0.0434 61  GLN A NE2 
440 N  N   . SER A 62 ? 0.2390 0.3153 0.3978 -0.0145 -0.0348 -0.0452 62  SER A N   
441 C  CA  . SER A 62 ? 0.2626 0.3517 0.4308 -0.0158 -0.0442 -0.0499 62  SER A CA  
442 C  C   . SER A 62 ? 0.2768 0.3528 0.4329 -0.0176 -0.0520 -0.0558 62  SER A C   
443 O  O   . SER A 62 ? 0.3137 0.3899 0.4770 -0.0257 -0.0582 -0.0609 62  SER A O   
444 C  CB  . SER A 62 ? 0.3144 0.4173 0.5031 -0.0262 -0.0435 -0.0505 62  SER A CB  
445 O  OG  . SER A 62 ? 0.3329 0.4196 0.5175 -0.0362 -0.0437 -0.0515 62  SER A OG  
446 N  N   . PHE A 63 ? 0.1957 0.2604 0.3339 -0.0107 -0.0514 -0.0558 63  PHE A N   
447 C  CA  . PHE A 63 ? 0.2127 0.2698 0.3375 -0.0082 -0.0581 -0.0622 63  PHE A CA  
448 C  C   . PHE A 63 ? 0.2055 0.2683 0.3173 0.0006  -0.0595 -0.0608 63  PHE A C   
449 O  O   . PHE A 63 ? 0.2300 0.2975 0.3345 0.0029  -0.0666 -0.0659 63  PHE A O   
450 C  CB  . PHE A 63 ? 0.2456 0.2827 0.3601 -0.0092 -0.0557 -0.0644 63  PHE A CB  
451 C  CG  . PHE A 63 ? 0.3057 0.3363 0.4073 -0.0051 -0.0626 -0.0733 63  PHE A CG  
452 C  CD1 . PHE A 63 ? 0.3403 0.3638 0.4446 -0.0102 -0.0707 -0.0817 63  PHE A CD1 
453 C  CD2 . PHE A 63 ? 0.3219 0.3550 0.4088 0.0037  -0.0609 -0.0738 63  PHE A CD2 
454 C  CE1 . PHE A 63 ? 0.3451 0.3624 0.4368 -0.0049 -0.0773 -0.0920 63  PHE A CE1 
455 C  CE2 . PHE A 63 ? 0.3493 0.3809 0.4248 0.0085  -0.0667 -0.0833 63  PHE A CE2 
456 C  CZ  . PHE A 63 ? 0.3505 0.3734 0.4277 0.0052  -0.0746 -0.0928 63  PHE A CZ  
457 N  N   . LEU A 64 ? 0.1791 0.2414 0.2865 0.0047  -0.0531 -0.0538 64  LEU A N   
458 C  CA  . LEU A 64 ? 0.1764 0.2409 0.2694 0.0105  -0.0536 -0.0508 64  LEU A CA  
459 C  C   . LEU A 64 ? 0.1672 0.2434 0.2641 0.0135  -0.0591 -0.0474 64  LEU A C   
460 O  O   . LEU A 64 ? 0.1702 0.2517 0.2805 0.0139  -0.0587 -0.0444 64  LEU A O   
461 C  CB  . LEU A 64 ? 0.1834 0.2408 0.2700 0.0123  -0.0457 -0.0442 64  LEU A CB  
462 C  CG  . LEU A 64 ? 0.1857 0.2331 0.2676 0.0111  -0.0410 -0.0464 64  LEU A CG  
463 C  CD1 . LEU A 64 ? 0.1991 0.2412 0.2776 0.0116  -0.0339 -0.0401 64  LEU A CD1 
464 C  CD2 . LEU A 64 ? 0.2054 0.2535 0.2751 0.0139  -0.0436 -0.0520 64  LEU A CD2 
465 N  N   . ASP A 65 ? 0.1734 0.2547 0.2572 0.0163  -0.0643 -0.0475 65  ASP A N   
466 C  CA  . ASP A 65 ? 0.1843 0.2742 0.2667 0.0200  -0.0707 -0.0426 65  ASP A CA  
467 C  C   . ASP A 65 ? 0.1810 0.2640 0.2566 0.0230  -0.0668 -0.0325 65  ASP A C   
468 O  O   . ASP A 65 ? 0.1739 0.2475 0.2447 0.0213  -0.0590 -0.0302 65  ASP A O   
469 C  CB  . ASP A 65 ? 0.2034 0.3016 0.2727 0.0211  -0.0787 -0.0470 65  ASP A CB  
470 C  CG  . ASP A 65 ? 0.2431 0.3403 0.2922 0.0221  -0.0752 -0.0451 65  ASP A CG  
471 O  OD1 . ASP A 65 ? 0.2390 0.3324 0.2807 0.0225  -0.0709 -0.0358 65  ASP A OD1 
472 O  OD2 . ASP A 65 ? 0.2856 0.3865 0.3257 0.0222  -0.0770 -0.0541 65  ASP A OD2 
473 N  N   . ASP A 66 ? 0.1872 0.2737 0.2626 0.0274  -0.0729 -0.0264 66  ASP A N   
474 C  CA  . ASP A 66 ? 0.1950 0.2704 0.2660 0.0304  -0.0705 -0.0171 66  ASP A CA  
475 C  C   . ASP A 66 ? 0.1939 0.2622 0.2446 0.0266  -0.0670 -0.0115 66  ASP A C   
476 O  O   . ASP A 66 ? 0.1884 0.2448 0.2362 0.0252  -0.0619 -0.0065 66  ASP A O   
477 C  CB  . ASP A 66 ? 0.2065 0.2840 0.2795 0.0373  -0.0793 -0.0112 66  ASP A CB  
478 C  CG  . ASP A 66 ? 0.2032 0.2910 0.2993 0.0422  -0.0821 -0.0158 66  ASP A CG  
479 O  OD1 . ASP A 66 ? 0.1989 0.2901 0.3090 0.0391  -0.0755 -0.0219 66  ASP A OD1 
480 O  OD2 . ASP A 66 ? 0.2432 0.3366 0.3422 0.0494  -0.0912 -0.0121 66  ASP A OD2 
481 N  N   . ASP A 67 ? 0.1961 0.2735 0.2336 0.0250  -0.0704 -0.0121 67  ASP A N   
482 C  CA  . ASP A 67 ? 0.2113 0.2879 0.2315 0.0207  -0.0658 -0.0071 67  ASP A CA  
483 C  C   . ASP A 67 ? 0.1879 0.2622 0.2108 0.0173  -0.0569 -0.0122 67  ASP A C   
484 O  O   . ASP A 67 ? 0.1958 0.2654 0.2123 0.0134  -0.0517 -0.0066 67  ASP A O   
485 C  CB  . ASP A 67 ? 0.2320 0.3229 0.2370 0.0203  -0.0700 -0.0089 67  ASP A CB  
486 C  CG  . ASP A 67 ? 0.3117 0.4045 0.3089 0.0232  -0.0797 -0.0011 67  ASP A CG  
487 O  OD1 . ASP A 67 ? 0.3603 0.4418 0.3513 0.0228  -0.0811 0.0112  67  ASP A OD1 
488 O  OD2 . ASP A 67 ? 0.3356 0.4398 0.3322 0.0262  -0.0869 -0.0070 67  ASP A OD2 
489 N  N   . GLN A 68 ? 0.1694 0.2462 0.2027 0.0185  -0.0558 -0.0224 68  GLN A N   
490 C  CA  . GLN A 68 ? 0.1716 0.2446 0.2079 0.0168  -0.0485 -0.0270 68  GLN A CA  
491 C  C   . GLN A 68 ? 0.1768 0.2375 0.2195 0.0153  -0.0437 -0.0219 68  GLN A C   
492 O  O   . GLN A 68 ? 0.1743 0.2318 0.2123 0.0126  -0.0385 -0.0195 68  GLN A O   
493 C  CB  . GLN A 68 ? 0.1682 0.2417 0.2127 0.0179  -0.0500 -0.0375 68  GLN A CB  
494 C  CG  . GLN A 68 ? 0.1901 0.2740 0.2255 0.0200  -0.0545 -0.0452 68  GLN A CG  
495 C  CD  . GLN A 68 ? 0.1956 0.2761 0.2391 0.0204  -0.0587 -0.0560 68  GLN A CD  
496 O  OE1 . GLN A 68 ? 0.1736 0.2489 0.2308 0.0180  -0.0602 -0.0563 68  GLN A OE1 
497 N  NE2 . GLN A 68 ? 0.2351 0.3191 0.2697 0.0232  -0.0604 -0.0653 68  GLN A NE2 
498 N  N   . ILE A 69 ? 0.1662 0.2221 0.2196 0.0175  -0.0459 -0.0206 69  ILE A N   
499 C  CA  . ILE A 69 ? 0.1798 0.2245 0.2386 0.0178  -0.0415 -0.0172 69  ILE A CA  
500 C  C   . ILE A 69 ? 0.1923 0.2287 0.2398 0.0161  -0.0418 -0.0088 69  ILE A C   
501 O  O   . ILE A 69 ? 0.2019 0.2297 0.2465 0.0130  -0.0369 -0.0074 69  ILE A O   
502 C  CB  . ILE A 69 ? 0.1800 0.2252 0.2533 0.0221  -0.0435 -0.0184 69  ILE A CB  
503 C  CG1 . ILE A 69 ? 0.2008 0.2533 0.2856 0.0204  -0.0421 -0.0257 69  ILE A CG1 
504 C  CG2 . ILE A 69 ? 0.1968 0.2304 0.2723 0.0241  -0.0392 -0.0158 69  ILE A CG2 
505 C  CD1 . ILE A 69 ? 0.2246 0.2712 0.3136 0.0179  -0.0345 -0.0276 69  ILE A CD1 
506 N  N   . GLU A 70 ? 0.2105 0.2483 0.2495 0.0166  -0.0475 -0.0029 70  GLU A N   
507 C  CA  . GLU A 70 ? 0.2322 0.2583 0.2597 0.0131  -0.0483 0.0068  70  GLU A CA  
508 C  C   . GLU A 70 ? 0.2507 0.2818 0.2679 0.0051  -0.0435 0.0089  70  GLU A C   
509 O  O   . GLU A 70 ? 0.2668 0.2867 0.2769 -0.0006 -0.0424 0.0159  70  GLU A O   
510 C  CB  . GLU A 70 ? 0.2755 0.2996 0.2960 0.0161  -0.0566 0.0144  70  GLU A CB  
511 C  CG  . GLU A 70 ? 0.3034 0.3228 0.3361 0.0252  -0.0619 0.0129  70  GLU A CG  
512 N  N   . ALA A 71 ? 0.2227 0.2696 0.2399 0.0049  -0.0408 0.0023  71  ALA A N   
513 C  CA  . ALA A 71 ? 0.2297 0.2869 0.2399 -0.0008 -0.0357 0.0023  71  ALA A CA  
514 C  C   . ALA A 71 ? 0.2086 0.2616 0.2264 -0.0015 -0.0305 -0.0025 71  ALA A C   
515 O  O   . ALA A 71 ? 0.2423 0.3042 0.2567 -0.0059 -0.0266 -0.0026 71  ALA A O   
516 C  CB  . ALA A 71 ? 0.2310 0.3071 0.2371 0.0015  -0.0356 -0.0041 71  ALA A CB  
517 N  N   . GLY A 72 ? 0.2034 0.2454 0.2309 0.0024  -0.0304 -0.0063 72  GLY A N   
518 C  CA  . GLY A 72 ? 0.1854 0.2217 0.2180 0.0020  -0.0259 -0.0102 72  GLY A CA  
519 C  C   . GLY A 72 ? 0.1833 0.2238 0.2229 0.0062  -0.0243 -0.0181 72  GLY A C   
520 O  O   . GLY A 72 ? 0.1693 0.2059 0.2115 0.0063  -0.0211 -0.0207 72  GLY A O   
521 N  N   . TYR A 73 ? 0.1677 0.2154 0.2092 0.0093  -0.0272 -0.0222 73  TYR A N   
522 C  CA  . TYR A 73 ? 0.1638 0.2110 0.2110 0.0120  -0.0268 -0.0297 73  TYR A CA  
523 C  C   . TYR A 73 ? 0.1492 0.1864 0.2059 0.0119  -0.0250 -0.0298 73  TYR A C   
524 O  O   . TYR A 73 ? 0.1620 0.1966 0.2237 0.0123  -0.0256 -0.0270 73  TYR A O   
525 C  CB  . TYR A 73 ? 0.1877 0.2428 0.2338 0.0147  -0.0312 -0.0354 73  TYR A CB  
526 C  CG  . TYR A 73 ? 0.1853 0.2531 0.2213 0.0159  -0.0312 -0.0373 73  TYR A CG  
527 C  CD1 . TYR A 73 ? 0.2173 0.2885 0.2520 0.0190  -0.0288 -0.0428 73  TYR A CD1 
528 C  CD2 . TYR A 73 ? 0.2064 0.2838 0.2343 0.0140  -0.0324 -0.0323 73  TYR A CD2 
529 C  CE1 . TYR A 73 ? 0.2515 0.3392 0.2785 0.0210  -0.0276 -0.0451 73  TYR A CE1 
530 C  CE2 . TYR A 73 ? 0.2600 0.3532 0.2780 0.0140  -0.0306 -0.0332 73  TYR A CE2 
531 C  CZ  . TYR A 73 ? 0.2736 0.3738 0.2923 0.0176  -0.0277 -0.0401 73  TYR A CZ  
532 O  OH  . TYR A 73 ? 0.2742 0.3952 0.2854 0.0190  -0.0249 -0.0425 73  TYR A OH  
533 N  N   . VAL A 74 ? 0.1692 0.2015 0.2280 0.0121  -0.0227 -0.0329 74  VAL A N   
534 C  CA  . VAL A 74 ? 0.1689 0.1937 0.2343 0.0108  -0.0194 -0.0321 74  VAL A CA  
535 C  C   . VAL A 74 ? 0.1780 0.1977 0.2459 0.0102  -0.0200 -0.0359 74  VAL A C   
536 O  O   . VAL A 74 ? 0.1892 0.2072 0.2511 0.0126  -0.0218 -0.0389 74  VAL A O   
537 C  CB  . VAL A 74 ? 0.1784 0.1979 0.2388 0.0100  -0.0150 -0.0289 74  VAL A CB  
538 C  CG1 . VAL A 74 ? 0.1953 0.2159 0.2479 0.0104  -0.0148 -0.0296 74  VAL A CG1 
539 C  CG2 . VAL A 74 ? 0.1981 0.2118 0.2628 0.0089  -0.0107 -0.0284 74  VAL A CG2 
540 N  N   . LEU A 75 ? 0.1658 0.1832 0.2426 0.0071  -0.0191 -0.0356 75  LEU A N   
541 C  CA  . LEU A 75 ? 0.1720 0.1805 0.2507 0.0040  -0.0196 -0.0371 75  LEU A CA  
542 C  C   . LEU A 75 ? 0.1755 0.1772 0.2499 0.0027  -0.0137 -0.0324 75  LEU A C   
543 O  O   . LEU A 75 ? 0.1693 0.1737 0.2484 -0.0002 -0.0086 -0.0293 75  LEU A O   
544 C  CB  . LEU A 75 ? 0.1878 0.2002 0.2790 -0.0012 -0.0218 -0.0386 75  LEU A CB  
545 C  CG  . LEU A 75 ? 0.1813 0.2016 0.2747 0.0007  -0.0290 -0.0438 75  LEU A CG  
546 C  CD1 . LEU A 75 ? 0.2050 0.2291 0.3113 -0.0057 -0.0325 -0.0463 75  LEU A CD1 
547 C  CD2 . LEU A 75 ? 0.2081 0.2240 0.2909 0.0051  -0.0338 -0.0494 75  LEU A CD2 
548 N  N   . THR A 76 ? 0.1807 0.1754 0.2454 0.0057  -0.0144 -0.0323 76  THR A N   
549 C  CA  . THR A 76 ? 0.1853 0.1737 0.2432 0.0051  -0.0101 -0.0279 76  THR A CA  
550 C  C   . THR A 76 ? 0.2033 0.1848 0.2633 -0.0008 -0.0066 -0.0238 76  THR A C   
551 O  O   . THR A 76 ? 0.2129 0.1942 0.2683 -0.0021 -0.0013 -0.0200 76  THR A O   
552 C  CB  . THR A 76 ? 0.2070 0.1909 0.2553 0.0102  -0.0132 -0.0287 76  THR A CB  
553 O  OG1 . THR A 76 ? 0.2232 0.1965 0.2706 0.0121  -0.0182 -0.0311 76  THR A OG1 
554 C  CG2 . THR A 76 ? 0.1943 0.1902 0.2409 0.0140  -0.0146 -0.0315 76  THR A CG2 
555 N  N   . CYS A 77 ? 0.1975 0.1735 0.2634 -0.0051 -0.0095 -0.0246 77  CYS A N   
556 C  CA  . CYS A 77 ? 0.2272 0.1973 0.2956 -0.0134 -0.0058 -0.0192 77  CYS A CA  
557 C  C   . CYS A 77 ? 0.2160 0.2016 0.2947 -0.0181 0.0014  -0.0171 77  CYS A C   
558 O  O   . CYS A 77 ? 0.2460 0.2312 0.3246 -0.0248 0.0071  -0.0117 77  CYS A O   
559 C  CB  . CYS A 77 ? 0.2516 0.2097 0.3242 -0.0190 -0.0116 -0.0203 77  CYS A CB  
560 S  SG  . CYS A 77 ? 0.2477 0.2197 0.3369 -0.0228 -0.0153 -0.0266 77  CYS A SG  
561 N  N   . VAL A 78 ? 0.1812 0.1807 0.2676 -0.0138 0.0013  -0.0213 78  VAL A N   
562 C  CA  . VAL A 78 ? 0.2057 0.2210 0.3031 -0.0150 0.0069  -0.0211 78  VAL A CA  
563 C  C   . VAL A 78 ? 0.1945 0.2155 0.2888 -0.0073 0.0092  -0.0230 78  VAL A C   
564 O  O   . VAL A 78 ? 0.2062 0.2403 0.3110 -0.0046 0.0114  -0.0249 78  VAL A O   
565 C  CB  . VAL A 78 ? 0.2138 0.2411 0.3281 -0.0186 0.0035  -0.0239 78  VAL A CB  
566 C  CG1 . VAL A 78 ? 0.2305 0.2541 0.3506 -0.0297 0.0031  -0.0213 78  VAL A CG1 
567 C  CG2 . VAL A 78 ? 0.1965 0.2236 0.3111 -0.0137 -0.0050 -0.0288 78  VAL A CG2 
568 N  N   . ALA A 79 ? 0.1806 0.1920 0.2611 -0.0032 0.0081  -0.0228 79  ALA A N   
569 C  CA  . ALA A 79 ? 0.1781 0.1909 0.2547 0.0026  0.0083  -0.0247 79  ALA A CA  
570 C  C   . ALA A 79 ? 0.1691 0.1774 0.2344 0.0033  0.0137  -0.0237 79  ALA A C   
571 O  O   . ALA A 79 ? 0.1926 0.1935 0.2478 0.0015  0.0136  -0.0213 79  ALA A O   
572 C  CB  . ALA A 79 ? 0.1812 0.1898 0.2519 0.0051  0.0019  -0.0259 79  ALA A CB  
573 N  N   . TYR A 80 ? 0.1788 0.1923 0.2464 0.0066  0.0180  -0.0260 80  TYR A N   
574 C  CA  . TYR A 80 ? 0.1826 0.1919 0.2383 0.0084  0.0225  -0.0272 80  TYR A CA  
575 C  C   . TYR A 80 ? 0.1914 0.1922 0.2402 0.0120  0.0175  -0.0299 80  TYR A C   
576 O  O   . TYR A 80 ? 0.1827 0.1838 0.2382 0.0151  0.0140  -0.0313 80  TYR A O   
577 C  CB  . TYR A 80 ? 0.1978 0.2174 0.2593 0.0114  0.0299  -0.0301 80  TYR A CB  
578 C  CG  . TYR A 80 ? 0.2066 0.2387 0.2768 0.0060  0.0361  -0.0269 80  TYR A CG  
579 C  CD1 . TYR A 80 ? 0.2242 0.2712 0.3130 0.0061  0.0369  -0.0281 80  TYR A CD1 
580 C  CD2 . TYR A 80 ? 0.2177 0.2474 0.2774 0.0001  0.0407  -0.0222 80  TYR A CD2 
581 C  CE1 . TYR A 80 ? 0.2559 0.3168 0.3538 -0.0007 0.0431  -0.0250 80  TYR A CE1 
582 C  CE2 . TYR A 80 ? 0.2505 0.2907 0.3172 -0.0070 0.0467  -0.0178 80  TYR A CE2 
583 C  CZ  . TYR A 80 ? 0.2448 0.3014 0.3312 -0.0081 0.0482  -0.0194 80  TYR A CZ  
584 O  OH  . TYR A 80 ? 0.2812 0.3507 0.3762 -0.0175 0.0544  -0.0145 80  TYR A OH  
585 N  N   . PRO A 81 ? 0.1969 0.1902 0.2322 0.0110  0.0167  -0.0301 81  PRO A N   
586 C  CA  . PRO A 81 ? 0.1935 0.1789 0.2229 0.0121  0.0121  -0.0327 81  PRO A CA  
587 C  C   . PRO A 81 ? 0.2014 0.1831 0.2308 0.0175  0.0148  -0.0379 81  PRO A C   
588 O  O   . PRO A 81 ? 0.2078 0.1939 0.2357 0.0201  0.0212  -0.0407 81  PRO A O   
589 C  CB  . PRO A 81 ? 0.1989 0.1803 0.2152 0.0092  0.0107  -0.0324 81  PRO A CB  
590 C  CG  . PRO A 81 ? 0.2068 0.1913 0.2181 0.0093  0.0167  -0.0313 81  PRO A CG  
591 C  CD  . PRO A 81 ? 0.1945 0.1861 0.2184 0.0085  0.0196  -0.0281 81  PRO A CD  
592 N  N   . THR A 82 ? 0.2087 0.1819 0.2391 0.0196  0.0099  -0.0393 82  THR A N   
593 C  CA  . THR A 82 ? 0.2336 0.1978 0.2618 0.0258  0.0101  -0.0450 82  THR A CA  
594 C  C   . THR A 82 ? 0.2371 0.1835 0.2524 0.0228  0.0044  -0.0473 82  THR A C   
595 O  O   . THR A 82 ? 0.2749 0.2078 0.2861 0.0281  0.0027  -0.0529 82  THR A O   
596 C  CB  . THR A 82 ? 0.2343 0.2008 0.2751 0.0323  0.0082  -0.0448 82  THR A CB  
597 O  OG1 . THR A 82 ? 0.2428 0.2057 0.2860 0.0287  0.0013  -0.0390 82  THR A OG1 
598 C  CG2 . THR A 82 ? 0.2345 0.2209 0.2891 0.0346  0.0144  -0.0446 82  THR A CG2 
599 N  N   . SER A 83 ? 0.2355 0.1824 0.2453 0.0146  0.0012  -0.0434 83  SER A N   
600 C  CA  . SER A 83 ? 0.2542 0.1894 0.2534 0.0085  -0.0042 -0.0448 83  SER A CA  
601 C  C   . SER A 83 ? 0.2359 0.1823 0.2325 0.0020  -0.0050 -0.0415 83  SER A C   
602 O  O   . SER A 83 ? 0.2269 0.1862 0.2296 0.0030  -0.0022 -0.0378 83  SER A O   
603 C  CB  . SER A 83 ? 0.2588 0.1824 0.2593 0.0050  -0.0108 -0.0411 83  SER A CB  
604 O  OG  . SER A 83 ? 0.2612 0.1966 0.2678 -0.0001 -0.0124 -0.0338 83  SER A OG  
605 N  N   . ASP A 84 ? 0.2467 0.1883 0.2347 -0.0044 -0.0095 -0.0431 84  ASP A N   
606 C  CA  . ASP A 84 ? 0.2382 0.1937 0.2271 -0.0102 -0.0119 -0.0392 84  ASP A CA  
607 C  C   . ASP A 84 ? 0.2394 0.2028 0.2381 -0.0123 -0.0132 -0.0332 84  ASP A C   
608 O  O   . ASP A 84 ? 0.2370 0.1920 0.2377 -0.0140 -0.0152 -0.0311 84  ASP A O   
609 C  CB  . ASP A 84 ? 0.2609 0.2131 0.2422 -0.0185 -0.0178 -0.0416 84  ASP A CB  
610 C  CG  . ASP A 84 ? 0.2951 0.2397 0.2640 -0.0168 -0.0178 -0.0487 84  ASP A CG  
611 O  OD1 . ASP A 84 ? 0.2973 0.2461 0.2627 -0.0103 -0.0129 -0.0500 84  ASP A OD1 
612 O  OD2 . ASP A 84 ? 0.3379 0.2724 0.2991 -0.0232 -0.0233 -0.0532 84  ASP A OD2 
613 N  N   . CYS A 85 ? 0.2231 0.2019 0.2264 -0.0117 -0.0125 -0.0304 85  CYS A N   
614 C  CA  . CYS A 85 ? 0.2203 0.2086 0.2318 -0.0121 -0.0130 -0.0261 85  CYS A CA  
615 C  C   . CYS A 85 ? 0.1946 0.2003 0.2088 -0.0129 -0.0144 -0.0250 85  CYS A C   
616 O  O   . CYS A 85 ? 0.2135 0.2237 0.2248 -0.0112 -0.0150 -0.0269 85  CYS A O   
617 C  CB  . CYS A 85 ? 0.2472 0.2338 0.2646 -0.0058 -0.0099 -0.0257 85  CYS A CB  
618 S  SG  . CYS A 85 ? 0.2854 0.2736 0.3034 0.0001  -0.0053 -0.0275 85  CYS A SG  
619 N  N   . THR A 86 ? 0.1706 0.1865 0.1899 -0.0145 -0.0151 -0.0223 86  THR A N   
620 C  CA  . THR A 86 ? 0.1614 0.1969 0.1846 -0.0134 -0.0160 -0.0224 86  THR A CA  
621 C  C   . THR A 86 ? 0.1732 0.2121 0.2009 -0.0078 -0.0146 -0.0224 86  THR A C   
622 O  O   . THR A 86 ? 0.1617 0.1965 0.1898 -0.0096 -0.0143 -0.0198 86  THR A O   
623 C  CB  . THR A 86 ? 0.1570 0.2065 0.1810 -0.0225 -0.0179 -0.0200 86  THR A CB  
624 O  OG1 . THR A 86 ? 0.1989 0.2433 0.2188 -0.0293 -0.0205 -0.0208 86  THR A OG1 
625 C  CG2 . THR A 86 ? 0.1594 0.2340 0.1891 -0.0190 -0.0180 -0.0217 86  THR A CG2 
626 N  N   . ILE A 87 ? 0.1512 0.1950 0.1810 -0.0006 -0.0146 -0.0254 87  ILE A N   
627 C  CA  . ILE A 87 ? 0.1684 0.2125 0.2016 0.0048  -0.0143 -0.0269 87  ILE A CA  
628 C  C   . ILE A 87 ? 0.1575 0.2162 0.1925 0.0108  -0.0161 -0.0308 87  ILE A C   
629 O  O   . ILE A 87 ? 0.1596 0.2188 0.1938 0.0153  -0.0177 -0.0325 87  ILE A O   
630 C  CB  . ILE A 87 ? 0.1782 0.2067 0.2118 0.0081  -0.0131 -0.0275 87  ILE A CB  
631 C  CG1 . ILE A 87 ? 0.1990 0.2164 0.2319 0.0044  -0.0107 -0.0253 87  ILE A CG1 
632 C  CG2 . ILE A 87 ? 0.1843 0.2127 0.2223 0.0123  -0.0141 -0.0299 87  ILE A CG2 
633 C  CD1 . ILE A 87 ? 0.2119 0.2197 0.2462 0.0065  -0.0080 -0.0256 87  ILE A CD1 
634 N  N   . GLU A 88 ? 0.1749 0.2452 0.2117 0.0119  -0.0162 -0.0324 88  GLU A N   
635 C  CA  . GLU A 88 ? 0.1804 0.2643 0.2188 0.0198  -0.0176 -0.0380 88  GLU A CA  
636 C  C   . GLU A 88 ? 0.1916 0.2602 0.2302 0.0267  -0.0197 -0.0420 88  GLU A C   
637 O  O   . GLU A 88 ? 0.1891 0.2476 0.2279 0.0241  -0.0194 -0.0409 88  GLU A O   
638 C  CB  . GLU A 88 ? 0.2152 0.3176 0.2530 0.0181  -0.0163 -0.0386 88  GLU A CB  
639 C  CG  . GLU A 88 ? 0.2414 0.3600 0.2791 0.0089  -0.0143 -0.0334 88  GLU A CG  
640 C  CD  . GLU A 88 ? 0.3055 0.4445 0.3411 0.0053  -0.0120 -0.0320 88  GLU A CD  
641 O  OE1 . GLU A 88 ? 0.3585 0.4969 0.3911 0.0101  -0.0125 -0.0351 88  GLU A OE1 
642 O  OE2 . GLU A 88 ? 0.3326 0.4881 0.3686 -0.0035 -0.0102 -0.0274 88  GLU A OE2 
643 N  N   . THR A 89 ? 0.1684 0.2334 0.2067 0.0348  -0.0224 -0.0460 89  THR A N   
644 C  CA  . THR A 89 ? 0.1677 0.2145 0.2055 0.0400  -0.0254 -0.0491 89  THR A CA  
645 C  C   . THR A 89 ? 0.1928 0.2464 0.2306 0.0487  -0.0284 -0.0580 89  THR A C   
646 O  O   . THR A 89 ? 0.1949 0.2711 0.2331 0.0517  -0.0273 -0.0617 89  THR A O   
647 C  CB  . THR A 89 ? 0.2116 0.2441 0.2464 0.0438  -0.0278 -0.0471 89  THR A CB  
648 O  OG1 . THR A 89 ? 0.2277 0.2722 0.2626 0.0540  -0.0313 -0.0518 89  THR A OG1 
649 C  CG2 . THR A 89 ? 0.2057 0.2355 0.2384 0.0368  -0.0249 -0.0403 89  THR A CG2 
650 N  N   . HIS A 90 ? 0.1779 0.2120 0.2147 0.0522  -0.0322 -0.0615 90  HIS A N   
651 C  CA  . HIS A 90 ? 0.2024 0.2364 0.2376 0.0615  -0.0366 -0.0720 90  HIS A CA  
652 C  C   . HIS A 90 ? 0.2120 0.2647 0.2465 0.0596  -0.0347 -0.0758 90  HIS A C   
653 O  O   . HIS A 90 ? 0.2486 0.3181 0.2809 0.0677  -0.0352 -0.0837 90  HIS A O   
654 C  CB  . HIS A 90 ? 0.2373 0.2795 0.2713 0.0748  -0.0395 -0.0781 90  HIS A CB  
655 C  CG  . HIS A 90 ? 0.2574 0.2794 0.2898 0.0785  -0.0433 -0.0742 90  HIS A CG  
656 N  ND1 . HIS A 90 ? 0.2619 0.2851 0.2941 0.0734  -0.0411 -0.0653 90  HIS A ND1 
657 C  CD2 . HIS A 90 ? 0.2926 0.2924 0.3213 0.0881  -0.0502 -0.0785 90  HIS A CD2 
658 C  CE1 . HIS A 90 ? 0.2712 0.2753 0.2994 0.0790  -0.0460 -0.0633 90  HIS A CE1 
659 N  NE2 . HIS A 90 ? 0.3007 0.2889 0.3268 0.0878  -0.0516 -0.0704 90  HIS A NE2 
660 N  N   . LYS A 91 ? 0.1903 0.2416 0.2262 0.0495  -0.0325 -0.0699 91  LYS A N   
661 C  CA  . LYS A 91 ? 0.2141 0.2821 0.2475 0.0469  -0.0311 -0.0709 91  LYS A CA  
662 C  C   . LYS A 91 ? 0.2212 0.2817 0.2532 0.0477  -0.0358 -0.0775 91  LYS A C   
663 O  O   . LYS A 91 ? 0.2138 0.2869 0.2419 0.0458  -0.0357 -0.0780 91  LYS A O   
664 C  CB  . LYS A 91 ? 0.2134 0.2855 0.2484 0.0365  -0.0272 -0.0604 91  LYS A CB  
665 C  CG  . LYS A 91 ? 0.2190 0.2991 0.2548 0.0334  -0.0233 -0.0541 91  LYS A CG  
666 C  CD  . LYS A 91 ? 0.2264 0.3323 0.2595 0.0365  -0.0213 -0.0570 91  LYS A CD  
667 C  CE  . LYS A 91 ? 0.2567 0.3748 0.2855 0.0287  -0.0191 -0.0514 91  LYS A CE  
668 N  NZ  . LYS A 91 ? 0.2801 0.4270 0.3068 0.0281  -0.0154 -0.0515 91  LYS A NZ  
669 N  N   . GLU A 92 ? 0.2150 0.2541 0.2485 0.0499  -0.0406 -0.0823 92  GLU A N   
670 C  CA  . GLU A 92 ? 0.2473 0.2784 0.2802 0.0489  -0.0463 -0.0895 92  GLU A CA  
671 C  C   . GLU A 92 ? 0.2618 0.3105 0.2865 0.0566  -0.0482 -0.0998 92  GLU A C   
672 O  O   . GLU A 92 ? 0.2642 0.3186 0.2859 0.0537  -0.0509 -0.1025 92  GLU A O   
673 C  CB  . GLU A 92 ? 0.2818 0.2859 0.3163 0.0505  -0.0521 -0.0941 92  GLU A CB  
674 C  CG  . GLU A 92 ? 0.3468 0.3417 0.3813 0.0481  -0.0593 -0.1027 92  GLU A CG  
675 C  CD  . GLU A 92 ? 0.4145 0.3794 0.4511 0.0457  -0.0653 -0.1053 92  GLU A CD  
676 O  OE1 . GLU A 92 ? 0.4339 0.3842 0.4664 0.0532  -0.0667 -0.1070 92  GLU A OE1 
677 O  OE2 . GLU A 92 ? 0.5071 0.4633 0.5495 0.0360  -0.0691 -0.1053 92  GLU A OE2 
678 N  N   . GLU A 93 ? 0.2858 0.3441 0.3061 0.0671  -0.0470 -0.1064 93  GLU A N   
679 C  CA  . GLU A 93 ? 0.3284 0.4049 0.3403 0.0760  -0.0479 -0.1178 93  GLU A CA  
680 C  C   . GLU A 93 ? 0.3221 0.4275 0.3290 0.0717  -0.0422 -0.1125 93  GLU A C   
681 O  O   . GLU A 93 ? 0.3231 0.4476 0.3213 0.0778  -0.0418 -0.1211 93  GLU A O   
682 C  CB  . GLU A 93 ? 0.3782 0.4571 0.3882 0.0909  -0.0488 -0.1284 93  GLU A CB  
683 C  CG  . GLU A 93 ? 0.4327 0.5231 0.4482 0.0934  -0.0439 -0.1219 93  GLU A CG  
684 C  CD  . GLU A 93 ? 0.4026 0.4779 0.4248 0.0825  -0.0422 -0.1079 93  GLU A CD  
685 O  OE1 . GLU A 93 ? 0.5499 0.6427 0.5741 0.0743  -0.0362 -0.0984 93  GLU A OE1 
686 O  OE2 . GLU A 93 ? 0.3697 0.4159 0.3940 0.0811  -0.0467 -0.1063 93  GLU A OE2 
687 N  N   . ASP A 94 ? 0.2572 0.3662 0.2686 0.0614  -0.0376 -0.0985 94  ASP A N   
688 C  CA  . ASP A 94 ? 0.2812 0.4116 0.2870 0.0549  -0.0334 -0.0909 94  ASP A CA  
689 C  C   . ASP A 94 ? 0.2766 0.4003 0.2797 0.0483  -0.0375 -0.0871 94  ASP A C   
690 O  O   . ASP A 94 ? 0.2726 0.4125 0.2678 0.0442  -0.0355 -0.0813 94  ASP A O   
691 C  CB  . ASP A 94 ? 0.2712 0.4081 0.2814 0.0473  -0.0276 -0.0783 94  ASP A CB  
692 C  CG  . ASP A 94 ? 0.2981 0.4504 0.3111 0.0532  -0.0237 -0.0816 94  ASP A CG  
693 O  OD1 . ASP A 94 ? 0.3295 0.4986 0.3395 0.0634  -0.0232 -0.0923 94  ASP A OD1 
694 O  OD2 . ASP A 94 ? 0.3104 0.4576 0.3300 0.0486  -0.0217 -0.0742 94  ASP A OD2 
695 N  N   . LEU A 95 ? 0.2821 0.3835 0.2918 0.0466  -0.0431 -0.0893 95  LEU A N   
696 C  CA  . LEU A 95 ? 0.2674 0.3646 0.2775 0.0410  -0.0480 -0.0864 95  LEU A CA  
697 C  C   . LEU A 95 ? 0.2813 0.3868 0.2810 0.0458  -0.0538 -0.0978 95  LEU A C   
698 O  O   . LEU A 95 ? 0.3277 0.4317 0.3233 0.0537  -0.0558 -0.1108 95  LEU A O   
699 C  CB  . LEU A 95 ? 0.2469 0.3224 0.2699 0.0365  -0.0514 -0.0851 95  LEU A CB  
700 C  CG  . LEU A 95 ? 0.2488 0.3161 0.2807 0.0317  -0.0457 -0.0741 95  LEU A CG  
701 C  CD1 . LEU A 95 ? 0.2689 0.3181 0.3119 0.0277  -0.0475 -0.0735 95  LEU A CD1 
702 C  CD2 . LEU A 95 ? 0.2679 0.3444 0.2985 0.0270  -0.0428 -0.0629 95  LEU A CD2 
703 N  N   . TYR A 96 ? 0.2670 0.3813 0.2613 0.0417  -0.0570 -0.0932 96  TYR A N   
704 C  CA  . TYR A 96 ? 0.2788 0.4013 0.2619 0.0449  -0.0637 -0.1029 96  TYR A CA  
705 C  C   . TYR A 96 ? 0.2928 0.4134 0.2796 0.0388  -0.0701 -0.0962 96  TYR A C   
706 O  O   . TYR A 96 ? 0.3365 0.4625 0.3156 0.0403  -0.0779 -0.1041 96  TYR A O   
707 C  CB  . TYR A 96 ? 0.2755 0.4228 0.2413 0.0487  -0.0596 -0.1037 96  TYR A CB  
708 C  CG  . TYR A 96 ? 0.2624 0.4212 0.2244 0.0421  -0.0536 -0.0869 96  TYR A CG  
709 C  CD1 . TYR A 96 ? 0.2537 0.4180 0.2195 0.0404  -0.0450 -0.0801 96  TYR A CD1 
710 C  CD2 . TYR A 96 ? 0.2768 0.4398 0.2319 0.0371  -0.0577 -0.0773 96  TYR A CD2 
711 C  CE1 . TYR A 96 ? 0.2501 0.4214 0.2126 0.0323  -0.0403 -0.0642 96  TYR A CE1 
712 C  CE2 . TYR A 96 ? 0.2575 0.4258 0.2082 0.0305  -0.0533 -0.0608 96  TYR A CE2 
713 C  CZ  . TYR A 96 ? 0.2555 0.4273 0.2095 0.0275  -0.0447 -0.0547 96  TYR A CZ  
714 O  OH  . TYR A 96 ? 0.2478 0.4215 0.1973 0.0194  -0.0414 -0.0389 96  TYR A OH  
715 O  OXT . TYR A 96 ? 0.3139 0.4298 0.3097 0.0336  -0.0682 -0.0839 96  TYR A OXT 
716 S  S1  . GAK B .  ? 0.2745 0.2002 0.3483 -0.0155 -0.0386 -0.0421 101 GAK A S1  
717 GA GA2 . GAK B .  ? 0.2436 0.2044 0.3260 -0.0137 -0.0283 -0.0383 101 GAK A GA2 
718 S  S2  . GAK B .  ? 0.2455 0.2242 0.3455 -0.0195 -0.0347 -0.0460 101 GAK A S2  
719 GA GA1 . GAK B .  ? 0.2742 0.2181 0.3666 -0.0242 -0.0444 -0.0507 101 GAK A GA1 
# 
loop_
_pdbx_poly_seq_scheme.asym_id 
_pdbx_poly_seq_scheme.entity_id 
_pdbx_poly_seq_scheme.seq_id 
_pdbx_poly_seq_scheme.mon_id 
_pdbx_poly_seq_scheme.ndb_seq_num 
_pdbx_poly_seq_scheme.pdb_seq_num 
_pdbx_poly_seq_scheme.auth_seq_num 
_pdbx_poly_seq_scheme.pdb_mon_id 
_pdbx_poly_seq_scheme.auth_mon_id 
_pdbx_poly_seq_scheme.pdb_strand_id 
_pdbx_poly_seq_scheme.pdb_ins_code 
_pdbx_poly_seq_scheme.hetero 
A 1 1  ALA 1  1  1  ALA ALA A . n 
A 1 2  SER 2  2  2  SER SER A . n 
A 1 3  TYR 3  3  3  TYR TYR A . n 
A 1 4  THR 4  4  4  THR THR A . n 
A 1 5  VAL 5  5  5  VAL VAL A . n 
A 1 6  LYS 6  6  6  LYS LYS A . n 
A 1 7  LEU 7  7  7  LEU LEU A . n 
A 1 8  ILE 8  8  8  ILE ILE A . n 
A 1 9  THR 9  9  9  THR THR A . n 
A 1 10 PRO 10 10 10 PRO PRO A . n 
A 1 11 ASP 11 11 11 ASP ASP A . n 
A 1 12 GLY 12 12 12 GLY GLY A . n 
A 1 13 GLU 13 13 13 GLU GLU A . n 
A 1 14 SER 14 14 14 SER SER A . n 
A 1 15 SER 15 15 15 SER SER A . n 
A 1 16 ILE 16 16 16 ILE ILE A . n 
A 1 17 GLU 17 17 17 GLU GLU A . n 
A 1 18 CYS 18 18 18 CYS CYS A . n 
A 1 19 SER 19 19 19 SER SER A . n 
A 1 20 ASP 20 20 20 ASP ASP A . n 
A 1 21 ASP 21 21 21 ASP ASP A . n 
A 1 22 THR 22 22 22 THR THR A . n 
A 1 23 TYR 23 23 23 TYR TYR A . n 
A 1 24 ILE 24 24 24 ILE ILE A . n 
A 1 25 LEU 25 25 25 LEU LEU A . n 
A 1 26 ASP 26 26 26 ASP ASP A . n 
A 1 27 ALA 27 27 27 ALA ALA A . n 
A 1 28 ALA 28 28 28 ALA ALA A . n 
A 1 29 GLU 29 29 29 GLU GLU A . n 
A 1 30 GLU 30 30 30 GLU GLU A . n 
A 1 31 ALA 31 31 31 ALA ALA A . n 
A 1 32 GLY 32 32 32 GLY GLY A . n 
A 1 33 LEU 33 33 33 LEU LEU A . n 
A 1 34 ASP 34 34 34 ASP ASP A . n 
A 1 35 LEU 35 35 35 LEU LEU A . n 
A 1 36 PRO 36 36 36 PRO PRO A . n 
A 1 37 TYR 37 37 37 TYR TYR A . n 
A 1 38 SER 38 38 38 SER SER A . n 
A 1 39 CYS 39 39 39 CYS CYS A . n 
A 1 40 ARG 40 40 40 ARG ARG A . n 
A 1 41 ALA 41 41 41 ALA ALA A . n 
A 1 42 GLY 42 42 42 GLY GLY A . n 
A 1 43 ALA 43 43 43 ALA ALA A . n 
A 1 44 CYS 44 44 44 CYS CYS A . n 
A 1 45 SER 45 45 45 SER SER A . n 
A 1 46 THR 46 46 46 THR THR A . n 
A 1 47 CYS 47 47 47 CYS CYS A . n 
A 1 48 ALA 48 48 48 ALA ALA A . n 
A 1 49 GLY 49 49 49 GLY GLY A . n 
A 1 50 LYS 50 50 50 LYS LYS A . n 
A 1 51 ILE 51 51 51 ILE ILE A . n 
A 1 52 THR 52 52 52 THR THR A . n 
A 1 53 ALA 53 53 53 ALA ALA A . n 
A 1 54 GLY 54 54 54 GLY GLY A . n 
A 1 55 SER 55 55 55 SER SER A . n 
A 1 56 VAL 56 56 56 VAL VAL A . n 
A 1 57 ASP 57 57 57 ASP ASP A . n 
A 1 58 GLN 58 58 58 GLN GLN A . n 
A 1 59 SER 59 59 59 SER SER A . n 
A 1 60 ASP 60 60 60 ASP ASP A . n 
A 1 61 GLN 61 61 61 GLN GLN A . n 
A 1 62 SER 62 62 62 SER SER A . n 
A 1 63 PHE 63 63 63 PHE PHE A . n 
A 1 64 LEU 64 64 64 LEU LEU A . n 
A 1 65 ASP 65 65 65 ASP ASP A . n 
A 1 66 ASP 66 66 66 ASP ASP A . n 
A 1 67 ASP 67 67 67 ASP ASP A . n 
A 1 68 GLN 68 68 68 GLN GLN A . n 
A 1 69 ILE 69 69 69 ILE ILE A . n 
A 1 70 GLU 70 70 70 GLU GLU A . n 
A 1 71 ALA 71 71 71 ALA ALA A . n 
A 1 72 GLY 72 72 72 GLY GLY A . n 
A 1 73 TYR 73 73 73 TYR TYR A . n 
A 1 74 VAL 74 74 74 VAL VAL A . n 
A 1 75 LEU 75 75 75 LEU LEU A . n 
A 1 76 THR 76 76 76 THR THR A . n 
A 1 77 CYS 77 77 77 CYS CYS A . n 
A 1 78 VAL 78 78 78 VAL VAL A . n 
A 1 79 ALA 79 79 79 ALA ALA A . n 
A 1 80 TYR 80 80 80 TYR TYR A . n 
A 1 81 PRO 81 81 81 PRO PRO A . n 
A 1 82 THR 82 82 82 THR THR A . n 
A 1 83 SER 83 83 83 SER SER A . n 
A 1 84 ASP 84 84 84 ASP ASP A . n 
A 1 85 CYS 85 85 85 CYS CYS A . n 
A 1 86 THR 86 86 86 THR THR A . n 
A 1 87 ILE 87 87 87 ILE ILE A . n 
A 1 88 GLU 88 88 88 GLU GLU A . n 
A 1 89 THR 89 89 89 THR THR A . n 
A 1 90 HIS 90 90 90 HIS HIS A . n 
A 1 91 LYS 91 91 91 LYS LYS A . n 
A 1 92 GLU 92 92 92 GLU GLU A . n 
A 1 93 GLU 93 93 93 GLU GLU A . n 
A 1 94 ASP 94 94 94 ASP ASP A . n 
A 1 95 LEU 95 95 95 LEU LEU A . n 
A 1 96 TYR 96 96 96 TYR TYR A . n 
# 
loop_
_pdbx_nonpoly_scheme.asym_id 
_pdbx_nonpoly_scheme.entity_id 
_pdbx_nonpoly_scheme.mon_id 
_pdbx_nonpoly_scheme.ndb_seq_num 
_pdbx_nonpoly_scheme.pdb_seq_num 
_pdbx_nonpoly_scheme.auth_seq_num 
_pdbx_nonpoly_scheme.pdb_mon_id 
_pdbx_nonpoly_scheme.auth_mon_id 
_pdbx_nonpoly_scheme.pdb_strand_id 
_pdbx_nonpoly_scheme.pdb_ins_code 
B 2 GAK 1  101 100 GAK 999 A . 
C 3 SO4 1  102 1   SO4 SO4 A . 
D 3 SO4 1  103 2   SO4 SO4 A . 
E 4 BEN 1  104 501 BEN BEN A . 
F 4 BEN 1  105 502 BEN BEN A . 
G 4 BEN 1  106 503 BEN BEN A . 
H 4 BEN 1  107 504 BEN BEN A . 
I 4 BEN 1  108 505 BEN BEN A . 
J 4 BEN 1  109 506 BEN BEN A . 
K 5 HOH 1  201 29  HOH HOH A . 
K 5 HOH 2  202 30  HOH HOH A . 
K 5 HOH 3  203 34  HOH HOH A . 
K 5 HOH 4  204 19  HOH HOH A . 
K 5 HOH 5  205 24  HOH HOH A . 
K 5 HOH 6  206 21  HOH HOH A . 
K 5 HOH 7  207 22  HOH HOH A . 
K 5 HOH 8  208 15  HOH HOH A . 
K 5 HOH 9  209 33  HOH HOH A . 
K 5 HOH 10 210 20  HOH HOH A . 
K 5 HOH 11 211 28  HOH HOH A . 
K 5 HOH 12 212 7   HOH HOH A . 
K 5 HOH 13 213 31  HOH HOH A . 
K 5 HOH 14 214 18  HOH HOH A . 
K 5 HOH 15 215 9   HOH HOH A . 
K 5 HOH 16 216 16  HOH HOH A . 
K 5 HOH 17 217 1   HOH HOH A . 
K 5 HOH 18 218 5   HOH HOH A . 
K 5 HOH 19 219 4   HOH HOH A . 
K 5 HOH 20 220 27  HOH HOH A . 
K 5 HOH 21 221 25  HOH HOH A . 
K 5 HOH 22 222 3   HOH HOH A . 
K 5 HOH 23 223 13  HOH HOH A . 
K 5 HOH 24 224 6   HOH HOH A . 
K 5 HOH 25 225 35  HOH HOH A . 
K 5 HOH 26 226 26  HOH HOH A . 
K 5 HOH 27 227 2   HOH HOH A . 
K 5 HOH 28 228 8   HOH HOH A . 
K 5 HOH 29 229 14  HOH HOH A . 
K 5 HOH 30 230 12  HOH HOH A . 
K 5 HOH 31 231 10  HOH HOH A . 
K 5 HOH 32 232 11  HOH HOH A . 
K 5 HOH 33 233 32  HOH HOH A . 
K 5 HOH 34 234 23  HOH HOH A . 
K 5 HOH 35 235 17  HOH HOH A . 
K 5 HOH 36 236 36  HOH HOH A . 
# 
_pdbx_struct_assembly.id                   1 
_pdbx_struct_assembly.details              author_and_software_defined_assembly 
_pdbx_struct_assembly.method_details       PISA 
_pdbx_struct_assembly.oligomeric_details   monomeric 
_pdbx_struct_assembly.oligomeric_count     1 
# 
_pdbx_struct_assembly_gen.assembly_id       1 
_pdbx_struct_assembly_gen.oper_expression   1 
_pdbx_struct_assembly_gen.asym_id_list      A,B,C,D,E,F,G,H,I,J,K 
# 
loop_
_pdbx_struct_assembly_prop.biol_id 
_pdbx_struct_assembly_prop.type 
_pdbx_struct_assembly_prop.value 
_pdbx_struct_assembly_prop.details 
1 'ABSA (A^2)' 130  ? 
1 MORE         -9   ? 
1 'SSA (A^2)'  4950 ? 
# 
_pdbx_struct_oper_list.id                   1 
_pdbx_struct_oper_list.type                 'identity operation' 
_pdbx_struct_oper_list.name                 1_555 
_pdbx_struct_oper_list.symmetry_operation   x,y,z 
_pdbx_struct_oper_list.matrix[1][1]         1.0000000000 
_pdbx_struct_oper_list.matrix[1][2]         0.0000000000 
_pdbx_struct_oper_list.matrix[1][3]         0.0000000000 
_pdbx_struct_oper_list.vector[1]            0.0000000000 
_pdbx_struct_oper_list.matrix[2][1]         0.0000000000 
_pdbx_struct_oper_list.matrix[2][2]         1.0000000000 
_pdbx_struct_oper_list.matrix[2][3]         0.0000000000 
_pdbx_struct_oper_list.vector[2]            0.0000000000 
_pdbx_struct_oper_list.matrix[3][1]         0.0000000000 
_pdbx_struct_oper_list.matrix[3][2]         0.0000000000 
_pdbx_struct_oper_list.matrix[3][3]         1.0000000000 
_pdbx_struct_oper_list.vector[3]            0.0000000000 
# 
loop_
_pdbx_struct_conn_angle.id 
_pdbx_struct_conn_angle.ptnr1_label_atom_id 
_pdbx_struct_conn_angle.ptnr1_label_alt_id 
_pdbx_struct_conn_angle.ptnr1_label_asym_id 
_pdbx_struct_conn_angle.ptnr1_label_comp_id 
_pdbx_struct_conn_angle.ptnr1_label_seq_id 
_pdbx_struct_conn_angle.ptnr1_auth_atom_id 
_pdbx_struct_conn_angle.ptnr1_auth_asym_id 
_pdbx_struct_conn_angle.ptnr1_auth_comp_id 
_pdbx_struct_conn_angle.ptnr1_auth_seq_id 
_pdbx_struct_conn_angle.ptnr1_PDB_ins_code 
_pdbx_struct_conn_angle.ptnr1_symmetry 
_pdbx_struct_conn_angle.ptnr2_label_atom_id 
_pdbx_struct_conn_angle.ptnr2_label_alt_id 
_pdbx_struct_conn_angle.ptnr2_label_asym_id 
_pdbx_struct_conn_angle.ptnr2_label_comp_id 
_pdbx_struct_conn_angle.ptnr2_label_seq_id 
_pdbx_struct_conn_angle.ptnr2_auth_atom_id 
_pdbx_struct_conn_angle.ptnr2_auth_asym_id 
_pdbx_struct_conn_angle.ptnr2_auth_comp_id 
_pdbx_struct_conn_angle.ptnr2_auth_seq_id 
_pdbx_struct_conn_angle.ptnr2_PDB_ins_code 
_pdbx_struct_conn_angle.ptnr2_symmetry 
_pdbx_struct_conn_angle.ptnr3_label_atom_id 
_pdbx_struct_conn_angle.ptnr3_label_alt_id 
_pdbx_struct_conn_angle.ptnr3_label_asym_id 
_pdbx_struct_conn_angle.ptnr3_label_comp_id 
_pdbx_struct_conn_angle.ptnr3_label_seq_id 
_pdbx_struct_conn_angle.ptnr3_auth_atom_id 
_pdbx_struct_conn_angle.ptnr3_auth_asym_id 
_pdbx_struct_conn_angle.ptnr3_auth_comp_id 
_pdbx_struct_conn_angle.ptnr3_auth_seq_id 
_pdbx_struct_conn_angle.ptnr3_PDB_ins_code 
_pdbx_struct_conn_angle.ptnr3_symmetry 
_pdbx_struct_conn_angle.value 
_pdbx_struct_conn_angle.value_esd 
1  SG ? A CYS 39 ? A CYS 39  ? 1_555 GA1 ? B GAK . ? A GAK 101 ? 1_555 S2 ? B GAK .  ? A GAK 101 ? 1_555 101.1 ? 
2  SG ? A CYS 39 ? A CYS 39  ? 1_555 GA1 ? B GAK . ? A GAK 101 ? 1_555 S1 ? B GAK .  ? A GAK 101 ? 1_555 119.2 ? 
3  S2 ? B GAK .  ? A GAK 101 ? 1_555 GA1 ? B GAK . ? A GAK 101 ? 1_555 S1 ? B GAK .  ? A GAK 101 ? 1_555 97.3  ? 
4  SG ? A CYS 39 ? A CYS 39  ? 1_555 GA1 ? B GAK . ? A GAK 101 ? 1_555 SG ? A CYS 44 ? A CYS 44  ? 1_555 110.4 ? 
5  S2 ? B GAK .  ? A GAK 101 ? 1_555 GA1 ? B GAK . ? A GAK 101 ? 1_555 SG ? A CYS 44 ? A CYS 44  ? 1_555 124.0 ? 
6  S1 ? B GAK .  ? A GAK 101 ? 1_555 GA1 ? B GAK . ? A GAK 101 ? 1_555 SG ? A CYS 44 ? A CYS 44  ? 1_555 105.4 ? 
7  SG ? A CYS 47 ? A CYS 47  ? 1_555 GA2 ? B GAK . ? A GAK 101 ? 1_555 S2 ? B GAK .  ? A GAK 101 ? 1_555 115.8 ? 
8  SG ? A CYS 47 ? A CYS 47  ? 1_555 GA2 ? B GAK . ? A GAK 101 ? 1_555 S1 ? B GAK .  ? A GAK 101 ? 1_555 112.7 ? 
9  S2 ? B GAK .  ? A GAK 101 ? 1_555 GA2 ? B GAK . ? A GAK 101 ? 1_555 S1 ? B GAK .  ? A GAK 101 ? 1_555 98.0  ? 
10 SG ? A CYS 47 ? A CYS 47  ? 1_555 GA2 ? B GAK . ? A GAK 101 ? 1_555 SG ? A CYS 77 ? A CYS 77  ? 1_555 107.5 ? 
11 S2 ? B GAK .  ? A GAK 101 ? 1_555 GA2 ? B GAK . ? A GAK 101 ? 1_555 SG ? A CYS 77 ? A CYS 77  ? 1_555 103.2 ? 
12 S1 ? B GAK .  ? A GAK 101 ? 1_555 GA2 ? B GAK . ? A GAK 101 ? 1_555 SG ? A CYS 77 ? A CYS 77  ? 1_555 119.3 ? 
# 
loop_
_pdbx_audit_revision_history.ordinal 
_pdbx_audit_revision_history.data_content_type 
_pdbx_audit_revision_history.major_revision 
_pdbx_audit_revision_history.minor_revision 
_pdbx_audit_revision_history.revision_date 
1 'Structure model' 1 0 2015-09-23 
2 'Structure model' 1 1 2015-10-14 
3 'Structure model' 1 2 2020-02-19 
4 'Structure model' 1 3 2023-11-08 
# 
_pdbx_audit_revision_details.ordinal             1 
_pdbx_audit_revision_details.revision_ordinal    1 
_pdbx_audit_revision_details.data_content_type   'Structure model' 
_pdbx_audit_revision_details.provider            repository 
_pdbx_audit_revision_details.type                'Initial release' 
_pdbx_audit_revision_details.description         ? 
_pdbx_audit_revision_details.details             ? 
# 
loop_
_pdbx_audit_revision_group.ordinal 
_pdbx_audit_revision_group.revision_ordinal 
_pdbx_audit_revision_group.data_content_type 
_pdbx_audit_revision_group.group 
1 2 'Structure model' 'Database references'    
2 3 'Structure model' 'Data collection'        
3 3 'Structure model' 'Database references'    
4 3 'Structure model' 'Derived calculations'   
5 3 'Structure model' 'Source and taxonomy'    
6 3 'Structure model' 'Structure summary'      
7 4 'Structure model' 'Data collection'        
8 4 'Structure model' 'Database references'    
9 4 'Structure model' 'Refinement description' 
# 
loop_
_pdbx_audit_revision_category.ordinal 
_pdbx_audit_revision_category.revision_ordinal 
_pdbx_audit_revision_category.data_content_type 
_pdbx_audit_revision_category.category 
1  3 'Structure model' citation                      
2  3 'Structure model' diffrn_source                 
3  3 'Structure model' entity_src_gen                
4  3 'Structure model' pdbx_struct_assembly          
5  3 'Structure model' pdbx_struct_assembly_prop     
6  3 'Structure model' pdbx_struct_oper_list         
7  3 'Structure model' struct_keywords               
8  4 'Structure model' chem_comp_atom                
9  4 'Structure model' chem_comp_bond                
10 4 'Structure model' database_2                    
11 4 'Structure model' pdbx_initial_refinement_model 
# 
loop_
_pdbx_audit_revision_item.ordinal 
_pdbx_audit_revision_item.revision_ordinal 
_pdbx_audit_revision_item.data_content_type 
_pdbx_audit_revision_item.item 
1  3 'Structure model' '_citation.journal_id_CSD'                  
2  3 'Structure model' '_diffrn_source.pdbx_synchrotron_site'      
3  3 'Structure model' '_entity_src_gen.pdbx_alt_source_flag'      
4  3 'Structure model' '_pdbx_struct_assembly.oligomeric_details'  
5  3 'Structure model' '_pdbx_struct_assembly_prop.type'           
6  3 'Structure model' '_pdbx_struct_assembly_prop.value'          
7  3 'Structure model' '_pdbx_struct_oper_list.symmetry_operation' 
8  3 'Structure model' '_struct_keywords.text'                     
9  4 'Structure model' '_database_2.pdbx_DOI'                      
10 4 'Structure model' '_database_2.pdbx_database_accession'       
# 
_pdbx_refine_tls.id               1 
_pdbx_refine_tls.pdbx_refine_id   'X-RAY DIFFRACTION' 
_pdbx_refine_tls.details          ? 
_pdbx_refine_tls.method           refined 
_pdbx_refine_tls.origin_x         -0.1172 
_pdbx_refine_tls.origin_y         0.2074 
_pdbx_refine_tls.origin_z         0.5748 
_pdbx_refine_tls.T[1][1]          0.0158 
_pdbx_refine_tls.T[1][1]_esd      ? 
_pdbx_refine_tls.T[1][2]          0.0116 
_pdbx_refine_tls.T[1][2]_esd      ? 
_pdbx_refine_tls.T[1][3]          -0.0116 
_pdbx_refine_tls.T[1][3]_esd      ? 
_pdbx_refine_tls.T[2][2]          0.0188 
_pdbx_refine_tls.T[2][2]_esd      ? 
_pdbx_refine_tls.T[2][3]          -0.0297 
_pdbx_refine_tls.T[2][3]_esd      ? 
_pdbx_refine_tls.T[3][3]          0.0636 
_pdbx_refine_tls.T[3][3]_esd      ? 
_pdbx_refine_tls.L[1][1]          1.9033 
_pdbx_refine_tls.L[1][1]_esd      ? 
_pdbx_refine_tls.L[1][2]          -0.0374 
_pdbx_refine_tls.L[1][2]_esd      ? 
_pdbx_refine_tls.L[1][3]          0.6556 
_pdbx_refine_tls.L[1][3]_esd      ? 
_pdbx_refine_tls.L[2][2]          1.3129 
_pdbx_refine_tls.L[2][2]_esd      ? 
_pdbx_refine_tls.L[2][3]          0.1889 
_pdbx_refine_tls.L[2][3]_esd      ? 
_pdbx_refine_tls.L[3][3]          2.5258 
_pdbx_refine_tls.L[3][3]_esd      ? 
_pdbx_refine_tls.S[1][1]          -0.0501 
_pdbx_refine_tls.S[1][1]_esd      ? 
_pdbx_refine_tls.S[1][2]          -0.0659 
_pdbx_refine_tls.S[1][2]_esd      ? 
_pdbx_refine_tls.S[1][3]          0.1249 
_pdbx_refine_tls.S[1][3]_esd      ? 
_pdbx_refine_tls.S[2][1]          -0.0779 
_pdbx_refine_tls.S[2][1]_esd      ? 
_pdbx_refine_tls.S[2][2]          0.0067 
_pdbx_refine_tls.S[2][2]_esd      ? 
_pdbx_refine_tls.S[2][3]          -0.1343 
_pdbx_refine_tls.S[2][3]_esd      ? 
_pdbx_refine_tls.S[3][1]          -0.1222 
_pdbx_refine_tls.S[3][1]_esd      ? 
_pdbx_refine_tls.S[3][2]          -0.0690 
_pdbx_refine_tls.S[3][2]_esd      ? 
_pdbx_refine_tls.S[3][3]          0.0433 
_pdbx_refine_tls.S[3][3]_esd      ? 
# 
loop_
_pdbx_refine_tls_group.id 
_pdbx_refine_tls_group.pdbx_refine_id 
_pdbx_refine_tls_group.refine_tls_id 
_pdbx_refine_tls_group.beg_label_asym_id 
_pdbx_refine_tls_group.beg_label_seq_id 
_pdbx_refine_tls_group.beg_auth_asym_id 
_pdbx_refine_tls_group.beg_auth_seq_id 
_pdbx_refine_tls_group.end_label_asym_id 
_pdbx_refine_tls_group.end_label_seq_id 
_pdbx_refine_tls_group.end_auth_asym_id 
_pdbx_refine_tls_group.end_auth_seq_id 
_pdbx_refine_tls_group.selection 
_pdbx_refine_tls_group.selection_details 
1 'X-RAY DIFFRACTION' 1 ? ? A 1   ? ? A 96  ? ? 
2 'X-RAY DIFFRACTION' 1 ? ? A 101 ? ? A 101 ? ? 
# 
loop_
_software.citation_id 
_software.classification 
_software.compiler_name 
_software.compiler_version 
_software.contact_author 
_software.contact_author_email 
_software.date 
_software.description 
_software.dependencies 
_software.hardware 
_software.language 
_software.location 
_software.mods 
_software.name 
_software.os 
_software.os_version 
_software.type 
_software.version 
_software.pdbx_ordinal 
? refinement       ? ? ? ? ? ? ? ? ? ? ? REFMAC   ? ? ? 5.7.0032 1 
? 'data reduction' ? ? ? ? ? ? ? ? ? ? ? HKL-2000 ? ? ? .        2 
? phasing          ? ? ? ? ? ? ? ? ? ? ? MOLREP   ? ? ? .        3 
? 'model building' ? ? ? ? ? ? ? ? ? ? ? Coot     ? ? ? .        4 
# 
_pdbx_validate_rmsd_angle.id                         1 
_pdbx_validate_rmsd_angle.PDB_model_num              1 
_pdbx_validate_rmsd_angle.auth_atom_id_1             CB 
_pdbx_validate_rmsd_angle.auth_asym_id_1             A 
_pdbx_validate_rmsd_angle.auth_comp_id_1             ASP 
_pdbx_validate_rmsd_angle.auth_seq_id_1              94 
_pdbx_validate_rmsd_angle.PDB_ins_code_1             ? 
_pdbx_validate_rmsd_angle.label_alt_id_1             ? 
_pdbx_validate_rmsd_angle.auth_atom_id_2             CG 
_pdbx_validate_rmsd_angle.auth_asym_id_2             A 
_pdbx_validate_rmsd_angle.auth_comp_id_2             ASP 
_pdbx_validate_rmsd_angle.auth_seq_id_2              94 
_pdbx_validate_rmsd_angle.PDB_ins_code_2             ? 
_pdbx_validate_rmsd_angle.label_alt_id_2             ? 
_pdbx_validate_rmsd_angle.auth_atom_id_3             OD1 
_pdbx_validate_rmsd_angle.auth_asym_id_3             A 
_pdbx_validate_rmsd_angle.auth_comp_id_3             ASP 
_pdbx_validate_rmsd_angle.auth_seq_id_3              94 
_pdbx_validate_rmsd_angle.PDB_ins_code_3             ? 
_pdbx_validate_rmsd_angle.label_alt_id_3             ? 
_pdbx_validate_rmsd_angle.angle_value                125.69 
_pdbx_validate_rmsd_angle.angle_target_value         118.30 
_pdbx_validate_rmsd_angle.angle_deviation            7.39 
_pdbx_validate_rmsd_angle.angle_standard_deviation   0.90 
_pdbx_validate_rmsd_angle.linker_flag                N 
# 
loop_
_pdbx_validate_torsion.id 
_pdbx_validate_torsion.PDB_model_num 
_pdbx_validate_torsion.auth_comp_id 
_pdbx_validate_torsion.auth_asym_id 
_pdbx_validate_torsion.auth_seq_id 
_pdbx_validate_torsion.PDB_ins_code 
_pdbx_validate_torsion.label_alt_id 
_pdbx_validate_torsion.phi 
_pdbx_validate_torsion.psi 
1 1 ASP A 34 ? ? -118.05 76.94  
2 1 SER A 38 ? ? -137.71 -80.60 
3 1 SER A 62 ? ? -149.66 49.62  
4 1 PHE A 63 ? ? -130.96 -36.63 
# 
loop_
_pdbx_unobs_or_zero_occ_atoms.id 
_pdbx_unobs_or_zero_occ_atoms.PDB_model_num 
_pdbx_unobs_or_zero_occ_atoms.polymer_flag 
_pdbx_unobs_or_zero_occ_atoms.occupancy_flag 
_pdbx_unobs_or_zero_occ_atoms.auth_asym_id 
_pdbx_unobs_or_zero_occ_atoms.auth_comp_id 
_pdbx_unobs_or_zero_occ_atoms.auth_seq_id 
_pdbx_unobs_or_zero_occ_atoms.PDB_ins_code 
_pdbx_unobs_or_zero_occ_atoms.auth_atom_id 
_pdbx_unobs_or_zero_occ_atoms.label_alt_id 
_pdbx_unobs_or_zero_occ_atoms.label_asym_id 
_pdbx_unobs_or_zero_occ_atoms.label_comp_id 
_pdbx_unobs_or_zero_occ_atoms.label_seq_id 
_pdbx_unobs_or_zero_occ_atoms.label_atom_id 
1 1 Y 1 A GLU 17 ? CD  ? A GLU 17 CD  
2 1 Y 1 A GLU 17 ? OE1 ? A GLU 17 OE1 
3 1 Y 1 A GLU 17 ? OE2 ? A GLU 17 OE2 
4 1 Y 1 A GLU 70 ? CD  ? A GLU 70 CD  
5 1 Y 1 A GLU 70 ? OE1 ? A GLU 70 OE1 
6 1 Y 1 A GLU 70 ? OE2 ? A GLU 70 OE2 
# 
loop_
_chem_comp_atom.comp_id 
_chem_comp_atom.atom_id 
_chem_comp_atom.type_symbol 
_chem_comp_atom.pdbx_aromatic_flag 
_chem_comp_atom.pdbx_stereo_config 
_chem_comp_atom.pdbx_ordinal 
ALA N    N  N N 1   
ALA CA   C  N S 2   
ALA C    C  N N 3   
ALA O    O  N N 4   
ALA CB   C  N N 5   
ALA OXT  O  N N 6   
ALA H    H  N N 7   
ALA H2   H  N N 8   
ALA HA   H  N N 9   
ALA HB1  H  N N 10  
ALA HB2  H  N N 11  
ALA HB3  H  N N 12  
ALA HXT  H  N N 13  
ARG N    N  N N 14  
ARG CA   C  N S 15  
ARG C    C  N N 16  
ARG O    O  N N 17  
ARG CB   C  N N 18  
ARG CG   C  N N 19  
ARG CD   C  N N 20  
ARG NE   N  N N 21  
ARG CZ   C  N N 22  
ARG NH1  N  N N 23  
ARG NH2  N  N N 24  
ARG OXT  O  N N 25  
ARG H    H  N N 26  
ARG H2   H  N N 27  
ARG HA   H  N N 28  
ARG HB2  H  N N 29  
ARG HB3  H  N N 30  
ARG HG2  H  N N 31  
ARG HG3  H  N N 32  
ARG HD2  H  N N 33  
ARG HD3  H  N N 34  
ARG HE   H  N N 35  
ARG HH11 H  N N 36  
ARG HH12 H  N N 37  
ARG HH21 H  N N 38  
ARG HH22 H  N N 39  
ARG HXT  H  N N 40  
ASP N    N  N N 41  
ASP CA   C  N S 42  
ASP C    C  N N 43  
ASP O    O  N N 44  
ASP CB   C  N N 45  
ASP CG   C  N N 46  
ASP OD1  O  N N 47  
ASP OD2  O  N N 48  
ASP OXT  O  N N 49  
ASP H    H  N N 50  
ASP H2   H  N N 51  
ASP HA   H  N N 52  
ASP HB2  H  N N 53  
ASP HB3  H  N N 54  
ASP HD2  H  N N 55  
ASP HXT  H  N N 56  
BEN C1   C  Y N 57  
BEN C2   C  Y N 58  
BEN C3   C  Y N 59  
BEN C4   C  Y N 60  
BEN C5   C  Y N 61  
BEN C6   C  Y N 62  
BEN C    C  N N 63  
BEN N1   N  N N 64  
BEN N2   N  N N 65  
BEN H2   H  N N 66  
BEN H3   H  N N 67  
BEN H4   H  N N 68  
BEN H5   H  N N 69  
BEN H6   H  N N 70  
BEN HN1  H  N N 71  
BEN HN21 H  N N 72  
BEN HN22 H  N N 73  
CYS N    N  N N 74  
CYS CA   C  N R 75  
CYS C    C  N N 76  
CYS O    O  N N 77  
CYS CB   C  N N 78  
CYS SG   S  N N 79  
CYS OXT  O  N N 80  
CYS H    H  N N 81  
CYS H2   H  N N 82  
CYS HA   H  N N 83  
CYS HB2  H  N N 84  
CYS HB3  H  N N 85  
CYS HG   H  N N 86  
CYS HXT  H  N N 87  
GAK S1   S  N N 88  
GAK GA2  GA N N 89  
GAK S2   S  N N 90  
GAK GA1  GA N N 91  
GLN N    N  N N 92  
GLN CA   C  N S 93  
GLN C    C  N N 94  
GLN O    O  N N 95  
GLN CB   C  N N 96  
GLN CG   C  N N 97  
GLN CD   C  N N 98  
GLN OE1  O  N N 99  
GLN NE2  N  N N 100 
GLN OXT  O  N N 101 
GLN H    H  N N 102 
GLN H2   H  N N 103 
GLN HA   H  N N 104 
GLN HB2  H  N N 105 
GLN HB3  H  N N 106 
GLN HG2  H  N N 107 
GLN HG3  H  N N 108 
GLN HE21 H  N N 109 
GLN HE22 H  N N 110 
GLN HXT  H  N N 111 
GLU N    N  N N 112 
GLU CA   C  N S 113 
GLU C    C  N N 114 
GLU O    O  N N 115 
GLU CB   C  N N 116 
GLU CG   C  N N 117 
GLU CD   C  N N 118 
GLU OE1  O  N N 119 
GLU OE2  O  N N 120 
GLU OXT  O  N N 121 
GLU H    H  N N 122 
GLU H2   H  N N 123 
GLU HA   H  N N 124 
GLU HB2  H  N N 125 
GLU HB3  H  N N 126 
GLU HG2  H  N N 127 
GLU HG3  H  N N 128 
GLU HE2  H  N N 129 
GLU HXT  H  N N 130 
GLY N    N  N N 131 
GLY CA   C  N N 132 
GLY C    C  N N 133 
GLY O    O  N N 134 
GLY OXT  O  N N 135 
GLY H    H  N N 136 
GLY H2   H  N N 137 
GLY HA2  H  N N 138 
GLY HA3  H  N N 139 
GLY HXT  H  N N 140 
HIS N    N  N N 141 
HIS CA   C  N S 142 
HIS C    C  N N 143 
HIS O    O  N N 144 
HIS CB   C  N N 145 
HIS CG   C  Y N 146 
HIS ND1  N  Y N 147 
HIS CD2  C  Y N 148 
HIS CE1  C  Y N 149 
HIS NE2  N  Y N 150 
HIS OXT  O  N N 151 
HIS H    H  N N 152 
HIS H2   H  N N 153 
HIS HA   H  N N 154 
HIS HB2  H  N N 155 
HIS HB3  H  N N 156 
HIS HD1  H  N N 157 
HIS HD2  H  N N 158 
HIS HE1  H  N N 159 
HIS HE2  H  N N 160 
HIS HXT  H  N N 161 
HOH O    O  N N 162 
HOH H1   H  N N 163 
HOH H2   H  N N 164 
ILE N    N  N N 165 
ILE CA   C  N S 166 
ILE C    C  N N 167 
ILE O    O  N N 168 
ILE CB   C  N S 169 
ILE CG1  C  N N 170 
ILE CG2  C  N N 171 
ILE CD1  C  N N 172 
ILE OXT  O  N N 173 
ILE H    H  N N 174 
ILE H2   H  N N 175 
ILE HA   H  N N 176 
ILE HB   H  N N 177 
ILE HG12 H  N N 178 
ILE HG13 H  N N 179 
ILE HG21 H  N N 180 
ILE HG22 H  N N 181 
ILE HG23 H  N N 182 
ILE HD11 H  N N 183 
ILE HD12 H  N N 184 
ILE HD13 H  N N 185 
ILE HXT  H  N N 186 
LEU N    N  N N 187 
LEU CA   C  N S 188 
LEU C    C  N N 189 
LEU O    O  N N 190 
LEU CB   C  N N 191 
LEU CG   C  N N 192 
LEU CD1  C  N N 193 
LEU CD2  C  N N 194 
LEU OXT  O  N N 195 
LEU H    H  N N 196 
LEU H2   H  N N 197 
LEU HA   H  N N 198 
LEU HB2  H  N N 199 
LEU HB3  H  N N 200 
LEU HG   H  N N 201 
LEU HD11 H  N N 202 
LEU HD12 H  N N 203 
LEU HD13 H  N N 204 
LEU HD21 H  N N 205 
LEU HD22 H  N N 206 
LEU HD23 H  N N 207 
LEU HXT  H  N N 208 
LYS N    N  N N 209 
LYS CA   C  N S 210 
LYS C    C  N N 211 
LYS O    O  N N 212 
LYS CB   C  N N 213 
LYS CG   C  N N 214 
LYS CD   C  N N 215 
LYS CE   C  N N 216 
LYS NZ   N  N N 217 
LYS OXT  O  N N 218 
LYS H    H  N N 219 
LYS H2   H  N N 220 
LYS HA   H  N N 221 
LYS HB2  H  N N 222 
LYS HB3  H  N N 223 
LYS HG2  H  N N 224 
LYS HG3  H  N N 225 
LYS HD2  H  N N 226 
LYS HD3  H  N N 227 
LYS HE2  H  N N 228 
LYS HE3  H  N N 229 
LYS HZ1  H  N N 230 
LYS HZ2  H  N N 231 
LYS HZ3  H  N N 232 
LYS HXT  H  N N 233 
PHE N    N  N N 234 
PHE CA   C  N S 235 
PHE C    C  N N 236 
PHE O    O  N N 237 
PHE CB   C  N N 238 
PHE CG   C  Y N 239 
PHE CD1  C  Y N 240 
PHE CD2  C  Y N 241 
PHE CE1  C  Y N 242 
PHE CE2  C  Y N 243 
PHE CZ   C  Y N 244 
PHE OXT  O  N N 245 
PHE H    H  N N 246 
PHE H2   H  N N 247 
PHE HA   H  N N 248 
PHE HB2  H  N N 249 
PHE HB3  H  N N 250 
PHE HD1  H  N N 251 
PHE HD2  H  N N 252 
PHE HE1  H  N N 253 
PHE HE2  H  N N 254 
PHE HZ   H  N N 255 
PHE HXT  H  N N 256 
PRO N    N  N N 257 
PRO CA   C  N S 258 
PRO C    C  N N 259 
PRO O    O  N N 260 
PRO CB   C  N N 261 
PRO CG   C  N N 262 
PRO CD   C  N N 263 
PRO OXT  O  N N 264 
PRO H    H  N N 265 
PRO HA   H  N N 266 
PRO HB2  H  N N 267 
PRO HB3  H  N N 268 
PRO HG2  H  N N 269 
PRO HG3  H  N N 270 
PRO HD2  H  N N 271 
PRO HD3  H  N N 272 
PRO HXT  H  N N 273 
SER N    N  N N 274 
SER CA   C  N S 275 
SER C    C  N N 276 
SER O    O  N N 277 
SER CB   C  N N 278 
SER OG   O  N N 279 
SER OXT  O  N N 280 
SER H    H  N N 281 
SER H2   H  N N 282 
SER HA   H  N N 283 
SER HB2  H  N N 284 
SER HB3  H  N N 285 
SER HG   H  N N 286 
SER HXT  H  N N 287 
SO4 S    S  N N 288 
SO4 O1   O  N N 289 
SO4 O2   O  N N 290 
SO4 O3   O  N N 291 
SO4 O4   O  N N 292 
THR N    N  N N 293 
THR CA   C  N S 294 
THR C    C  N N 295 
THR O    O  N N 296 
THR CB   C  N R 297 
THR OG1  O  N N 298 
THR CG2  C  N N 299 
THR OXT  O  N N 300 
THR H    H  N N 301 
THR H2   H  N N 302 
THR HA   H  N N 303 
THR HB   H  N N 304 
THR HG1  H  N N 305 
THR HG21 H  N N 306 
THR HG22 H  N N 307 
THR HG23 H  N N 308 
THR HXT  H  N N 309 
TYR N    N  N N 310 
TYR CA   C  N S 311 
TYR C    C  N N 312 
TYR O    O  N N 313 
TYR CB   C  N N 314 
TYR CG   C  Y N 315 
TYR CD1  C  Y N 316 
TYR CD2  C  Y N 317 
TYR CE1  C  Y N 318 
TYR CE2  C  Y N 319 
TYR CZ   C  Y N 320 
TYR OH   O  N N 321 
TYR OXT  O  N N 322 
TYR H    H  N N 323 
TYR H2   H  N N 324 
TYR HA   H  N N 325 
TYR HB2  H  N N 326 
TYR HB3  H  N N 327 
TYR HD1  H  N N 328 
TYR HD2  H  N N 329 
TYR HE1  H  N N 330 
TYR HE2  H  N N 331 
TYR HH   H  N N 332 
TYR HXT  H  N N 333 
VAL N    N  N N 334 
VAL CA   C  N S 335 
VAL C    C  N N 336 
VAL O    O  N N 337 
VAL CB   C  N N 338 
VAL CG1  C  N N 339 
VAL CG2  C  N N 340 
VAL OXT  O  N N 341 
VAL H    H  N N 342 
VAL H2   H  N N 343 
VAL HA   H  N N 344 
VAL HB   H  N N 345 
VAL HG11 H  N N 346 
VAL HG12 H  N N 347 
VAL HG13 H  N N 348 
VAL HG21 H  N N 349 
VAL HG22 H  N N 350 
VAL HG23 H  N N 351 
VAL HXT  H  N N 352 
# 
loop_
_chem_comp_bond.comp_id 
_chem_comp_bond.atom_id_1 
_chem_comp_bond.atom_id_2 
_chem_comp_bond.value_order 
_chem_comp_bond.pdbx_aromatic_flag 
_chem_comp_bond.pdbx_stereo_config 
_chem_comp_bond.pdbx_ordinal 
ALA N   CA   sing N N 1   
ALA N   H    sing N N 2   
ALA N   H2   sing N N 3   
ALA CA  C    sing N N 4   
ALA CA  CB   sing N N 5   
ALA CA  HA   sing N N 6   
ALA C   O    doub N N 7   
ALA C   OXT  sing N N 8   
ALA CB  HB1  sing N N 9   
ALA CB  HB2  sing N N 10  
ALA CB  HB3  sing N N 11  
ALA OXT HXT  sing N N 12  
ARG N   CA   sing N N 13  
ARG N   H    sing N N 14  
ARG N   H2   sing N N 15  
ARG CA  C    sing N N 16  
ARG CA  CB   sing N N 17  
ARG CA  HA   sing N N 18  
ARG C   O    doub N N 19  
ARG C   OXT  sing N N 20  
ARG CB  CG   sing N N 21  
ARG CB  HB2  sing N N 22  
ARG CB  HB3  sing N N 23  
ARG CG  CD   sing N N 24  
ARG CG  HG2  sing N N 25  
ARG CG  HG3  sing N N 26  
ARG CD  NE   sing N N 27  
ARG CD  HD2  sing N N 28  
ARG CD  HD3  sing N N 29  
ARG NE  CZ   sing N N 30  
ARG NE  HE   sing N N 31  
ARG CZ  NH1  sing N N 32  
ARG CZ  NH2  doub N N 33  
ARG NH1 HH11 sing N N 34  
ARG NH1 HH12 sing N N 35  
ARG NH2 HH21 sing N N 36  
ARG NH2 HH22 sing N N 37  
ARG OXT HXT  sing N N 38  
ASP N   CA   sing N N 39  
ASP N   H    sing N N 40  
ASP N   H2   sing N N 41  
ASP CA  C    sing N N 42  
ASP CA  CB   sing N N 43  
ASP CA  HA   sing N N 44  
ASP C   O    doub N N 45  
ASP C   OXT  sing N N 46  
ASP CB  CG   sing N N 47  
ASP CB  HB2  sing N N 48  
ASP CB  HB3  sing N N 49  
ASP CG  OD1  doub N N 50  
ASP CG  OD2  sing N N 51  
ASP OD2 HD2  sing N N 52  
ASP OXT HXT  sing N N 53  
BEN C1  C2   doub Y N 54  
BEN C1  C6   sing Y N 55  
BEN C1  C    sing N N 56  
BEN C2  C3   sing Y N 57  
BEN C2  H2   sing N N 58  
BEN C3  C4   doub Y N 59  
BEN C3  H3   sing N N 60  
BEN C4  C5   sing Y N 61  
BEN C4  H4   sing N N 62  
BEN C5  C6   doub Y N 63  
BEN C5  H5   sing N N 64  
BEN C6  H6   sing N N 65  
BEN C   N1   doub N E 66  
BEN C   N2   sing N N 67  
BEN N1  HN1  sing N N 68  
BEN N2  HN21 sing N N 69  
BEN N2  HN22 sing N N 70  
CYS N   CA   sing N N 71  
CYS N   H    sing N N 72  
CYS N   H2   sing N N 73  
CYS CA  C    sing N N 74  
CYS CA  CB   sing N N 75  
CYS CA  HA   sing N N 76  
CYS C   O    doub N N 77  
CYS C   OXT  sing N N 78  
CYS CB  SG   sing N N 79  
CYS CB  HB2  sing N N 80  
CYS CB  HB3  sing N N 81  
CYS SG  HG   sing N N 82  
CYS OXT HXT  sing N N 83  
GAK GA2 S2   sing N N 84  
GAK GA2 S1   sing N N 85  
GAK S2  GA1  sing N N 86  
GAK S1  GA1  sing N N 87  
GLN N   CA   sing N N 88  
GLN N   H    sing N N 89  
GLN N   H2   sing N N 90  
GLN CA  C    sing N N 91  
GLN CA  CB   sing N N 92  
GLN CA  HA   sing N N 93  
GLN C   O    doub N N 94  
GLN C   OXT  sing N N 95  
GLN CB  CG   sing N N 96  
GLN CB  HB2  sing N N 97  
GLN CB  HB3  sing N N 98  
GLN CG  CD   sing N N 99  
GLN CG  HG2  sing N N 100 
GLN CG  HG3  sing N N 101 
GLN CD  OE1  doub N N 102 
GLN CD  NE2  sing N N 103 
GLN NE2 HE21 sing N N 104 
GLN NE2 HE22 sing N N 105 
GLN OXT HXT  sing N N 106 
GLU N   CA   sing N N 107 
GLU N   H    sing N N 108 
GLU N   H2   sing N N 109 
GLU CA  C    sing N N 110 
GLU CA  CB   sing N N 111 
GLU CA  HA   sing N N 112 
GLU C   O    doub N N 113 
GLU C   OXT  sing N N 114 
GLU CB  CG   sing N N 115 
GLU CB  HB2  sing N N 116 
GLU CB  HB3  sing N N 117 
GLU CG  CD   sing N N 118 
GLU CG  HG2  sing N N 119 
GLU CG  HG3  sing N N 120 
GLU CD  OE1  doub N N 121 
GLU CD  OE2  sing N N 122 
GLU OE2 HE2  sing N N 123 
GLU OXT HXT  sing N N 124 
GLY N   CA   sing N N 125 
GLY N   H    sing N N 126 
GLY N   H2   sing N N 127 
GLY CA  C    sing N N 128 
GLY CA  HA2  sing N N 129 
GLY CA  HA3  sing N N 130 
GLY C   O    doub N N 131 
GLY C   OXT  sing N N 132 
GLY OXT HXT  sing N N 133 
HIS N   CA   sing N N 134 
HIS N   H    sing N N 135 
HIS N   H2   sing N N 136 
HIS CA  C    sing N N 137 
HIS CA  CB   sing N N 138 
HIS CA  HA   sing N N 139 
HIS C   O    doub N N 140 
HIS C   OXT  sing N N 141 
HIS CB  CG   sing N N 142 
HIS CB  HB2  sing N N 143 
HIS CB  HB3  sing N N 144 
HIS CG  ND1  sing Y N 145 
HIS CG  CD2  doub Y N 146 
HIS ND1 CE1  doub Y N 147 
HIS ND1 HD1  sing N N 148 
HIS CD2 NE2  sing Y N 149 
HIS CD2 HD2  sing N N 150 
HIS CE1 NE2  sing Y N 151 
HIS CE1 HE1  sing N N 152 
HIS NE2 HE2  sing N N 153 
HIS OXT HXT  sing N N 154 
HOH O   H1   sing N N 155 
HOH O   H2   sing N N 156 
ILE N   CA   sing N N 157 
ILE N   H    sing N N 158 
ILE N   H2   sing N N 159 
ILE CA  C    sing N N 160 
ILE CA  CB   sing N N 161 
ILE CA  HA   sing N N 162 
ILE C   O    doub N N 163 
ILE C   OXT  sing N N 164 
ILE CB  CG1  sing N N 165 
ILE CB  CG2  sing N N 166 
ILE CB  HB   sing N N 167 
ILE CG1 CD1  sing N N 168 
ILE CG1 HG12 sing N N 169 
ILE CG1 HG13 sing N N 170 
ILE CG2 HG21 sing N N 171 
ILE CG2 HG22 sing N N 172 
ILE CG2 HG23 sing N N 173 
ILE CD1 HD11 sing N N 174 
ILE CD1 HD12 sing N N 175 
ILE CD1 HD13 sing N N 176 
ILE OXT HXT  sing N N 177 
LEU N   CA   sing N N 178 
LEU N   H    sing N N 179 
LEU N   H2   sing N N 180 
LEU CA  C    sing N N 181 
LEU CA  CB   sing N N 182 
LEU CA  HA   sing N N 183 
LEU C   O    doub N N 184 
LEU C   OXT  sing N N 185 
LEU CB  CG   sing N N 186 
LEU CB  HB2  sing N N 187 
LEU CB  HB3  sing N N 188 
LEU CG  CD1  sing N N 189 
LEU CG  CD2  sing N N 190 
LEU CG  HG   sing N N 191 
LEU CD1 HD11 sing N N 192 
LEU CD1 HD12 sing N N 193 
LEU CD1 HD13 sing N N 194 
LEU CD2 HD21 sing N N 195 
LEU CD2 HD22 sing N N 196 
LEU CD2 HD23 sing N N 197 
LEU OXT HXT  sing N N 198 
LYS N   CA   sing N N 199 
LYS N   H    sing N N 200 
LYS N   H2   sing N N 201 
LYS CA  C    sing N N 202 
LYS CA  CB   sing N N 203 
LYS CA  HA   sing N N 204 
LYS C   O    doub N N 205 
LYS C   OXT  sing N N 206 
LYS CB  CG   sing N N 207 
LYS CB  HB2  sing N N 208 
LYS CB  HB3  sing N N 209 
LYS CG  CD   sing N N 210 
LYS CG  HG2  sing N N 211 
LYS CG  HG3  sing N N 212 
LYS CD  CE   sing N N 213 
LYS CD  HD2  sing N N 214 
LYS CD  HD3  sing N N 215 
LYS CE  NZ   sing N N 216 
LYS CE  HE2  sing N N 217 
LYS CE  HE3  sing N N 218 
LYS NZ  HZ1  sing N N 219 
LYS NZ  HZ2  sing N N 220 
LYS NZ  HZ3  sing N N 221 
LYS OXT HXT  sing N N 222 
PHE N   CA   sing N N 223 
PHE N   H    sing N N 224 
PHE N   H2   sing N N 225 
PHE CA  C    sing N N 226 
PHE CA  CB   sing N N 227 
PHE CA  HA   sing N N 228 
PHE C   O    doub N N 229 
PHE C   OXT  sing N N 230 
PHE CB  CG   sing N N 231 
PHE CB  HB2  sing N N 232 
PHE CB  HB3  sing N N 233 
PHE CG  CD1  doub Y N 234 
PHE CG  CD2  sing Y N 235 
PHE CD1 CE1  sing Y N 236 
PHE CD1 HD1  sing N N 237 
PHE CD2 CE2  doub Y N 238 
PHE CD2 HD2  sing N N 239 
PHE CE1 CZ   doub Y N 240 
PHE CE1 HE1  sing N N 241 
PHE CE2 CZ   sing Y N 242 
PHE CE2 HE2  sing N N 243 
PHE CZ  HZ   sing N N 244 
PHE OXT HXT  sing N N 245 
PRO N   CA   sing N N 246 
PRO N   CD   sing N N 247 
PRO N   H    sing N N 248 
PRO CA  C    sing N N 249 
PRO CA  CB   sing N N 250 
PRO CA  HA   sing N N 251 
PRO C   O    doub N N 252 
PRO C   OXT  sing N N 253 
PRO CB  CG   sing N N 254 
PRO CB  HB2  sing N N 255 
PRO CB  HB3  sing N N 256 
PRO CG  CD   sing N N 257 
PRO CG  HG2  sing N N 258 
PRO CG  HG3  sing N N 259 
PRO CD  HD2  sing N N 260 
PRO CD  HD3  sing N N 261 
PRO OXT HXT  sing N N 262 
SER N   CA   sing N N 263 
SER N   H    sing N N 264 
SER N   H2   sing N N 265 
SER CA  C    sing N N 266 
SER CA  CB   sing N N 267 
SER CA  HA   sing N N 268 
SER C   O    doub N N 269 
SER C   OXT  sing N N 270 
SER CB  OG   sing N N 271 
SER CB  HB2  sing N N 272 
SER CB  HB3  sing N N 273 
SER OG  HG   sing N N 274 
SER OXT HXT  sing N N 275 
SO4 S   O1   doub N N 276 
SO4 S   O2   doub N N 277 
SO4 S   O3   sing N N 278 
SO4 S   O4   sing N N 279 
THR N   CA   sing N N 280 
THR N   H    sing N N 281 
THR N   H2   sing N N 282 
THR CA  C    sing N N 283 
THR CA  CB   sing N N 284 
THR CA  HA   sing N N 285 
THR C   O    doub N N 286 
THR C   OXT  sing N N 287 
THR CB  OG1  sing N N 288 
THR CB  CG2  sing N N 289 
THR CB  HB   sing N N 290 
THR OG1 HG1  sing N N 291 
THR CG2 HG21 sing N N 292 
THR CG2 HG22 sing N N 293 
THR CG2 HG23 sing N N 294 
THR OXT HXT  sing N N 295 
TYR N   CA   sing N N 296 
TYR N   H    sing N N 297 
TYR N   H2   sing N N 298 
TYR CA  C    sing N N 299 
TYR CA  CB   sing N N 300 
TYR CA  HA   sing N N 301 
TYR C   O    doub N N 302 
TYR C   OXT  sing N N 303 
TYR CB  CG   sing N N 304 
TYR CB  HB2  sing N N 305 
TYR CB  HB3  sing N N 306 
TYR CG  CD1  doub Y N 307 
TYR CG  CD2  sing Y N 308 
TYR CD1 CE1  sing Y N 309 
TYR CD1 HD1  sing N N 310 
TYR CD2 CE2  doub Y N 311 
TYR CD2 HD2  sing N N 312 
TYR CE1 CZ   doub Y N 313 
TYR CE1 HE1  sing N N 314 
TYR CE2 CZ   sing Y N 315 
TYR CE2 HE2  sing N N 316 
TYR CZ  OH   sing N N 317 
TYR OH  HH   sing N N 318 
TYR OXT HXT  sing N N 319 
VAL N   CA   sing N N 320 
VAL N   H    sing N N 321 
VAL N   H2   sing N N 322 
VAL CA  C    sing N N 323 
VAL CA  CB   sing N N 324 
VAL CA  HA   sing N N 325 
VAL C   O    doub N N 326 
VAL C   OXT  sing N N 327 
VAL CB  CG1  sing N N 328 
VAL CB  CG2  sing N N 329 
VAL CB  HB   sing N N 330 
VAL CG1 HG11 sing N N 331 
VAL CG1 HG12 sing N N 332 
VAL CG1 HG13 sing N N 333 
VAL CG2 HG21 sing N N 334 
VAL CG2 HG22 sing N N 335 
VAL CG2 HG23 sing N N 336 
VAL OXT HXT  sing N N 337 
# 
_pdbx_audit_support.funding_organization   'Cabinet office of Japan' 
_pdbx_audit_support.country                Japan 
_pdbx_audit_support.grant_number           GS016 
_pdbx_audit_support.ordinal                1 
# 
loop_
_pdbx_entity_nonpoly.entity_id 
_pdbx_entity_nonpoly.name 
_pdbx_entity_nonpoly.comp_id 
2 '[2Ga-2S] cluster' GAK 
3 'SULFATE ION'      SO4 
4 BENZAMIDINE        BEN 
5 water              HOH 
# 
_pdbx_initial_refinement_model.id               1 
_pdbx_initial_refinement_model.entity_id_list   ? 
_pdbx_initial_refinement_model.type             'experimental model' 
_pdbx_initial_refinement_model.source_name      PDB 
_pdbx_initial_refinement_model.accession_code   1OFF 
_pdbx_initial_refinement_model.details          ? 
# 
